data_5JNX
#
_entry.id   5JNX
#
loop_
_entity.id
_entity.type
_entity.pdbx_description
1 polymer 'Niemann-Pick C1 protein'
2 polymer 'Envelope glycoprotein'
3 polymer 'Envelope glycoprotein'
4 branched 2-acetamido-2-deoxy-beta-D-glucopyranose-(1-4)-2-acetamido-2-deoxy-beta-D-glucopyranose
5 branched beta-D-mannopyranose-(1-4)-2-acetamido-2-deoxy-beta-D-glucopyranose-(1-4)-2-acetamido-2-deoxy-beta-D-glucopyranose
6 branched alpha-D-mannopyranose-(1-6)-beta-D-mannopyranose-(1-4)-2-acetamido-2-deoxy-beta-D-glucopyranose-(1-4)-2-acetamido-2-deoxy-beta-D-glucopyranose
7 non-polymer 2-acetamido-2-deoxy-beta-D-glucopyranose
#
loop_
_entity_poly.entity_id
_entity_poly.type
_entity_poly.pdbx_seq_one_letter_code
_entity_poly.pdbx_strand_id
1 'polypeptide(L)'
;MTARGLALGLLLLLLCPAQVFSQSCVWYGECGIAYGDKRYNCEYSGPPKPLPKDGYDLVQELCPGFFFGNVSLCCDVRQL
QTLKDNLQLPLQFLSRCPSCFYNLLNLFCELTCSPRQSQFLNVTATEDYVDPVTNQTKTNVKELQYYVGQSFANAMYNAC
RDVEAPSSNDKALGLLCGKDADACNATNWIEYMFNKDNGQAPFTITPVFSDFPVHGMEPMNNATKGCDESVDEVTAPCSC
QDCSIVCGPKPQPPPPPAPWTILGLDAMYVIMWITYMAFLLVFFGAFFAVWCYRKRYFVSEYTPIDSNIAFSVNASDKGE
ASCCDPVSAAFEGCLRRLFTRWGSFCVRNPGCVIFFSLVFITACSSGLVFVRVTTNPVDLWSAPSSQARLEKEYFDQHFG
PFFRTEQLIIRAPLTDKHIYQPYPSGADVPFGPPLDIQILHQVLDLQIAIENITASYDNETVTLQDICLAPLSPYNTNCT
ILSVLNYFQNSHSVLDHKKGDDFFVYADYHTHFLYCVRAPASLNDTSLLHDPCLGTFGGPVFPWLVLGGYDDQNYNNATA
LVITFPVNNYYNDTEKLQRAQAWEKEFINFVKNYKNPNLTISFTAERSIEDELNRESDSDVFTVVISYAIMFLYISLALG
HMKSCRRLLVDSKVSLGIAGILIVLSSVACSLGVFSYIGLPLTLIVIEVIPFLVLAVGVDNIFILVQAYQRDERLQGETL
DQQLGRVLGEVAPSMFLSSFSETVAFFLGALSVMPAVHTFSLFAGLAVFIDFLLQITCFVSLLGLDIKRQEKNRLDIFCC
VRGAEDGTSVQASESCLFRFFKNSYSPLLLKDWMRPIVIAIFVGVLSFSIAVLNKVDIGLDQSLSMPDDSYMVDYFKSIS
QYLHAGPPVYFVLEEGHDYTSSKGQNMVCGGMGCNNDSLVQQIFNAAQLDNYTRIGFAPSSWIDDYFDWVKPQSSCCRVD
NITDQFCNASVVDPACVRCRPLTPEGKQRPQGGDFMRFLPMFLSDNPNPKCGKGGHAAYSSAVNILLGHGTRVGATYFMT
YHTVLQTSADFIDALKKARLIASNVTETMGINGSAYRVFPYSVFYVFYEQYLTIIDDTIFNLGVSLGAIFLVTMVLLGCE
LWSAVIMCATIAMVLVNMFGVMWLWGISLNAVSLVNLVMSCGISVEFCSHITRAFTVSMKGSRVERAEEALAHMGSSVFS
GITLTKFGGIVVLAFAKSQIFQIFYFRMYLAMVLLGATHGLIFLPVLLSYIGPSVNKAKSCATEERYKGTERERLLNF
;
A
2 'polypeptide(L)'
;RSIPLGVIHNSVLQVSDVDKLVCRDKLSSTNQLRSVGLNLEGNGVATDVPSATKRWGFRSGVPPKVVNYEAGEWAENCYN
LEIKKPDGSECLPAAPDGIRGFPRCRYVHKVSGTGPCAGDFAFHKEGAFFLYDRLASTVIYRGTTFAEGVVAFLILPQ
;
C,E,G
3 'polypeptide(L)'
;PKCNPNLHYWTTQDEGAAIGLAWIPYFGPAAEGIYTEGLMHNQDGLICGLRQLANETTQALQLFLRATTELRTFSILNRK
AIDFLLQRWGGTCHILGPDCCIEPHDWTKNITDKIDQIIHDFVDHHHHHH
;
D,F,H
#
loop_
_chem_comp.id
_chem_comp.type
_chem_comp.name
_chem_comp.formula
BMA D-saccharide, beta linking beta-D-mannopyranose 'C6 H12 O6'
MAN D-saccharide, alpha linking alpha-D-mannopyranose 'C6 H12 O6'
NAG D-saccharide, beta linking 2-acetamido-2-deoxy-beta-D-glucopyranose 'C8 H15 N O6'
#
# COMPACT_ATOMS: atom_id res chain seq x y z
N GLN A 23 -32.98 42.60 -25.79
CA GLN A 23 -32.40 41.87 -24.63
C GLN A 23 -33.28 41.98 -23.41
N SER A 24 -33.50 40.84 -22.74
CA SER A 24 -34.36 40.82 -21.57
C SER A 24 -33.89 39.80 -20.54
N CYS A 25 -34.10 40.17 -19.28
CA CYS A 25 -33.79 39.36 -18.11
C CYS A 25 -34.99 38.52 -17.68
N VAL A 26 -34.73 37.55 -16.80
CA VAL A 26 -35.77 36.86 -16.05
C VAL A 26 -35.66 37.13 -14.56
N TRP A 27 -34.49 37.55 -14.12
CA TRP A 27 -34.29 37.95 -12.72
C TRP A 27 -33.35 39.12 -12.55
N TYR A 28 -33.31 39.69 -11.34
CA TYR A 28 -32.31 40.70 -11.02
C TYR A 28 -32.25 40.90 -9.50
N GLY A 29 -31.11 40.62 -8.89
CA GLY A 29 -30.95 40.78 -7.46
C GLY A 29 -31.47 39.59 -6.67
N GLU A 30 -31.13 39.56 -5.38
CA GLU A 30 -31.58 38.49 -4.48
C GLU A 30 -32.80 38.87 -3.66
N CYS A 31 -33.66 37.89 -3.44
CA CYS A 31 -34.88 38.06 -2.67
C CYS A 31 -34.85 37.19 -1.39
N GLY A 32 -35.82 36.30 -1.20
CA GLY A 32 -35.98 35.60 0.08
C GLY A 32 -35.11 34.38 0.26
N ILE A 33 -35.04 33.88 1.50
CA ILE A 33 -34.34 32.63 1.78
C ILE A 33 -35.08 31.43 1.21
N ALA A 34 -34.31 30.56 0.57
CA ALA A 34 -34.81 29.28 0.13
C ALA A 34 -34.69 28.24 1.26
N TYR A 35 -33.45 27.97 1.65
CA TYR A 35 -33.14 27.11 2.82
C TYR A 35 -31.70 27.44 3.25
N GLY A 36 -31.33 27.03 4.46
CA GLY A 36 -30.01 27.37 5.01
C GLY A 36 -29.69 28.84 4.81
N ASP A 37 -28.51 29.10 4.25
CA ASP A 37 -28.10 30.50 3.95
C ASP A 37 -28.36 30.89 2.50
N LYS A 38 -29.30 30.19 1.88
CA LYS A 38 -29.44 30.24 0.43
C LYS A 38 -30.66 31.04 0.01
N ARG A 39 -30.50 31.79 -1.09
CA ARG A 39 -31.51 32.75 -1.51
C ARG A 39 -32.08 32.42 -2.90
N TYR A 40 -33.35 32.75 -3.05
CA TYR A 40 -33.91 32.90 -4.38
C TYR A 40 -33.54 34.27 -4.93
N ASN A 41 -33.53 34.37 -6.25
CA ASN A 41 -33.41 35.66 -6.93
C ASN A 41 -34.77 36.31 -7.19
N CYS A 42 -34.78 37.63 -7.34
CA CYS A 42 -36.04 38.36 -7.56
C CYS A 42 -36.42 38.30 -9.03
N GLU A 43 -37.67 37.98 -9.31
CA GLU A 43 -38.16 38.01 -10.67
C GLU A 43 -38.08 39.43 -11.25
N TYR A 44 -37.61 39.52 -12.50
CA TYR A 44 -37.47 40.79 -13.21
C TYR A 44 -37.41 40.52 -14.70
N SER A 45 -38.28 41.19 -15.46
CA SER A 45 -38.37 40.90 -16.89
C SER A 45 -38.01 42.10 -17.79
N GLY A 46 -37.35 43.10 -17.21
CA GLY A 46 -36.85 44.24 -17.97
C GLY A 46 -35.52 43.99 -18.64
N PRO A 47 -34.95 45.03 -19.24
CA PRO A 47 -33.65 44.97 -19.89
C PRO A 47 -32.52 44.84 -18.86
N PRO A 48 -31.33 44.37 -19.30
CA PRO A 48 -30.20 44.28 -18.39
C PRO A 48 -29.78 45.68 -17.93
N LYS A 49 -29.11 45.74 -16.80
CA LYS A 49 -28.73 47.00 -16.19
C LYS A 49 -27.22 47.13 -16.07
N PRO A 50 -26.65 48.32 -16.34
CA PRO A 50 -25.22 48.48 -16.21
C PRO A 50 -24.80 48.16 -14.78
N LEU A 51 -23.79 47.32 -14.65
CA LEU A 51 -23.31 46.92 -13.33
C LEU A 51 -22.59 48.08 -12.66
N PRO A 52 -22.87 48.32 -11.36
CA PRO A 52 -22.12 49.34 -10.65
C PRO A 52 -20.62 49.04 -10.65
N LYS A 53 -19.82 50.09 -10.62
CA LYS A 53 -18.37 49.95 -10.65
C LYS A 53 -17.84 49.12 -9.50
N ASP A 54 -18.56 49.13 -8.37
CA ASP A 54 -18.14 48.33 -7.22
C ASP A 54 -18.22 46.82 -7.44
N GLY A 55 -18.83 46.39 -8.54
CA GLY A 55 -18.84 44.96 -8.93
C GLY A 55 -17.84 44.61 -10.03
N TYR A 56 -17.05 45.59 -10.49
CA TYR A 56 -16.16 45.34 -11.62
C TYR A 56 -15.08 44.30 -11.30
N ASP A 57 -14.52 44.32 -10.08
CA ASP A 57 -13.58 43.26 -9.68
C ASP A 57 -14.18 41.86 -9.77
N LEU A 58 -15.40 41.71 -9.26
CA LEU A 58 -16.08 40.41 -9.28
C LEU A 58 -16.33 39.97 -10.71
N VAL A 59 -16.82 40.88 -11.56
CA VAL A 59 -17.15 40.46 -12.91
C VAL A 59 -15.90 40.13 -13.71
N GLN A 60 -14.83 40.88 -13.50
CA GLN A 60 -13.55 40.60 -14.14
C GLN A 60 -13.04 39.23 -13.75
N GLU A 61 -13.27 38.85 -12.49
CA GLU A 61 -12.74 37.62 -11.91
C GLU A 61 -13.53 36.39 -12.36
N LEU A 62 -14.85 36.55 -12.41
CA LEU A 62 -15.77 35.43 -12.58
C LEU A 62 -16.22 35.24 -14.02
N CYS A 63 -16.51 36.36 -14.67
CA CYS A 63 -17.19 36.35 -15.99
C CYS A 63 -16.60 37.44 -16.87
N PRO A 64 -15.26 37.37 -17.13
CA PRO A 64 -14.60 38.43 -17.89
C PRO A 64 -15.13 38.62 -19.31
N GLY A 65 -15.82 37.59 -19.83
CA GLY A 65 -16.46 37.70 -21.14
C GLY A 65 -17.53 38.78 -21.21
N PHE A 66 -18.12 39.08 -20.05
CA PHE A 66 -19.15 40.12 -19.97
C PHE A 66 -18.59 41.50 -19.69
N PHE A 67 -17.28 41.57 -19.45
CA PHE A 67 -16.68 42.80 -18.94
C PHE A 67 -16.24 43.76 -20.05
N PHE A 68 -17.24 44.39 -20.66
CA PHE A 68 -17.00 45.34 -21.75
C PHE A 68 -18.18 46.31 -21.87
N GLY A 69 -17.97 47.45 -22.53
CA GLY A 69 -19.03 48.43 -22.72
C GLY A 69 -19.61 48.91 -21.42
N ASN A 70 -20.94 48.98 -21.33
CA ASN A 70 -21.61 49.41 -20.12
C ASN A 70 -21.82 48.28 -19.12
N VAL A 71 -21.24 47.11 -19.41
CA VAL A 71 -21.34 45.93 -18.54
C VAL A 71 -22.80 45.77 -18.10
N SER A 72 -23.71 45.75 -19.08
CA SER A 72 -25.14 45.64 -18.82
C SER A 72 -25.47 44.17 -18.63
N LEU A 73 -25.91 43.85 -17.44
CA LEU A 73 -26.11 42.45 -17.05
C LEU A 73 -27.46 42.21 -16.40
N CYS A 74 -27.87 40.95 -16.35
CA CYS A 74 -29.07 40.56 -15.61
C CYS A 74 -28.74 40.08 -14.19
N CYS A 75 -27.62 40.52 -13.66
CA CYS A 75 -27.27 40.25 -12.27
C CYS A 75 -26.74 41.51 -11.61
N ASP A 76 -26.88 41.56 -10.28
CA ASP A 76 -26.29 42.64 -9.50
C ASP A 76 -25.02 42.18 -8.75
N VAL A 77 -24.44 43.08 -7.98
CA VAL A 77 -23.21 42.74 -7.27
C VAL A 77 -23.45 41.63 -6.26
N ARG A 78 -24.58 41.67 -5.56
CA ARG A 78 -24.89 40.62 -4.60
C ARG A 78 -24.85 39.20 -5.22
N GLN A 79 -25.46 39.06 -6.40
CA GLN A 79 -25.47 37.78 -7.10
C GLN A 79 -24.07 37.33 -7.47
N LEU A 80 -23.23 38.26 -7.91
CA LEU A 80 -21.84 37.90 -8.26
C LEU A 80 -21.07 37.43 -7.02
N GLN A 81 -21.26 38.14 -5.91
CA GLN A 81 -20.64 37.74 -4.65
C GLN A 81 -21.11 36.33 -4.26
N THR A 82 -22.40 36.08 -4.42
CA THR A 82 -22.95 34.77 -4.10
C THR A 82 -22.35 33.71 -5.02
N LEU A 83 -22.25 34.03 -6.33
CA LEU A 83 -21.59 33.10 -7.24
C LEU A 83 -20.14 32.80 -6.76
N LYS A 84 -19.36 33.83 -6.45
CA LYS A 84 -17.98 33.59 -5.96
C LYS A 84 -17.93 32.69 -4.75
N ASP A 85 -18.84 32.95 -3.80
CA ASP A 85 -18.84 32.25 -2.53
C ASP A 85 -19.17 30.78 -2.76
N ASN A 86 -19.98 30.51 -3.76
CA ASN A 86 -20.39 29.13 -4.07
C ASN A 86 -19.39 28.36 -4.91
N LEU A 87 -18.28 28.99 -5.27
CA LEU A 87 -17.32 28.32 -6.16
C LEU A 87 -16.42 27.36 -5.43
N GLN A 88 -16.50 27.34 -4.11
CA GLN A 88 -15.55 26.59 -3.32
C GLN A 88 -15.52 25.10 -3.68
N LEU A 89 -16.68 24.46 -3.83
CA LEU A 89 -16.64 23.00 -4.04
C LEU A 89 -16.23 22.63 -5.46
N PRO A 90 -16.74 23.34 -6.47
CA PRO A 90 -16.12 23.06 -7.78
C PRO A 90 -14.62 23.29 -7.81
N LEU A 91 -14.15 24.34 -7.14
CA LEU A 91 -12.73 24.61 -7.09
C LEU A 91 -12.04 23.47 -6.34
N GLN A 92 -12.70 22.97 -5.29
CA GLN A 92 -12.13 21.90 -4.44
C GLN A 92 -11.64 20.76 -5.32
N PHE A 93 -12.41 20.44 -6.35
CA PHE A 93 -12.12 19.24 -7.12
C PHE A 93 -11.57 19.49 -8.53
N LEU A 94 -11.80 20.69 -9.08
CA LEU A 94 -11.47 20.96 -10.47
C LEU A 94 -10.39 22.03 -10.67
N SER A 95 -9.89 22.60 -9.58
CA SER A 95 -9.02 23.78 -9.69
C SER A 95 -7.77 23.54 -10.50
N ARG A 96 -7.26 22.30 -10.43
CA ARG A 96 -6.01 21.95 -11.09
C ARG A 96 -6.10 22.01 -12.61
N CYS A 97 -7.31 21.90 -13.14
CA CYS A 97 -7.49 21.90 -14.62
C CYS A 97 -8.29 23.14 -15.04
N PRO A 98 -7.59 24.24 -15.33
CA PRO A 98 -8.31 25.50 -15.56
C PRO A 98 -9.34 25.47 -16.68
N SER A 99 -9.07 24.76 -17.78
CA SER A 99 -10.06 24.70 -18.87
C SER A 99 -11.36 24.05 -18.42
N CYS A 100 -11.25 22.96 -17.67
CA CYS A 100 -12.42 22.27 -17.11
C CYS A 100 -13.24 23.24 -16.24
N PHE A 101 -12.57 23.93 -15.33
CA PHE A 101 -13.26 24.86 -14.44
C PHE A 101 -13.86 26.04 -15.20
N TYR A 102 -13.16 26.52 -16.22
CA TYR A 102 -13.61 27.66 -17.06
C TYR A 102 -14.99 27.46 -17.70
N ASN A 103 -15.18 26.32 -18.35
CA ASN A 103 -16.49 26.07 -19.01
C ASN A 103 -17.57 25.98 -17.96
N LEU A 104 -17.26 25.37 -16.81
CA LEU A 104 -18.25 25.29 -15.73
C LEU A 104 -18.63 26.68 -15.26
N LEU A 105 -17.61 27.52 -15.01
CA LEU A 105 -17.86 28.88 -14.59
C LEU A 105 -18.74 29.60 -15.62
N ASN A 106 -18.50 29.37 -16.91
CA ASN A 106 -19.29 30.03 -17.95
C ASN A 106 -20.76 29.59 -17.95
N LEU A 107 -21.01 28.30 -17.67
CA LEU A 107 -22.37 27.82 -17.51
C LEU A 107 -23.09 28.63 -16.43
N PHE A 108 -22.39 28.86 -15.32
CA PHE A 108 -23.00 29.62 -14.23
C PHE A 108 -23.08 31.12 -14.49
N CYS A 109 -22.06 31.67 -15.14
CA CYS A 109 -22.04 33.11 -15.53
C CYS A 109 -23.22 33.43 -16.45
N GLU A 110 -23.47 32.57 -17.42
CA GLU A 110 -24.55 32.81 -18.38
C GLU A 110 -25.90 32.78 -17.69
N LEU A 111 -26.09 31.78 -16.85
CA LEU A 111 -27.32 31.68 -16.05
C LEU A 111 -27.52 32.90 -15.15
N THR A 112 -26.43 33.31 -14.48
CA THR A 112 -26.55 34.33 -13.46
C THR A 112 -26.74 35.73 -14.07
N CYS A 113 -25.99 36.01 -15.13
CA CYS A 113 -25.79 37.39 -15.59
C CYS A 113 -26.09 37.72 -17.03
N SER A 114 -26.28 36.73 -17.91
CA SER A 114 -26.37 37.06 -19.34
C SER A 114 -27.43 38.13 -19.64
N PRO A 115 -27.06 39.13 -20.45
CA PRO A 115 -28.07 40.11 -20.85
C PRO A 115 -29.08 39.53 -21.82
N ARG A 116 -28.89 38.29 -22.26
CA ARG A 116 -29.91 37.65 -23.10
C ARG A 116 -30.55 36.45 -22.44
N GLN A 117 -30.60 36.48 -21.11
CA GLN A 117 -31.24 35.39 -20.31
C GLN A 117 -32.53 34.87 -20.86
N SER A 118 -33.40 35.78 -21.27
CA SER A 118 -34.77 35.43 -21.70
C SER A 118 -34.76 34.50 -22.92
N GLN A 119 -33.66 34.46 -23.66
CA GLN A 119 -33.54 33.52 -24.80
C GLN A 119 -33.42 32.07 -24.37
N PHE A 120 -32.83 31.85 -23.20
CA PHE A 120 -32.52 30.48 -22.77
C PHE A 120 -32.98 30.10 -21.35
N LEU A 121 -33.69 31.00 -20.68
CA LEU A 121 -34.23 30.71 -19.36
C LEU A 121 -35.72 30.99 -19.36
N ASN A 122 -36.48 30.12 -18.69
CA ASN A 122 -37.92 30.29 -18.58
C ASN A 122 -38.41 29.99 -17.17
N VAL A 123 -38.84 31.04 -16.46
CA VAL A 123 -39.27 30.87 -15.07
C VAL A 123 -40.45 29.91 -15.02
N THR A 124 -40.41 28.94 -14.10
CA THR A 124 -41.46 27.93 -14.05
C THR A 124 -42.20 27.90 -12.73
N ALA A 125 -41.66 28.55 -11.71
CA ALA A 125 -42.35 28.64 -10.43
C ALA A 125 -41.91 29.85 -9.67
N THR A 126 -42.86 30.47 -8.97
CA THR A 126 -42.57 31.66 -8.20
C THR A 126 -43.31 31.64 -6.86
N GLU A 127 -42.90 32.52 -5.97
CA GLU A 127 -43.71 32.81 -4.77
C GLU A 127 -43.42 34.22 -4.25
N ASP A 128 -44.38 34.80 -3.54
CA ASP A 128 -44.24 36.19 -3.09
C ASP A 128 -43.04 36.40 -2.17
N TYR A 129 -42.39 37.56 -2.32
CA TYR A 129 -41.39 38.03 -1.36
C TYR A 129 -41.91 39.33 -0.79
N VAL A 130 -41.91 39.43 0.53
CA VAL A 130 -42.36 40.64 1.19
C VAL A 130 -41.19 41.26 1.94
N ASP A 131 -40.95 42.54 1.65
CA ASP A 131 -39.93 43.30 2.36
C ASP A 131 -40.48 43.52 3.76
N PRO A 132 -39.78 43.01 4.78
CA PRO A 132 -40.20 43.13 6.20
C PRO A 132 -40.44 44.56 6.69
N VAL A 133 -39.69 45.54 6.18
CA VAL A 133 -39.85 46.93 6.64
C VAL A 133 -40.92 47.71 5.88
N THR A 134 -40.96 47.56 4.56
CA THR A 134 -41.86 48.36 3.74
C THR A 134 -43.16 47.64 3.38
N ASN A 135 -43.16 46.32 3.55
CA ASN A 135 -44.26 45.44 3.10
C ASN A 135 -44.52 45.47 1.59
N GLN A 136 -43.56 46.00 0.83
CA GLN A 136 -43.62 45.93 -0.64
C GLN A 136 -43.31 44.50 -1.08
N THR A 137 -44.15 44.00 -1.97
CA THR A 137 -44.04 42.64 -2.48
C THR A 137 -43.13 42.59 -3.71
N LYS A 138 -42.22 41.62 -3.71
CA LYS A 138 -41.49 41.22 -4.90
C LYS A 138 -41.76 39.73 -5.08
N THR A 139 -41.05 39.11 -6.00
CA THR A 139 -41.37 37.74 -6.37
C THR A 139 -40.09 36.91 -6.40
N ASN A 140 -40.06 35.85 -5.59
CA ASN A 140 -38.98 34.84 -5.70
C ASN A 140 -39.14 34.00 -6.94
N VAL A 141 -38.04 33.86 -7.66
CA VAL A 141 -37.95 32.84 -8.70
C VAL A 141 -37.64 31.51 -8.01
N LYS A 142 -38.67 30.66 -7.91
CA LYS A 142 -38.54 29.39 -7.18
C LYS A 142 -37.91 28.28 -8.01
N GLU A 143 -38.22 28.27 -9.30
CA GLU A 143 -37.62 27.28 -10.21
C GLU A 143 -37.63 27.86 -11.61
N LEU A 144 -36.66 27.45 -12.42
CA LEU A 144 -36.67 27.83 -13.82
C LEU A 144 -36.05 26.77 -14.67
N GLN A 145 -36.30 26.87 -15.96
CA GLN A 145 -35.79 25.88 -16.90
C GLN A 145 -34.67 26.55 -17.69
N TYR A 146 -33.55 25.85 -17.91
CA TYR A 146 -32.37 26.43 -18.55
C TYR A 146 -32.05 25.61 -19.79
N TYR A 147 -32.13 26.29 -20.94
CA TYR A 147 -31.88 25.64 -22.25
C TYR A 147 -30.40 25.71 -22.51
N VAL A 148 -29.73 24.54 -22.39
CA VAL A 148 -28.27 24.44 -22.46
C VAL A 148 -27.93 23.74 -23.76
N GLY A 149 -26.97 24.29 -24.50
CA GLY A 149 -26.51 23.63 -25.73
C GLY A 149 -26.08 22.20 -25.45
N GLN A 150 -26.46 21.29 -26.35
CA GLN A 150 -25.99 19.91 -26.26
C GLN A 150 -24.47 19.87 -26.41
N SER A 151 -23.96 20.61 -27.40
CA SER A 151 -22.53 20.69 -27.64
C SER A 151 -21.83 21.32 -26.45
N PHE A 152 -22.45 22.35 -25.88
CA PHE A 152 -21.84 22.97 -24.71
C PHE A 152 -21.70 21.96 -23.57
N ALA A 153 -22.80 21.26 -23.28
CA ALA A 153 -22.78 20.31 -22.16
C ALA A 153 -21.74 19.22 -22.37
N ASN A 154 -21.68 18.68 -23.60
CA ASN A 154 -20.77 17.61 -23.90
C ASN A 154 -19.32 18.08 -23.80
N ALA A 155 -19.06 19.31 -24.27
CA ALA A 155 -17.68 19.84 -24.20
C ALA A 155 -17.27 20.14 -22.75
N MET A 156 -18.22 20.63 -21.96
CA MET A 156 -17.93 20.86 -20.55
C MET A 156 -17.55 19.57 -19.85
N TYR A 157 -18.29 18.50 -20.13
CA TYR A 157 -18.00 17.18 -19.56
C TYR A 157 -16.65 16.67 -20.08
N ASN A 158 -16.49 16.74 -21.40
CA ASN A 158 -15.26 16.31 -22.06
C ASN A 158 -14.01 16.96 -21.46
N ALA A 159 -14.08 18.24 -21.13
CA ALA A 159 -12.91 18.95 -20.58
C ALA A 159 -12.62 18.55 -19.15
N CYS A 160 -13.61 17.97 -18.45
CA CYS A 160 -13.47 17.63 -17.01
C CYS A 160 -13.38 16.15 -16.69
N ARG A 161 -13.71 15.29 -17.65
CA ARG A 161 -13.92 13.88 -17.35
C ARG A 161 -12.66 13.11 -16.94
N ASP A 162 -11.47 13.66 -17.23
CA ASP A 162 -10.24 12.97 -16.87
C ASP A 162 -9.58 13.58 -15.64
N VAL A 163 -10.14 14.65 -15.12
CA VAL A 163 -9.54 15.35 -13.98
C VAL A 163 -9.54 14.41 -12.78
N GLU A 164 -8.38 14.27 -12.14
CA GLU A 164 -8.24 13.41 -10.98
C GLU A 164 -8.32 14.21 -9.68
N ALA A 165 -9.16 13.75 -8.76
CA ALA A 165 -9.33 14.43 -7.48
C ALA A 165 -7.98 14.75 -6.84
N PRO A 166 -7.95 15.88 -6.02
CA PRO A 166 -6.63 16.15 -5.43
C PRO A 166 -6.09 14.92 -4.68
N SER A 167 -5.21 14.17 -5.33
CA SER A 167 -4.62 12.99 -4.72
C SER A 167 -5.66 11.88 -4.55
N SER A 168 -5.88 11.11 -5.61
CA SER A 168 -6.84 10.02 -5.58
C SER A 168 -7.05 9.42 -6.96
N ASN A 169 -6.93 8.10 -7.06
CA ASN A 169 -7.10 7.40 -8.33
C ASN A 169 -8.54 7.47 -8.83
N ASP A 170 -9.33 8.34 -8.23
CA ASP A 170 -10.72 8.51 -8.62
C ASP A 170 -10.94 9.81 -9.38
N LYS A 171 -11.83 9.78 -10.37
CA LYS A 171 -12.13 10.95 -11.18
C LYS A 171 -12.88 12.00 -10.37
N ALA A 172 -12.42 13.25 -10.45
CA ALA A 172 -13.04 14.36 -9.73
C ALA A 172 -14.54 14.41 -9.92
N LEU A 173 -15.01 14.01 -11.10
CA LEU A 173 -16.47 14.04 -11.32
C LEU A 173 -17.25 13.16 -10.35
N GLY A 174 -16.62 12.07 -9.85
CA GLY A 174 -17.25 11.22 -8.84
C GLY A 174 -17.62 11.96 -7.56
N LEU A 175 -17.09 13.17 -7.39
CA LEU A 175 -17.37 13.95 -6.18
C LEU A 175 -18.29 15.12 -6.41
N LEU A 176 -18.57 15.41 -7.68
CA LEU A 176 -19.43 16.52 -8.04
C LEU A 176 -20.70 16.11 -8.78
N CYS A 177 -20.99 14.82 -8.83
CA CYS A 177 -22.03 14.30 -9.73
C CYS A 177 -23.13 13.55 -8.98
N GLY A 178 -22.96 13.37 -7.66
CA GLY A 178 -23.97 12.65 -6.85
C GLY A 178 -24.05 11.17 -7.18
N LYS A 179 -23.01 10.66 -7.82
CA LYS A 179 -22.92 9.26 -8.24
C LYS A 179 -21.46 9.02 -8.55
N ASP A 180 -21.06 7.77 -8.71
CA ASP A 180 -19.68 7.50 -9.08
C ASP A 180 -19.35 7.97 -10.49
N ALA A 181 -18.07 8.15 -10.77
CA ALA A 181 -17.64 8.69 -12.05
C ALA A 181 -18.07 7.78 -13.22
N ASP A 182 -18.14 6.46 -12.98
CA ASP A 182 -18.55 5.54 -14.06
C ASP A 182 -20.04 5.65 -14.43
N ALA A 183 -20.80 6.38 -13.61
CA ALA A 183 -22.22 6.61 -13.88
C ALA A 183 -22.48 8.06 -14.30
N CYS A 184 -21.51 8.92 -14.06
CA CYS A 184 -21.64 10.35 -14.41
C CYS A 184 -21.57 10.56 -15.93
N ASN A 185 -22.53 11.30 -16.44
CA ASN A 185 -22.55 11.70 -17.84
C ASN A 185 -22.69 13.20 -17.93
N ALA A 186 -22.59 13.76 -19.13
CA ALA A 186 -22.69 15.23 -19.29
C ALA A 186 -23.97 15.81 -18.75
N THR A 187 -25.11 15.22 -19.14
CA THR A 187 -26.38 15.83 -18.82
C THR A 187 -26.80 15.51 -17.39
N ASN A 188 -26.45 14.32 -16.89
CA ASN A 188 -26.82 14.01 -15.50
C ASN A 188 -25.93 14.76 -14.49
N TRP A 189 -24.75 15.16 -14.94
CA TRP A 189 -23.86 15.98 -14.10
C TRP A 189 -24.49 17.35 -13.88
N ILE A 190 -24.88 17.99 -14.98
CA ILE A 190 -25.51 19.30 -14.92
C ILE A 190 -26.85 19.21 -14.17
N GLU A 191 -27.63 18.16 -14.47
CA GLU A 191 -28.89 17.94 -13.77
C GLU A 191 -28.68 17.87 -12.25
N TYR A 192 -27.65 17.14 -11.82
CA TYR A 192 -27.36 17.00 -10.39
C TYR A 192 -26.95 18.33 -9.74
N MET A 193 -26.03 19.05 -10.38
CA MET A 193 -25.52 20.28 -9.82
C MET A 193 -26.64 21.28 -9.65
N PHE A 194 -27.60 21.23 -10.56
CA PHE A 194 -28.69 22.21 -10.56
C PHE A 194 -29.88 21.80 -9.68
N ASN A 195 -29.78 20.66 -9.00
CA ASN A 195 -30.89 20.21 -8.16
C ASN A 195 -30.69 20.64 -6.71
N LYS A 196 -31.65 21.37 -6.17
CA LYS A 196 -31.53 21.89 -4.80
C LYS A 196 -31.35 20.77 -3.78
N ASP A 197 -31.73 19.56 -4.16
CA ASP A 197 -31.63 18.41 -3.27
C ASP A 197 -30.18 18.15 -2.87
N ASN A 198 -29.25 18.67 -3.66
CA ASN A 198 -27.81 18.47 -3.37
C ASN A 198 -27.29 19.27 -2.19
N GLY A 199 -28.11 20.18 -1.67
CA GLY A 199 -27.77 20.93 -0.46
C GLY A 199 -26.86 22.12 -0.72
N GLN A 200 -26.50 22.32 -1.98
CA GLN A 200 -25.67 23.46 -2.40
C GLN A 200 -26.42 24.44 -3.32
N ALA A 201 -27.07 23.91 -4.33
CA ALA A 201 -27.86 24.77 -5.21
C ALA A 201 -28.99 25.41 -4.39
N PRO A 202 -29.16 26.74 -4.45
CA PRO A 202 -30.17 27.36 -3.60
C PRO A 202 -31.60 27.05 -4.04
N PHE A 203 -31.76 26.72 -5.32
CA PHE A 203 -33.08 26.43 -5.88
C PHE A 203 -32.82 25.59 -7.12
N THR A 204 -33.86 24.88 -7.55
CA THR A 204 -33.67 23.96 -8.68
C THR A 204 -33.78 24.64 -10.04
N ILE A 205 -32.85 24.27 -10.92
CA ILE A 205 -32.86 24.71 -12.31
C ILE A 205 -33.00 23.42 -13.09
N THR A 206 -34.02 23.33 -13.95
CA THR A 206 -34.25 22.09 -14.73
C THR A 206 -33.62 22.30 -16.12
N PRO A 207 -32.56 21.53 -16.47
CA PRO A 207 -31.90 21.76 -17.77
C PRO A 207 -32.59 21.02 -18.91
N VAL A 208 -32.60 21.66 -20.06
CA VAL A 208 -33.07 21.06 -21.33
C VAL A 208 -31.89 21.17 -22.28
N PHE A 209 -31.47 20.06 -22.90
CA PHE A 209 -30.25 20.08 -23.72
C PHE A 209 -30.59 19.96 -25.18
N SER A 210 -30.14 20.93 -25.97
CA SER A 210 -30.46 20.98 -27.39
C SER A 210 -29.48 21.87 -28.11
N ASP A 211 -29.05 21.42 -29.29
CA ASP A 211 -28.23 22.27 -30.18
C ASP A 211 -29.13 23.06 -31.12
N PHE A 212 -30.44 22.88 -30.97
CA PHE A 212 -31.47 23.42 -31.85
C PHE A 212 -32.39 24.29 -31.02
N PRO A 213 -32.96 25.37 -31.61
CA PRO A 213 -34.00 26.10 -30.86
C PRO A 213 -35.17 25.21 -30.45
N VAL A 214 -35.82 25.59 -29.36
CA VAL A 214 -36.90 24.79 -28.82
C VAL A 214 -38.03 25.75 -28.55
N HIS A 215 -39.08 25.69 -29.38
CA HIS A 215 -40.23 26.58 -29.21
C HIS A 215 -39.78 28.02 -29.07
N GLY A 216 -38.84 28.42 -29.91
CA GLY A 216 -38.38 29.81 -29.88
C GLY A 216 -37.27 30.12 -28.91
N MET A 217 -36.98 29.20 -27.98
CA MET A 217 -35.84 29.38 -27.09
C MET A 217 -34.52 29.03 -27.80
N GLU A 218 -33.50 29.84 -27.60
CA GLU A 218 -32.21 29.64 -28.25
C GLU A 218 -31.22 29.18 -27.19
N PRO A 219 -30.88 27.87 -27.20
CA PRO A 219 -30.05 27.37 -26.10
C PRO A 219 -28.71 28.09 -25.97
N MET A 220 -28.21 28.16 -24.73
CA MET A 220 -26.92 28.73 -24.44
C MET A 220 -25.84 27.81 -25.02
N ASN A 221 -25.12 28.28 -26.03
CA ASN A 221 -24.12 27.41 -26.68
C ASN A 221 -22.77 28.15 -26.83
N ASN A 222 -22.30 28.73 -25.73
CA ASN A 222 -21.07 29.47 -25.73
C ASN A 222 -19.90 28.60 -26.15
N ALA A 223 -18.90 29.22 -26.76
CA ALA A 223 -17.64 28.56 -27.05
C ALA A 223 -17.03 27.99 -25.77
N THR A 224 -16.34 26.86 -25.94
CA THR A 224 -15.70 26.17 -24.83
C THR A 224 -14.22 25.90 -25.11
N LYS A 225 -13.48 25.65 -24.04
CA LYS A 225 -12.06 25.31 -24.12
C LYS A 225 -11.85 23.86 -23.72
N GLY A 226 -11.07 23.12 -24.50
CA GLY A 226 -10.76 21.75 -24.10
C GLY A 226 -9.66 21.77 -23.06
N CYS A 227 -9.45 20.64 -22.38
CA CYS A 227 -8.42 20.58 -21.35
C CYS A 227 -7.01 20.65 -21.94
N ASP A 228 -6.91 20.48 -23.25
CA ASP A 228 -5.62 20.62 -23.94
C ASP A 228 -5.31 22.06 -24.39
N GLU A 229 -6.24 22.98 -24.13
CA GLU A 229 -6.08 24.37 -24.52
C GLU A 229 -5.83 25.27 -23.32
N SER A 230 -5.11 26.36 -23.57
CA SER A 230 -4.93 27.41 -22.56
C SER A 230 -6.21 28.22 -22.45
N VAL A 231 -6.61 28.57 -21.22
CA VAL A 231 -7.77 29.46 -21.05
C VAL A 231 -7.40 30.87 -21.53
N ASP A 232 -6.19 31.31 -21.21
CA ASP A 232 -5.70 32.61 -21.65
C ASP A 232 -4.18 32.62 -21.64
N GLU A 233 -3.59 33.79 -21.86
CA GLU A 233 -2.15 33.95 -22.02
C GLU A 233 -1.34 33.56 -20.78
N VAL A 234 -1.98 33.62 -19.62
CA VAL A 234 -1.31 33.35 -18.34
C VAL A 234 -1.79 32.06 -17.67
N THR A 235 -2.57 31.27 -18.41
CA THR A 235 -3.16 30.05 -17.88
C THR A 235 -2.93 28.88 -18.84
N ALA A 236 -2.02 27.99 -18.45
CA ALA A 236 -1.62 26.83 -19.25
C ALA A 236 -2.71 25.75 -19.40
N PRO A 237 -2.58 24.87 -20.42
CA PRO A 237 -3.45 23.70 -20.50
C PRO A 237 -3.35 22.81 -19.24
N CYS A 238 -4.29 21.88 -19.09
CA CYS A 238 -4.25 20.94 -17.96
C CYS A 238 -3.14 19.90 -18.15
N SER A 239 -2.80 19.24 -17.05
CA SER A 239 -1.76 18.20 -17.04
C SER A 239 -2.22 16.91 -17.72
N CYS A 240 -1.26 16.00 -17.88
CA CYS A 240 -1.55 14.60 -18.09
C CYS A 240 -2.32 13.92 -16.93
N GLN A 241 -1.80 13.99 -15.70
CA GLN A 241 -2.42 13.26 -14.59
C GLN A 241 -3.91 13.57 -14.45
N ASP A 242 -4.30 14.81 -14.74
CA ASP A 242 -5.69 15.27 -14.58
C ASP A 242 -6.44 15.40 -15.92
N CYS A 243 -5.79 15.03 -17.01
CA CYS A 243 -6.40 15.13 -18.34
C CYS A 243 -5.98 13.97 -19.23
N SER A 244 -6.63 13.85 -20.38
CA SER A 244 -6.33 12.78 -21.33
C SER A 244 -5.84 13.35 -22.66
N ILE A 245 -6.60 14.30 -23.21
CA ILE A 245 -6.25 14.92 -24.47
C ILE A 245 -4.78 15.30 -24.51
N VAL A 246 -4.37 16.15 -23.57
CA VAL A 246 -2.98 16.60 -23.49
C VAL A 246 -2.12 15.60 -22.74
N CYS A 247 -1.91 14.43 -23.33
CA CYS A 247 -1.10 13.38 -22.72
C CYS A 247 -0.20 12.71 -23.75
N GLY A 248 0.77 11.94 -23.26
CA GLY A 248 1.70 11.25 -24.13
C GLY A 248 2.51 12.21 -25.00
N PRO A 249 3.67 11.76 -25.69
CA PRO A 249 4.02 10.34 -25.49
C PRO A 249 5.16 10.16 -24.49
N LYS A 250 5.32 8.95 -23.98
CA LYS A 250 6.38 8.66 -23.01
C LYS A 250 7.76 8.89 -23.62
N PRO A 251 8.74 8.14 -23.15
CA PRO A 251 10.12 8.25 -23.64
C PRO A 251 10.49 7.11 -24.57
N GLN A 252 11.35 7.37 -25.54
CA GLN A 252 11.77 6.36 -26.50
C GLN A 252 13.21 6.60 -26.95
N PRO A 253 13.98 7.42 -26.12
CA PRO A 253 15.36 7.62 -26.60
C PRO A 253 16.35 6.72 -25.85
N PRO A 254 16.16 5.34 -26.01
CA PRO A 254 17.15 4.53 -25.28
C PRO A 254 18.26 4.02 -26.19
N PRO A 255 19.57 4.28 -25.79
CA PRO A 255 20.58 3.75 -26.72
C PRO A 255 21.18 2.45 -26.22
N PRO A 256 21.42 1.50 -27.13
CA PRO A 256 21.98 0.20 -26.78
C PRO A 256 23.32 -0.10 -27.46
N PRO A 257 24.49 0.09 -26.69
CA PRO A 257 25.72 -0.31 -27.39
C PRO A 257 26.30 -1.61 -26.82
N ALA A 258 27.32 -2.18 -27.46
CA ALA A 258 27.96 -3.40 -26.95
C ALA A 258 28.99 -4.05 -27.88
N PRO A 259 30.26 -3.45 -27.93
CA PRO A 259 31.24 -4.19 -28.74
C PRO A 259 32.29 -4.88 -27.86
N TRP A 260 33.31 -5.47 -28.44
CA TRP A 260 34.39 -6.06 -27.65
C TRP A 260 34.96 -7.30 -28.31
N THR A 261 34.07 -8.13 -28.85
CA THR A 261 34.49 -9.36 -29.52
C THR A 261 35.62 -9.10 -30.51
N ILE A 262 35.60 -7.93 -31.14
CA ILE A 262 36.62 -7.55 -32.11
C ILE A 262 38.02 -7.71 -31.51
N LEU A 263 38.20 -7.20 -30.30
CA LEU A 263 39.49 -7.29 -29.61
C LEU A 263 39.94 -8.74 -29.47
N GLY A 264 39.03 -9.60 -29.02
CA GLY A 264 39.34 -11.01 -28.84
C GLY A 264 39.81 -11.65 -30.14
N LEU A 265 39.09 -11.37 -31.22
CA LEU A 265 39.44 -11.92 -32.53
C LEU A 265 40.84 -11.51 -32.94
N ASP A 266 41.16 -10.24 -32.78
CA ASP A 266 42.47 -9.72 -33.13
C ASP A 266 43.57 -10.44 -32.37
N ALA A 267 43.38 -10.60 -31.07
CA ALA A 267 44.36 -11.28 -30.22
C ALA A 267 44.61 -12.70 -30.73
N MET A 268 43.51 -13.37 -31.00
CA MET A 268 43.51 -14.75 -31.52
C MET A 268 44.30 -14.83 -32.81
N TYR A 269 44.01 -13.88 -33.68
CA TYR A 269 44.64 -13.76 -35.00
C TYR A 269 46.16 -13.62 -34.83
N VAL A 270 46.51 -12.73 -33.92
CA VAL A 270 47.92 -12.44 -33.60
C VAL A 270 48.64 -13.72 -33.15
N ILE A 271 47.96 -14.43 -32.27
CA ILE A 271 48.46 -15.70 -31.71
C ILE A 271 48.73 -16.70 -32.82
N MET A 272 47.75 -16.79 -33.71
CA MET A 272 47.81 -17.70 -34.87
C MET A 272 49.03 -17.38 -35.72
N TRP A 273 49.20 -16.09 -35.97
CA TRP A 273 50.31 -15.56 -36.78
C TRP A 273 51.64 -15.98 -36.15
N ILE A 274 51.72 -15.78 -34.85
CA ILE A 274 52.90 -16.11 -34.05
C ILE A 274 53.24 -17.60 -34.21
N THR A 275 52.21 -18.40 -34.09
CA THR A 275 52.31 -19.86 -34.20
C THR A 275 52.89 -20.25 -35.56
N TYR A 276 52.34 -19.61 -36.57
CA TYR A 276 52.74 -19.82 -37.98
C TYR A 276 54.23 -19.51 -38.14
N MET A 277 54.61 -18.38 -37.58
CA MET A 277 56.00 -17.90 -37.62
C MET A 277 56.93 -18.93 -36.99
N ALA A 278 56.50 -19.41 -35.85
CA ALA A 278 57.25 -20.42 -35.08
C ALA A 278 57.47 -21.67 -35.92
N PHE A 279 56.39 -22.10 -36.55
CA PHE A 279 56.37 -23.27 -37.42
C PHE A 279 57.39 -23.12 -38.54
N LEU A 280 57.35 -21.94 -39.15
CA LEU A 280 58.24 -21.57 -40.26
C LEU A 280 59.70 -21.69 -39.81
N LEU A 281 59.95 -21.13 -38.64
CA LEU A 281 61.28 -21.12 -38.04
C LEU A 281 61.78 -22.55 -37.86
N VAL A 282 60.90 -23.37 -37.32
CA VAL A 282 61.17 -24.79 -37.07
C VAL A 282 61.57 -25.49 -38.37
N PHE A 283 60.78 -25.22 -39.39
CA PHE A 283 60.98 -25.78 -40.74
C PHE A 283 62.37 -25.41 -41.25
N PHE A 284 62.73 -24.14 -41.12
CA PHE A 284 64.03 -23.65 -41.57
C PHE A 284 65.16 -24.43 -40.92
N GLY A 285 65.14 -24.49 -39.59
CA GLY A 285 66.16 -25.20 -38.84
C GLY A 285 66.26 -26.66 -39.23
N ALA A 286 65.18 -27.19 -39.79
CA ALA A 286 65.14 -28.59 -40.21
C ALA A 286 65.67 -28.74 -41.63
N PHE A 287 65.48 -27.72 -42.45
CA PHE A 287 65.94 -27.74 -43.84
C PHE A 287 67.43 -27.44 -43.92
N PHE A 288 67.92 -26.63 -43.00
CA PHE A 288 69.33 -26.26 -42.98
C PHE A 288 70.19 -27.39 -42.42
N ALA A 330 79.79 6.58 -26.75
CA ALA A 330 80.54 5.55 -26.01
C ALA A 330 81.82 6.16 -25.43
N PHE A 331 82.50 6.89 -26.28
CA PHE A 331 83.77 7.56 -25.92
C PHE A 331 83.53 8.50 -24.75
N GLU A 332 82.48 9.28 -24.86
CA GLU A 332 82.07 10.26 -23.85
C GLU A 332 81.85 9.56 -22.51
N GLY A 333 81.12 8.46 -22.59
CA GLY A 333 80.78 7.64 -21.42
C GLY A 333 82.06 7.16 -20.73
N CYS A 334 82.97 6.67 -21.55
CA CYS A 334 84.27 6.17 -21.10
C CYS A 334 85.03 7.26 -20.34
N LEU A 335 85.03 8.43 -20.95
CA LEU A 335 85.69 9.62 -20.40
C LEU A 335 85.13 9.94 -19.01
N ARG A 336 83.81 9.92 -18.96
CA ARG A 336 83.06 10.20 -17.73
C ARG A 336 83.48 9.22 -16.62
N ARG A 337 83.52 7.97 -17.01
CA ARG A 337 83.90 6.88 -16.12
C ARG A 337 85.30 7.12 -15.54
N LEU A 338 86.20 7.48 -16.45
CA LEU A 338 87.60 7.76 -16.11
C LEU A 338 87.67 8.88 -15.08
N PHE A 339 86.90 9.92 -15.35
CA PHE A 339 86.82 11.11 -14.48
C PHE A 339 86.37 10.70 -13.08
N THR A 340 85.34 9.88 -13.06
CA THR A 340 84.75 9.38 -11.82
C THR A 340 85.80 8.63 -11.00
N ARG A 341 86.52 7.78 -11.71
CA ARG A 341 87.59 6.94 -11.13
C ARG A 341 88.64 7.85 -10.47
N TRP A 342 89.02 8.86 -11.23
CA TRP A 342 90.02 9.85 -10.80
C TRP A 342 89.58 10.52 -9.50
N GLY A 343 88.32 10.92 -9.51
CA GLY A 343 87.68 11.59 -8.36
C GLY A 343 87.76 10.69 -7.12
N SER A 344 87.41 9.44 -7.35
CA SER A 344 87.41 8.40 -6.30
C SER A 344 88.81 8.28 -5.69
N PHE A 345 89.78 8.22 -6.58
CA PHE A 345 91.20 8.10 -6.21
C PHE A 345 91.61 9.26 -5.32
N CYS A 346 91.19 10.46 -5.71
CA CYS A 346 91.36 11.66 -4.89
C CYS A 346 90.57 11.49 -3.59
N VAL A 347 89.29 11.17 -3.71
CA VAL A 347 88.44 10.98 -2.54
C VAL A 347 88.98 9.89 -1.62
N ARG A 348 89.61 8.88 -2.23
CA ARG A 348 90.17 7.77 -1.47
C ARG A 348 91.36 8.22 -0.63
N ASN A 349 91.34 9.48 -0.23
CA ASN A 349 92.42 10.05 0.58
C ASN A 349 91.86 10.88 1.74
N PRO A 350 90.61 10.62 2.09
CA PRO A 350 89.96 11.34 3.18
C PRO A 350 88.51 10.92 3.34
N GLY A 351 88.10 10.64 4.58
CA GLY A 351 86.73 10.23 4.86
C GLY A 351 85.87 11.41 5.26
N CYS A 352 86.46 12.36 5.99
CA CYS A 352 85.73 13.54 6.43
C CYS A 352 84.88 14.12 5.32
N VAL A 353 85.54 14.61 4.27
CA VAL A 353 84.83 15.20 3.13
C VAL A 353 83.50 14.52 2.87
N ILE A 354 83.55 13.23 2.53
CA ILE A 354 82.35 12.45 2.25
C ILE A 354 81.31 12.63 3.35
N PHE A 355 81.64 12.16 4.55
CA PHE A 355 80.72 12.28 5.68
C PHE A 355 80.30 13.72 5.89
N PHE A 356 81.24 14.65 5.77
CA PHE A 356 80.93 16.06 5.94
C PHE A 356 79.82 16.44 4.97
N SER A 357 79.87 15.88 3.76
CA SER A 357 78.85 16.15 2.76
C SER A 357 77.54 15.51 3.21
N LEU A 358 77.65 14.31 3.76
CA LEU A 358 76.47 13.60 4.24
C LEU A 358 75.83 14.42 5.35
N VAL A 359 76.68 14.97 6.22
CA VAL A 359 76.22 15.80 7.33
C VAL A 359 75.46 17.00 6.79
N PHE A 360 76.01 17.66 5.78
CA PHE A 360 75.37 18.81 5.16
C PHE A 360 73.98 18.39 4.69
N ILE A 361 73.90 17.18 4.15
CA ILE A 361 72.62 16.65 3.66
C ILE A 361 71.71 16.34 4.84
N THR A 362 72.32 15.99 5.97
CA THR A 362 71.54 15.69 7.18
C THR A 362 70.77 16.95 7.53
N ALA A 363 71.46 18.08 7.42
CA ALA A 363 70.86 19.38 7.70
C ALA A 363 69.84 19.94 6.73
N CYS A 364 70.25 20.11 5.48
CA CYS A 364 69.35 20.45 4.36
C CYS A 364 68.06 19.64 4.45
N SER A 365 68.19 18.34 4.64
CA SER A 365 67.01 17.50 4.74
C SER A 365 66.17 17.90 5.94
N SER A 366 66.72 17.72 7.13
CA SER A 366 66.01 18.07 8.37
C SER A 366 65.67 19.55 8.40
N GLY A 367 66.64 20.38 8.04
CA GLY A 367 66.45 21.83 8.02
C GLY A 367 65.19 22.24 7.29
N LEU A 368 65.05 21.76 6.06
CA LEU A 368 63.89 22.08 5.24
C LEU A 368 62.61 21.46 5.82
N VAL A 369 62.78 20.46 6.66
CA VAL A 369 61.66 19.78 7.29
C VAL A 369 61.11 20.59 8.46
N PHE A 370 61.61 21.82 8.61
CA PHE A 370 61.17 22.70 9.68
C PHE A 370 59.67 22.93 9.63
N VAL A 371 58.98 22.61 10.73
CA VAL A 371 57.54 22.79 10.81
C VAL A 371 56.82 21.65 10.10
N ARG A 372 56.99 20.43 10.61
CA ARG A 372 56.35 19.26 10.02
C ARG A 372 54.86 19.50 9.80
N VAL A 373 54.53 20.65 9.23
CA VAL A 373 53.14 21.00 8.97
C VAL A 373 52.57 20.17 7.82
N THR A 374 53.29 19.12 7.45
CA THR A 374 52.86 18.24 6.36
C THR A 374 51.38 17.89 6.48
N THR A 375 50.53 18.78 5.97
CA THR A 375 49.09 18.58 6.01
C THR A 375 48.68 17.37 5.18
N ASN A 376 47.45 16.92 5.38
CA ASN A 376 46.93 15.77 4.64
C ASN A 376 45.43 15.89 4.41
N PRO A 377 44.78 16.78 5.17
CA PRO A 377 43.35 16.99 5.04
C PRO A 377 43.05 18.26 4.24
N VAL A 378 41.80 18.43 3.80
CA VAL A 378 40.72 17.48 4.05
C VAL A 378 40.37 16.70 2.79
N ASP A 379 39.78 17.38 1.82
CA ASP A 379 39.39 16.74 0.56
C ASP A 379 39.94 17.48 -0.67
N LEU A 380 41.21 17.83 -0.64
CA LEU A 380 41.84 18.52 -1.76
C LEU A 380 42.85 17.64 -2.48
N TRP A 381 42.40 16.94 -3.52
CA TRP A 381 43.31 16.13 -4.33
C TRP A 381 42.98 16.26 -5.82
N SER A 382 41.73 16.58 -6.12
CA SER A 382 41.34 16.87 -7.50
C SER A 382 42.18 18.01 -8.07
N ALA A 383 43.04 18.59 -7.24
CA ALA A 383 43.90 19.68 -7.67
C ALA A 383 43.10 20.97 -7.85
N PRO A 384 43.87 22.15 -7.91
CA PRO A 384 43.04 23.36 -8.08
C PRO A 384 43.05 23.84 -9.54
N SER A 385 42.72 25.11 -9.74
CA SER A 385 42.68 25.68 -11.08
C SER A 385 41.64 24.99 -11.96
N SER A 386 41.88 24.98 -13.26
CA SER A 386 40.95 24.35 -14.21
C SER A 386 39.51 24.76 -13.92
N GLN A 387 38.58 23.87 -14.25
CA GLN A 387 37.16 24.14 -14.03
C GLN A 387 36.68 23.48 -12.74
N ALA A 388 37.16 22.26 -12.49
CA ALA A 388 36.77 21.52 -11.30
C ALA A 388 36.81 22.42 -10.06
N ARG A 389 37.97 23.00 -9.77
CA ARG A 389 38.13 23.87 -8.63
C ARG A 389 37.53 25.25 -8.88
N LEU A 390 37.94 25.87 -9.99
CA LEU A 390 37.45 27.19 -10.35
C LEU A 390 35.92 27.25 -10.29
N GLU A 391 35.28 26.17 -10.72
CA GLU A 391 33.82 26.09 -10.72
C GLU A 391 33.27 26.07 -9.29
N LYS A 392 33.93 25.32 -8.42
CA LYS A 392 33.51 25.21 -7.02
C LYS A 392 33.60 26.57 -6.33
N GLU A 393 34.72 27.25 -6.56
CA GLU A 393 35.00 28.59 -6.01
C GLU A 393 33.91 29.58 -6.45
N TYR A 394 33.59 29.55 -7.73
CA TYR A 394 32.57 30.44 -8.28
C TYR A 394 31.25 30.31 -7.51
N PHE A 395 30.73 29.09 -7.46
CA PHE A 395 29.47 28.83 -6.77
C PHE A 395 29.51 29.37 -5.34
N ASP A 396 30.72 29.51 -4.81
CA ASP A 396 30.90 30.02 -3.45
C ASP A 396 30.58 31.50 -3.37
N GLN A 397 31.35 32.31 -4.10
CA GLN A 397 31.14 33.75 -4.12
C GLN A 397 29.66 34.10 -4.24
N HIS A 398 28.89 33.21 -4.85
CA HIS A 398 27.47 33.42 -5.04
C HIS A 398 26.68 32.95 -3.83
N PHE A 399 27.21 31.95 -3.12
CA PHE A 399 26.55 31.41 -1.95
C PHE A 399 27.54 30.67 -1.06
N GLY A 400 28.75 30.44 -1.58
CA GLY A 400 29.79 29.75 -0.83
C GLY A 400 29.48 28.28 -0.64
N PRO A 401 29.29 27.86 0.68
CA PRO A 401 28.99 26.43 0.81
C PRO A 401 27.50 26.18 1.02
N PHE A 402 26.85 25.63 0.01
CA PHE A 402 25.41 25.34 0.09
C PHE A 402 25.13 24.62 1.40
N PHE A 403 26.01 23.70 1.75
CA PHE A 403 25.93 23.08 3.06
C PHE A 403 26.05 21.57 2.98
N ARG A 404 26.10 20.95 4.16
CA ARG A 404 26.21 19.50 4.25
C ARG A 404 25.01 18.91 4.98
N THR A 405 24.83 17.60 4.86
CA THR A 405 23.71 16.91 5.50
C THR A 405 24.19 15.76 6.36
N GLU A 406 23.62 15.65 7.56
CA GLU A 406 23.67 14.44 8.37
C GLU A 406 22.37 13.68 8.12
N GLN A 407 22.50 12.45 7.65
CA GLN A 407 21.36 11.70 7.15
C GLN A 407 21.28 10.27 7.71
N LEU A 408 20.08 9.89 8.14
CA LEU A 408 19.81 8.56 8.67
C LEU A 408 18.78 7.84 7.83
N ILE A 409 18.97 6.54 7.60
CA ILE A 409 17.91 5.69 7.02
C ILE A 409 17.39 4.75 8.13
N ILE A 410 16.07 4.68 8.25
CA ILE A 410 15.41 4.01 9.35
C ILE A 410 14.42 2.98 8.81
N ARG A 411 14.56 1.74 9.29
CA ARG A 411 13.63 0.68 8.95
C ARG A 411 13.03 0.04 10.22
N ALA A 412 11.87 -0.60 10.07
CA ALA A 412 11.19 -1.24 11.19
C ALA A 412 11.08 -2.77 10.97
N PRO A 413 12.16 -3.52 11.28
CA PRO A 413 12.23 -4.95 10.92
C PRO A 413 11.25 -5.89 11.65
N LEU A 414 10.77 -5.49 12.84
CA LEU A 414 9.83 -6.31 13.62
C LEU A 414 8.37 -5.87 13.46
N THR A 415 8.07 -5.08 12.43
CA THR A 415 6.73 -4.51 12.23
C THR A 415 6.20 -4.97 10.88
N ASP A 416 4.90 -5.30 10.84
CA ASP A 416 4.26 -5.72 9.62
C ASP A 416 3.62 -4.53 8.95
N LYS A 417 3.32 -4.68 7.66
CA LYS A 417 2.50 -3.70 6.96
C LYS A 417 1.08 -3.73 7.54
N HIS A 418 0.25 -2.81 7.13
CA HIS A 418 -1.14 -2.79 7.56
C HIS A 418 -2.02 -2.05 6.58
N ILE A 419 -3.33 -2.30 6.66
CA ILE A 419 -4.28 -1.64 5.78
C ILE A 419 -5.12 -0.62 6.54
N TYR A 420 -5.76 0.29 5.81
CA TYR A 420 -6.59 1.32 6.42
C TYR A 420 -7.41 2.05 5.37
N GLN A 421 -8.73 1.92 5.45
CA GLN A 421 -9.63 2.56 4.51
C GLN A 421 -9.73 4.07 4.79
N PRO A 422 -9.47 4.90 3.70
CA PRO A 422 -9.57 6.33 4.01
C PRO A 422 -10.90 6.91 3.55
N TYR A 423 -11.63 7.54 4.46
CA TYR A 423 -12.93 8.14 4.13
C TYR A 423 -12.77 9.22 3.04
N PRO A 424 -13.78 9.37 2.05
CA PRO A 424 -14.92 8.45 2.14
C PRO A 424 -14.83 7.32 1.14
N SER A 425 -13.72 7.27 0.39
CA SER A 425 -13.51 6.23 -0.60
C SER A 425 -13.71 4.84 0.00
N GLY A 426 -12.83 4.48 0.93
CA GLY A 426 -12.91 3.18 1.59
C GLY A 426 -12.09 2.12 0.88
N ALA A 427 -11.25 2.57 -0.06
CA ALA A 427 -10.40 1.65 -0.81
C ALA A 427 -9.21 1.19 0.02
N ASP A 428 -8.82 -0.07 -0.17
CA ASP A 428 -7.68 -0.63 0.57
C ASP A 428 -6.37 0.04 0.20
N VAL A 429 -5.73 0.68 1.18
CA VAL A 429 -4.42 1.29 0.96
C VAL A 429 -3.38 0.61 1.86
N PRO A 430 -2.47 -0.13 1.51
CA PRO A 430 -1.52 -0.72 2.44
C PRO A 430 -0.42 0.28 2.83
N PHE A 431 -0.03 0.26 4.09
CA PHE A 431 1.03 1.10 4.61
C PHE A 431 2.17 0.21 5.08
N GLY A 432 3.39 0.54 4.67
CA GLY A 432 4.55 -0.27 4.99
C GLY A 432 4.95 -0.21 6.46
N PRO A 433 5.86 -1.11 6.89
CA PRO A 433 6.26 -1.21 8.30
C PRO A 433 6.61 0.11 8.98
N PRO A 434 7.45 0.97 8.35
CA PRO A 434 7.84 2.19 9.06
C PRO A 434 6.75 3.27 9.19
N LEU A 435 5.60 3.08 8.56
CA LEU A 435 4.46 4.00 8.69
C LEU A 435 3.38 3.51 9.64
N ASP A 436 3.69 2.47 10.43
CA ASP A 436 2.88 2.10 11.59
C ASP A 436 2.89 3.29 12.56
N ILE A 437 1.72 3.61 13.10
CA ILE A 437 1.55 4.78 13.98
C ILE A 437 2.56 4.80 15.13
N GLN A 438 2.81 3.64 15.75
CA GLN A 438 3.69 3.57 16.92
C GLN A 438 5.15 3.72 16.56
N ILE A 439 5.56 3.16 15.42
CA ILE A 439 6.95 3.34 14.96
C ILE A 439 7.18 4.82 14.58
N LEU A 440 6.18 5.50 14.01
CA LEU A 440 6.30 6.94 13.76
C LEU A 440 6.49 7.75 15.05
N HIS A 441 5.73 7.41 16.10
CA HIS A 441 5.91 8.03 17.41
C HIS A 441 7.33 7.79 17.94
N GLN A 442 7.82 6.57 17.78
CA GLN A 442 9.18 6.21 18.21
C GLN A 442 10.26 6.93 17.39
N VAL A 443 10.03 7.04 16.08
CA VAL A 443 10.94 7.79 15.21
C VAL A 443 10.90 9.29 15.57
N LEU A 444 9.74 9.81 15.96
CA LEU A 444 9.66 11.20 16.39
C LEU A 444 10.48 11.45 17.66
N ASP A 445 10.50 10.49 18.58
CA ASP A 445 11.28 10.60 19.82
C ASP A 445 12.77 10.62 19.54
N LEU A 446 13.20 9.74 18.64
CA LEU A 446 14.56 9.77 18.09
C LEU A 446 14.92 11.15 17.54
N GLN A 447 14.01 11.68 16.73
CA GLN A 447 14.20 12.98 16.07
C GLN A 447 14.33 14.13 17.08
N ILE A 448 13.41 14.15 18.04
CA ILE A 448 13.43 15.15 19.11
C ILE A 448 14.71 15.04 19.94
N ALA A 449 15.16 13.82 20.19
CA ALA A 449 16.37 13.60 20.97
C ALA A 449 17.61 14.12 20.23
N ILE A 450 17.66 13.89 18.92
CA ILE A 450 18.71 14.45 18.05
C ILE A 450 18.76 15.99 18.10
N GLU A 451 17.60 16.63 18.02
CA GLU A 451 17.51 18.10 18.15
C GLU A 451 18.08 18.62 19.47
N ASN A 452 17.95 17.82 20.51
CA ASN A 452 18.40 18.17 21.86
C ASN A 452 19.87 17.81 22.16
N ILE A 453 20.56 17.12 21.25
CA ILE A 453 21.97 16.77 21.46
C ILE A 453 22.81 18.04 21.57
N THR A 454 23.72 18.03 22.54
CA THR A 454 24.68 19.10 22.73
C THR A 454 26.09 18.50 22.82
N ALA A 455 27.06 19.29 22.35
CA ALA A 455 28.47 18.97 22.47
C ALA A 455 29.16 20.17 23.12
N SER A 456 30.33 19.96 23.71
CA SER A 456 31.12 21.08 24.25
C SER A 456 32.43 21.24 23.48
N TYR A 457 32.79 22.50 23.23
CA TYR A 457 34.04 22.82 22.55
C TYR A 457 34.64 24.05 23.24
N ASP A 458 35.87 23.91 23.71
CA ASP A 458 36.43 24.77 24.77
C ASP A 458 35.46 24.71 25.97
N ASN A 459 35.03 25.87 26.46
CA ASN A 459 34.06 25.93 27.55
C ASN A 459 32.64 26.20 27.06
N GLU A 460 32.48 26.39 25.76
CA GLU A 460 31.17 26.66 25.16
C GLU A 460 30.37 25.40 24.83
N THR A 461 29.04 25.56 24.75
CA THR A 461 28.13 24.46 24.37
C THR A 461 27.65 24.66 22.94
N VAL A 462 27.63 23.56 22.18
CA VAL A 462 27.20 23.57 20.77
C VAL A 462 25.89 22.80 20.64
N THR A 463 24.86 23.49 20.16
CA THR A 463 23.57 22.88 19.84
C THR A 463 23.42 22.74 18.33
N LEU A 464 22.46 21.93 17.90
CA LEU A 464 22.07 21.87 16.49
C LEU A 464 21.57 23.23 15.98
N GLN A 465 20.93 24.00 16.86
CA GLN A 465 20.37 25.30 16.49
C GLN A 465 21.46 26.32 16.13
N ASP A 466 22.65 26.16 16.69
CA ASP A 466 23.81 26.99 16.33
C ASP A 466 24.35 26.74 14.93
N ILE A 467 24.21 25.51 14.41
CA ILE A 467 24.85 25.12 13.17
C ILE A 467 23.90 24.81 12.00
N CYS A 468 22.60 24.76 12.26
CA CYS A 468 21.63 24.27 11.27
C CYS A 468 21.17 25.33 10.28
N LEU A 469 20.68 24.80 9.22
CA LEU A 469 19.97 25.63 8.27
C LEU A 469 18.58 25.91 8.87
N ALA A 470 18.54 27.08 9.22
CA ALA A 470 17.26 27.56 9.68
C ALA A 470 16.80 28.65 8.71
N PRO A 471 16.14 28.24 7.62
CA PRO A 471 15.83 29.08 6.46
C PRO A 471 15.03 30.34 6.80
N LEU A 472 14.24 30.29 7.87
CA LEU A 472 13.37 31.42 8.19
C LEU A 472 13.83 32.17 9.44
N SER A 473 15.13 32.20 9.69
CA SER A 473 15.68 32.95 10.82
C SER A 473 15.61 34.46 10.57
N PRO A 474 15.46 35.26 11.64
CA PRO A 474 15.27 34.89 13.04
C PRO A 474 13.80 34.63 13.36
N TYR A 475 12.91 35.34 12.68
CA TYR A 475 11.47 35.17 12.90
C TYR A 475 11.13 33.71 13.16
N ASN A 476 12.01 32.81 12.75
CA ASN A 476 11.80 31.38 12.94
C ASN A 476 13.11 30.61 13.03
N THR A 477 13.54 30.32 14.25
CA THR A 477 14.79 29.59 14.47
C THR A 477 14.62 28.10 14.17
N ASN A 478 13.37 27.69 13.89
CA ASN A 478 13.08 26.31 13.58
C ASN A 478 14.08 25.70 12.61
N CYS A 479 14.77 24.65 13.05
CA CYS A 479 15.76 23.98 12.23
C CYS A 479 15.11 23.26 11.06
N THR A 480 15.92 22.87 10.07
CA THR A 480 15.42 22.17 8.90
C THR A 480 15.63 20.67 9.03
N ILE A 481 14.52 19.93 9.15
CA ILE A 481 14.59 18.48 9.28
C ILE A 481 13.67 17.91 8.21
N LEU A 482 14.26 17.27 7.21
CA LEU A 482 13.46 16.63 6.18
C LEU A 482 13.07 15.26 6.71
N SER A 483 11.79 15.09 7.00
CA SER A 483 11.27 13.89 7.63
C SER A 483 9.77 13.82 7.39
N VAL A 484 9.23 12.61 7.28
CA VAL A 484 7.75 12.43 7.24
C VAL A 484 7.06 12.96 8.48
N LEU A 485 7.76 13.03 9.60
CA LEU A 485 7.18 13.60 10.81
C LEU A 485 6.89 15.09 10.71
N ASN A 486 7.56 15.79 9.80
CA ASN A 486 7.28 17.21 9.60
C ASN A 486 5.96 17.47 8.90
N TYR A 487 5.37 16.46 8.25
CA TYR A 487 3.98 16.55 7.80
C TYR A 487 3.01 16.69 8.97
N PHE A 488 3.43 16.25 10.17
CA PHE A 488 2.68 16.42 11.41
C PHE A 488 3.33 17.47 12.34
N GLN A 489 4.15 18.33 11.77
CA GLN A 489 4.88 19.38 12.49
C GLN A 489 5.67 18.85 13.69
N ASN A 490 6.24 17.66 13.51
CA ASN A 490 7.03 17.00 14.56
C ASN A 490 6.33 16.96 15.93
N SER A 491 5.02 16.71 15.92
CA SER A 491 4.19 16.71 17.12
C SER A 491 3.52 15.36 17.32
N HIS A 492 3.69 14.76 18.49
CA HIS A 492 3.09 13.47 18.79
C HIS A 492 1.57 13.58 18.89
N SER A 493 1.11 14.61 19.58
CA SER A 493 -0.32 14.84 19.76
C SER A 493 -1.00 15.06 18.41
N VAL A 494 -0.45 15.97 17.61
CA VAL A 494 -1.01 16.27 16.30
C VAL A 494 -1.16 15.00 15.46
N LEU A 495 -0.17 14.12 15.54
CA LEU A 495 -0.20 12.87 14.79
C LEU A 495 -1.15 11.87 15.43
N ASP A 496 -1.27 11.93 16.76
CA ASP A 496 -2.15 11.03 17.48
C ASP A 496 -3.62 11.38 17.25
N HIS A 497 -3.87 12.62 16.85
CA HIS A 497 -5.23 13.08 16.59
C HIS A 497 -5.97 12.11 15.66
N LYS A 498 -7.29 12.25 15.61
CA LYS A 498 -8.11 11.39 14.76
C LYS A 498 -9.59 11.71 14.92
N LYS A 499 -10.13 12.48 13.98
CA LYS A 499 -11.54 12.86 14.02
C LYS A 499 -12.43 11.71 13.56
N GLY A 500 -13.08 11.06 14.52
CA GLY A 500 -13.96 9.95 14.23
C GLY A 500 -15.10 9.82 15.22
N ASP A 501 -16.03 8.90 14.95
CA ASP A 501 -17.17 8.68 15.82
C ASP A 501 -17.47 7.18 15.95
N ASP A 502 -18.71 6.82 16.28
CA ASP A 502 -19.07 5.42 16.45
C ASP A 502 -19.09 4.65 15.14
N PHE A 503 -18.96 5.36 14.03
CA PHE A 503 -19.17 4.78 12.71
C PHE A 503 -17.95 4.85 11.82
N PHE A 504 -17.39 6.05 11.65
CA PHE A 504 -16.19 6.18 10.83
C PHE A 504 -15.05 6.89 11.56
N VAL A 505 -13.84 6.63 11.08
CA VAL A 505 -12.70 7.50 11.31
C VAL A 505 -12.58 8.36 10.06
N TYR A 506 -12.85 9.65 10.19
CA TYR A 506 -12.96 10.52 9.03
C TYR A 506 -11.60 11.05 8.59
N ALA A 507 -10.67 11.09 9.54
CA ALA A 507 -9.36 11.70 9.33
C ALA A 507 -8.40 11.24 10.40
N ASP A 508 -7.17 10.92 10.00
CA ASP A 508 -6.16 10.46 10.95
C ASP A 508 -4.75 10.72 10.41
N TYR A 509 -3.79 9.88 10.84
CA TYR A 509 -2.42 10.03 10.40
C TYR A 509 -2.22 9.46 9.00
N HIS A 510 -3.27 8.85 8.46
CA HIS A 510 -3.22 8.26 7.12
C HIS A 510 -3.67 9.26 6.07
N THR A 511 -4.87 9.80 6.26
CA THR A 511 -5.43 10.77 5.32
C THR A 511 -4.46 11.91 5.07
N HIS A 512 -3.99 12.54 6.15
CA HIS A 512 -3.05 13.65 6.05
C HIS A 512 -1.81 13.25 5.25
N PHE A 513 -1.31 12.05 5.50
CA PHE A 513 -0.13 11.56 4.79
C PHE A 513 -0.37 11.49 3.30
N LEU A 514 -1.46 10.84 2.90
CA LEU A 514 -1.81 10.71 1.47
C LEU A 514 -2.11 12.05 0.80
N TYR A 515 -2.61 13.02 1.56
CA TYR A 515 -2.76 14.38 1.06
C TYR A 515 -1.38 15.07 0.98
N CYS A 516 -0.63 15.04 2.08
CA CYS A 516 0.63 15.78 2.18
C CYS A 516 1.72 15.37 1.16
N VAL A 517 1.78 14.09 0.81
CA VAL A 517 2.70 13.65 -0.26
C VAL A 517 2.36 14.24 -1.64
N ARG A 518 1.13 14.70 -1.81
CA ARG A 518 0.71 15.37 -3.04
C ARG A 518 0.77 16.90 -2.94
N ALA A 519 0.69 17.42 -1.72
CA ALA A 519 0.68 18.87 -1.51
C ALA A 519 1.49 19.28 -0.25
N PRO A 520 2.81 19.04 -0.26
CA PRO A 520 3.59 19.23 0.96
C PRO A 520 3.78 20.68 1.43
N ALA A 521 3.46 21.66 0.59
CA ALA A 521 3.49 23.08 0.99
C ALA A 521 2.18 23.57 1.59
N SER A 522 1.12 22.77 1.51
CA SER A 522 -0.21 23.15 1.97
C SER A 522 -0.21 23.55 3.43
N LEU A 523 -0.94 24.60 3.76
CA LEU A 523 -1.10 25.02 5.15
C LEU A 523 -2.49 24.61 5.64
N ASN A 524 -3.13 23.68 4.94
CA ASN A 524 -4.45 23.25 5.32
C ASN A 524 -4.86 22.01 4.52
N ASP A 525 -4.85 20.88 5.19
CA ASP A 525 -5.44 19.63 4.71
C ASP A 525 -6.89 19.89 4.26
N THR A 526 -7.30 19.30 3.15
CA THR A 526 -8.67 19.48 2.64
C THR A 526 -9.65 18.58 3.40
N SER A 527 -9.14 17.53 4.06
CA SER A 527 -9.96 16.66 4.90
C SER A 527 -10.50 17.39 6.15
N LEU A 528 -11.16 16.64 7.02
CA LEU A 528 -11.76 17.20 8.23
C LEU A 528 -10.75 17.61 9.31
N LEU A 529 -9.51 17.14 9.16
CA LEU A 529 -8.43 17.47 10.12
C LEU A 529 -8.03 18.94 10.00
N HIS A 530 -7.92 19.43 8.77
CA HIS A 530 -7.48 20.79 8.48
C HIS A 530 -6.11 21.12 9.10
N ASP A 531 -5.22 20.13 9.10
CA ASP A 531 -3.86 20.31 9.61
C ASP A 531 -2.95 20.76 8.47
N PRO A 532 -1.88 21.50 8.79
CA PRO A 532 -0.95 21.86 7.74
C PRO A 532 -0.04 20.69 7.35
N CYS A 533 0.48 20.72 6.12
CA CYS A 533 1.54 19.81 5.68
C CYS A 533 2.96 20.38 5.85
N LEU A 534 3.06 21.70 5.84
CA LEU A 534 4.35 22.40 5.87
C LEU A 534 5.14 22.05 7.12
N GLY A 535 6.43 21.77 6.96
CA GLY A 535 7.31 21.44 8.08
C GLY A 535 7.51 22.64 8.97
N THR A 536 7.98 22.42 10.18
CA THR A 536 8.10 23.49 11.16
C THR A 536 9.19 24.50 10.80
N PHE A 537 10.08 24.10 9.88
CA PHE A 537 11.13 25.00 9.36
C PHE A 537 10.64 25.98 8.29
N GLY A 538 9.38 25.89 7.88
CA GLY A 538 8.76 26.89 7.00
C GLY A 538 8.74 26.53 5.53
N GLY A 539 9.10 25.30 5.20
CA GLY A 539 9.08 24.85 3.81
C GLY A 539 8.52 23.46 3.65
N PRO A 540 8.17 23.08 2.41
CA PRO A 540 7.63 21.76 2.16
C PRO A 540 8.69 20.67 2.26
N VAL A 541 8.27 19.48 2.66
CA VAL A 541 9.11 18.29 2.68
C VAL A 541 8.65 17.39 1.55
N PHE A 542 9.48 17.23 0.52
CA PHE A 542 9.08 16.45 -0.63
C PHE A 542 9.17 14.96 -0.33
N PRO A 543 8.12 14.19 -0.66
CA PRO A 543 8.01 12.78 -0.21
C PRO A 543 9.16 11.85 -0.65
N TRP A 544 9.67 12.05 -1.86
CA TRP A 544 10.81 11.28 -2.35
C TRP A 544 12.04 11.40 -1.44
N LEU A 545 12.21 12.56 -0.82
CA LEU A 545 13.38 12.82 0.01
C LEU A 545 13.28 12.35 1.46
N VAL A 546 12.16 11.73 1.83
CA VAL A 546 11.98 11.22 3.19
C VAL A 546 11.47 9.77 3.28
N LEU A 547 11.39 9.09 2.15
CA LEU A 547 10.90 7.70 2.11
C LEU A 547 11.73 6.90 1.14
N GLY A 548 11.90 5.61 1.42
CA GLY A 548 12.62 4.69 0.54
C GLY A 548 11.90 3.37 0.38
N GLY A 549 12.20 2.68 -0.72
CA GLY A 549 11.73 1.32 -0.98
C GLY A 549 10.27 1.17 -1.35
N TYR A 550 9.73 2.17 -2.04
CA TYR A 550 8.35 2.17 -2.49
C TYR A 550 8.38 2.05 -4.00
N ASP A 551 7.25 1.66 -4.57
CA ASP A 551 7.09 1.47 -6.02
C ASP A 551 6.37 2.67 -6.62
N ASP A 552 6.77 3.04 -7.85
CA ASP A 552 6.23 4.22 -8.54
C ASP A 552 6.15 5.43 -7.59
N GLN A 553 4.96 6.04 -7.42
CA GLN A 553 4.76 7.11 -6.44
C GLN A 553 3.78 6.68 -5.34
N ASN A 554 3.78 5.39 -5.03
CA ASN A 554 2.93 4.85 -3.97
C ASN A 554 3.70 4.94 -2.66
N TYR A 555 3.76 6.16 -2.13
CA TYR A 555 4.61 6.48 -0.97
C TYR A 555 4.19 5.69 0.27
N ASN A 556 2.89 5.40 0.35
CA ASN A 556 2.32 4.51 1.36
C ASN A 556 3.03 3.15 1.49
N ASN A 557 3.60 2.63 0.40
CA ASN A 557 4.31 1.33 0.43
C ASN A 557 5.78 1.41 0.79
N ALA A 558 6.20 2.52 1.42
CA ALA A 558 7.60 2.70 1.79
C ALA A 558 8.04 1.68 2.82
N THR A 559 9.25 1.16 2.64
CA THR A 559 9.88 0.25 3.61
C THR A 559 11.03 0.92 4.38
N ALA A 560 11.24 2.22 4.17
CA ALA A 560 12.27 2.96 4.90
C ALA A 560 11.93 4.43 5.01
N LEU A 561 12.31 5.03 6.13
CA LEU A 561 12.23 6.46 6.32
C LEU A 561 13.64 7.03 6.20
N VAL A 562 13.74 8.23 5.66
CA VAL A 562 15.00 8.94 5.54
C VAL A 562 14.84 10.25 6.30
N ILE A 563 15.78 10.55 7.19
CA ILE A 563 15.78 11.76 8.00
C ILE A 563 17.04 12.56 7.68
N THR A 564 16.89 13.85 7.34
CA THR A 564 18.00 14.66 6.88
C THR A 564 18.07 16.01 7.58
N PHE A 565 19.21 16.33 8.18
CA PHE A 565 19.48 17.60 8.86
C PHE A 565 20.57 18.33 8.07
N PRO A 566 20.24 19.44 7.40
CA PRO A 566 21.33 20.26 6.85
C PRO A 566 22.05 21.02 7.95
N VAL A 567 23.38 20.99 7.93
CA VAL A 567 24.23 21.79 8.85
C VAL A 567 25.30 22.54 8.05
N ASN A 568 25.71 23.70 8.58
CA ASN A 568 26.71 24.56 7.93
C ASN A 568 28.00 23.81 7.71
N ASN A 569 28.53 23.87 6.49
CA ASN A 569 29.89 23.34 6.26
C ASN A 569 30.97 24.29 6.76
N TYR A 570 30.67 25.59 6.88
CA TYR A 570 31.62 26.59 7.42
C TYR A 570 33.01 26.57 6.73
N TYR A 571 33.02 26.36 5.43
CA TYR A 571 34.26 26.33 4.63
C TYR A 571 35.23 27.51 4.85
N ASN A 572 34.69 28.67 5.21
CA ASN A 572 35.50 29.86 5.41
C ASN A 572 35.73 30.20 6.88
N ASP A 573 34.95 29.57 7.77
CA ASP A 573 35.08 29.84 9.19
C ASP A 573 35.60 28.61 9.93
N THR A 574 36.85 28.68 10.33
CA THR A 574 37.54 27.57 10.98
C THR A 574 37.03 27.31 12.40
N GLU A 575 36.82 28.37 13.18
CA GLU A 575 36.41 28.23 14.58
C GLU A 575 34.97 27.70 14.71
N LYS A 576 34.09 28.10 13.79
CA LYS A 576 32.70 27.63 13.78
C LYS A 576 32.58 26.21 13.20
N LEU A 577 33.47 25.85 12.29
CA LEU A 577 33.48 24.50 11.72
C LEU A 577 33.87 23.45 12.76
N GLN A 578 34.88 23.79 13.56
CA GLN A 578 35.31 22.93 14.66
C GLN A 578 34.16 22.66 15.64
N ARG A 579 33.36 23.69 15.95
CA ARG A 579 32.18 23.52 16.80
C ARG A 579 31.16 22.58 16.15
N ALA A 580 30.92 22.75 14.85
CA ALA A 580 29.99 21.87 14.12
C ALA A 580 30.47 20.41 14.09
N GLN A 581 31.77 20.23 13.92
CA GLN A 581 32.39 18.91 13.94
C GLN A 581 32.33 18.25 15.31
N ALA A 582 32.41 19.07 16.37
CA ALA A 582 32.22 18.58 17.73
C ALA A 582 30.80 18.05 17.91
N TRP A 583 29.82 18.79 17.39
CA TRP A 583 28.42 18.36 17.42
C TRP A 583 28.23 17.06 16.63
N GLU A 584 28.82 17.00 15.44
CA GLU A 584 28.73 15.80 14.62
C GLU A 584 29.21 14.56 15.36
N LYS A 585 30.34 14.69 16.07
CA LYS A 585 30.89 13.58 16.84
C LYS A 585 29.91 13.08 17.87
N GLU A 586 29.24 14.00 18.57
CA GLU A 586 28.18 13.62 19.51
C GLU A 586 26.98 12.96 18.82
N PHE A 587 26.61 13.48 17.64
CA PHE A 587 25.53 12.91 16.82
C PHE A 587 25.83 11.46 16.43
N ILE A 588 27.05 11.21 15.98
CA ILE A 588 27.46 9.87 15.61
C ILE A 588 27.38 8.92 16.81
N ASN A 589 27.86 9.40 17.96
CA ASN A 589 27.79 8.64 19.21
C ASN A 589 26.39 8.34 19.66
N PHE A 590 25.53 9.35 19.58
CA PHE A 590 24.14 9.19 19.95
C PHE A 590 23.48 8.09 19.11
N VAL A 591 23.67 8.15 17.80
CA VAL A 591 23.06 7.19 16.88
C VAL A 591 23.62 5.79 17.11
N LYS A 592 24.93 5.68 17.27
CA LYS A 592 25.57 4.39 17.49
C LYS A 592 25.04 3.67 18.74
N ASN A 593 24.85 4.43 19.81
CA ASN A 593 24.39 3.88 21.08
C ASN A 593 22.87 3.88 21.28
N TYR A 594 22.09 4.35 20.31
CA TYR A 594 20.64 4.42 20.48
C TYR A 594 20.05 3.02 20.49
N LYS A 595 19.27 2.71 21.53
CA LYS A 595 18.70 1.38 21.73
C LYS A 595 17.21 1.42 21.43
N ASN A 596 16.82 0.71 20.38
CA ASN A 596 15.43 0.42 20.14
C ASN A 596 15.35 -0.81 19.25
N PRO A 597 14.87 -1.95 19.79
CA PRO A 597 14.73 -3.16 18.98
C PRO A 597 13.81 -2.99 17.76
N ASN A 598 12.85 -2.07 17.84
CA ASN A 598 11.89 -1.83 16.75
C ASN A 598 12.46 -1.09 15.53
N LEU A 599 13.63 -0.46 15.65
CA LEU A 599 14.21 0.34 14.57
C LEU A 599 15.61 -0.12 14.26
N THR A 600 15.94 -0.23 12.97
CA THR A 600 17.35 -0.27 12.57
C THR A 600 17.68 1.09 11.97
N ILE A 601 18.64 1.78 12.59
CA ILE A 601 19.07 3.12 12.21
C ILE A 601 20.45 3.03 11.56
N SER A 602 20.71 3.67 10.39
CA SER A 602 22.06 3.69 9.66
C SER A 602 22.56 5.06 9.03
N PHE A 603 23.83 5.31 8.70
CA PHE A 603 24.52 6.60 8.84
C PHE A 603 24.80 7.56 7.67
N THR A 604 24.56 8.85 7.90
CA THR A 604 25.35 9.96 7.37
C THR A 604 25.89 10.84 8.48
N ALA A 605 27.03 11.49 8.23
CA ALA A 605 27.62 12.38 9.23
C ALA A 605 28.76 13.20 8.63
N GLU A 606 29.99 12.76 8.84
CA GLU A 606 31.16 13.44 8.33
C GLU A 606 32.45 12.72 8.72
N ARG A 607 32.54 12.32 9.99
CA ARG A 607 33.72 11.62 10.49
C ARG A 607 33.77 10.19 9.95
N SER A 608 32.59 9.58 9.80
CA SER A 608 32.51 8.21 9.29
C SER A 608 33.40 8.02 8.07
N ILE A 609 33.45 9.04 7.23
CA ILE A 609 34.28 9.00 6.02
C ILE A 609 35.67 9.56 6.27
N GLU A 610 35.75 10.48 7.23
CA GLU A 610 37.03 11.11 7.57
C GLU A 610 37.65 10.44 8.79
N ASP A 611 36.82 9.89 9.66
CA ASP A 611 37.29 9.21 10.86
C ASP A 611 37.67 7.77 10.58
N GLU A 612 36.95 7.15 9.65
CA GLU A 612 37.21 5.77 9.27
C GLU A 612 38.58 5.62 8.61
N LEU A 613 38.87 6.52 7.67
CA LEU A 613 40.15 6.49 6.97
C LEU A 613 41.32 6.76 7.92
N ASN A 614 41.09 7.68 8.86
CA ASN A 614 42.11 8.03 9.85
C ASN A 614 42.09 7.10 11.05
N ARG A 615 41.02 6.31 11.16
CA ARG A 615 40.88 5.37 12.26
C ARG A 615 41.26 3.95 11.84
N GLU A 616 40.96 3.62 10.59
CA GLU A 616 41.26 2.30 10.05
C GLU A 616 42.70 2.22 9.56
N SER A 617 43.06 3.13 8.66
CA SER A 617 44.41 3.17 8.11
C SER A 617 45.45 3.37 9.21
N ASP A 618 45.76 2.30 9.93
CA ASP A 618 46.73 2.35 11.01
C ASP A 618 47.30 0.98 11.31
N SER A 619 46.43 0.05 11.68
CA SER A 619 46.85 -1.32 11.99
C SER A 619 47.75 -1.89 10.90
N ASP A 620 47.28 -1.80 9.65
CA ASP A 620 48.02 -2.31 8.51
C ASP A 620 49.46 -1.79 8.52
N VAL A 621 49.66 -0.63 9.12
CA VAL A 621 50.98 -0.02 9.20
C VAL A 621 51.99 -1.00 9.80
N PHE A 622 51.58 -1.67 10.88
CA PHE A 622 52.44 -2.64 11.55
C PHE A 622 52.85 -3.75 10.58
N THR A 623 51.99 -4.03 9.61
CA THR A 623 52.27 -5.05 8.61
C THR A 623 53.43 -4.64 7.72
N VAL A 624 53.22 -3.59 6.94
CA VAL A 624 54.25 -3.07 6.04
C VAL A 624 55.53 -2.77 6.82
N VAL A 625 55.38 -2.05 7.92
CA VAL A 625 56.53 -1.71 8.77
C VAL A 625 57.36 -2.96 9.02
N ILE A 626 56.72 -3.99 9.55
CA ILE A 626 57.40 -5.25 9.83
C ILE A 626 58.11 -5.74 8.59
N SER A 627 57.36 -5.91 7.51
CA SER A 627 57.92 -6.39 6.24
C SER A 627 59.14 -5.57 5.82
N TYR A 628 59.07 -4.26 6.02
CA TYR A 628 60.17 -3.37 5.68
C TYR A 628 61.42 -3.72 6.46
N ALA A 629 61.25 -4.09 7.73
CA ALA A 629 62.36 -4.45 8.58
C ALA A 629 62.98 -5.77 8.13
N ILE A 630 62.14 -6.80 8.01
CA ILE A 630 62.61 -8.11 7.60
C ILE A 630 63.32 -8.07 6.24
N MET A 631 62.92 -7.14 5.39
CA MET A 631 63.52 -6.99 4.07
C MET A 631 64.88 -6.31 4.13
N PHE A 632 64.92 -5.16 4.79
CA PHE A 632 66.16 -4.41 4.95
C PHE A 632 67.20 -5.27 5.66
N LEU A 633 66.71 -6.23 6.45
CA LEU A 633 67.58 -7.15 7.18
C LEU A 633 68.33 -8.04 6.19
N TYR A 634 67.60 -8.64 5.26
CA TYR A 634 68.20 -9.51 4.26
C TYR A 634 69.18 -8.70 3.42
N ILE A 635 68.69 -7.60 2.85
CA ILE A 635 69.53 -6.73 2.02
C ILE A 635 70.77 -6.29 2.81
N SER A 636 70.70 -6.43 4.13
CA SER A 636 71.81 -6.05 4.99
C SER A 636 72.78 -7.21 5.05
N LEU A 637 72.24 -8.41 5.29
CA LEU A 637 73.06 -9.62 5.38
C LEU A 637 73.76 -9.92 4.06
N ALA A 638 73.01 -9.77 2.97
CA ALA A 638 73.53 -10.05 1.64
C ALA A 638 75.01 -9.70 1.53
N LEU A 639 75.30 -8.50 1.04
CA LEU A 639 76.67 -8.06 0.82
C LEU A 639 77.47 -7.95 2.12
N GLY A 640 77.76 -6.73 2.55
CA GLY A 640 78.57 -6.51 3.75
C GLY A 640 78.16 -7.42 4.90
N HIS A 641 76.93 -7.91 4.85
CA HIS A 641 76.41 -8.75 5.92
C HIS A 641 76.71 -8.10 7.27
N MET A 642 77.92 -8.31 7.77
CA MET A 642 78.32 -7.73 9.05
C MET A 642 77.78 -6.32 9.22
N LYS A 643 78.50 -5.50 9.98
CA LYS A 643 78.10 -4.12 10.21
C LYS A 643 78.85 -3.16 9.29
N SER A 644 78.94 -3.54 8.01
CA SER A 644 79.62 -2.71 7.03
C SER A 644 78.65 -2.14 6.01
N CYS A 645 77.78 -3.01 5.49
CA CYS A 645 76.79 -2.59 4.49
C CYS A 645 75.54 -2.02 5.18
N ARG A 646 75.15 -2.62 6.28
CA ARG A 646 73.98 -2.17 7.01
C ARG A 646 73.97 -0.66 7.17
N ARG A 647 75.02 -0.12 7.79
CA ARG A 647 75.14 1.31 7.99
C ARG A 647 74.77 2.09 6.73
N LEU A 648 75.46 1.80 5.64
CA LEU A 648 75.21 2.46 4.37
C LEU A 648 73.72 2.54 4.07
N LEU A 649 73.13 1.40 3.77
CA LEU A 649 71.70 1.32 3.46
C LEU A 649 70.89 2.26 4.36
N VAL A 650 70.82 1.91 5.64
CA VAL A 650 70.10 2.74 6.60
C VAL A 650 70.29 4.21 6.30
N ASP A 651 71.51 4.58 5.91
CA ASP A 651 71.82 5.95 5.55
C ASP A 651 71.30 6.28 4.15
N SER A 652 71.38 5.29 3.26
CA SER A 652 70.90 5.44 1.90
C SER A 652 69.38 5.66 1.89
N LYS A 653 68.67 4.76 2.54
CA LYS A 653 67.21 4.87 2.64
C LYS A 653 66.82 6.17 3.32
N VAL A 654 67.55 6.53 4.36
CA VAL A 654 67.32 7.77 5.09
C VAL A 654 67.62 8.98 4.21
N SER A 655 68.74 8.93 3.51
CA SER A 655 69.16 10.02 2.63
C SER A 655 68.08 10.33 1.60
N LEU A 656 67.60 9.29 0.91
CA LEU A 656 66.57 9.45 -0.10
C LEU A 656 65.28 9.98 0.52
N GLY A 657 64.87 9.38 1.62
CA GLY A 657 63.65 9.79 2.31
C GLY A 657 63.80 11.17 2.92
N ILE A 658 64.93 11.38 3.61
CA ILE A 658 65.21 12.67 4.24
C ILE A 658 65.38 13.78 3.20
N ALA A 659 66.14 13.48 2.16
CA ALA A 659 66.38 14.43 1.10
C ALA A 659 65.08 14.81 0.42
N GLY A 660 64.24 13.81 0.17
CA GLY A 660 62.94 14.05 -0.46
C GLY A 660 62.15 15.07 0.35
N ILE A 661 61.98 14.78 1.63
CA ILE A 661 61.23 15.66 2.53
C ILE A 661 61.80 17.08 2.49
N LEU A 662 63.12 17.19 2.39
CA LEU A 662 63.78 18.48 2.35
C LEU A 662 63.51 19.19 1.03
N ILE A 663 63.58 18.44 -0.07
CA ILE A 663 63.34 18.99 -1.40
C ILE A 663 61.90 19.49 -1.53
N VAL A 664 60.99 18.84 -0.82
CA VAL A 664 59.58 19.22 -0.86
C VAL A 664 59.30 20.39 0.07
N LEU A 665 60.00 20.42 1.20
CA LEU A 665 59.83 21.50 2.17
C LEU A 665 60.15 22.85 1.56
N SER A 666 60.92 22.85 0.49
CA SER A 666 61.30 24.08 -0.20
C SER A 666 60.23 24.51 -1.19
N SER A 667 59.05 23.89 -1.10
CA SER A 667 57.94 24.21 -1.99
C SER A 667 56.60 23.96 -1.32
N VAL A 668 56.62 23.21 -0.22
CA VAL A 668 55.41 22.89 0.52
C VAL A 668 54.60 21.82 -0.20
N ALA A 669 54.33 20.73 0.52
CA ALA A 669 53.57 19.62 -0.04
C ALA A 669 53.45 18.47 0.96
N CYS A 670 52.58 17.52 0.66
CA CYS A 670 52.38 16.36 1.53
C CYS A 670 51.37 15.39 0.93
N SER A 671 51.28 14.20 1.51
CA SER A 671 50.31 13.14 1.02
C SER A 671 50.26 11.69 1.70
N LEU A 672 49.24 10.90 1.36
CA LEU A 672 49.09 9.56 1.91
C LEU A 672 49.98 8.56 1.17
N GLY A 673 49.59 8.24 -0.06
CA GLY A 673 50.34 7.29 -0.88
C GLY A 673 51.78 7.73 -1.04
N VAL A 674 52.04 9.01 -0.76
CA VAL A 674 53.39 9.56 -0.87
C VAL A 674 54.36 8.84 0.05
N PHE A 675 53.84 7.89 0.82
CA PHE A 675 54.66 7.12 1.75
C PHE A 675 55.04 5.77 1.17
N SER A 676 54.05 5.05 0.68
CA SER A 676 54.27 3.75 0.07
C SER A 676 55.25 3.88 -1.09
N TYR A 677 55.23 5.04 -1.73
CA TYR A 677 56.14 5.32 -2.83
C TYR A 677 57.54 5.64 -2.31
N ILE A 678 57.62 6.49 -1.30
CA ILE A 678 58.89 6.85 -0.71
C ILE A 678 59.67 5.65 -0.22
N GLY A 679 58.99 4.76 0.50
CA GLY A 679 59.62 3.56 1.03
C GLY A 679 60.00 2.59 -0.07
N LEU A 680 59.00 2.08 -0.77
CA LEU A 680 59.24 1.13 -1.87
C LEU A 680 60.12 1.75 -2.94
N PRO A 681 60.02 3.06 -3.09
CA PRO A 681 60.85 3.78 -4.07
C PRO A 681 62.31 3.72 -3.69
N LEU A 682 62.60 3.78 -2.39
CA LEU A 682 63.97 3.72 -1.90
C LEU A 682 64.69 2.50 -2.45
N THR A 683 63.92 1.47 -2.79
CA THR A 683 64.48 0.24 -3.33
C THR A 683 65.43 0.52 -4.49
N LEU A 684 65.01 1.40 -5.39
CA LEU A 684 65.83 1.77 -6.54
C LEU A 684 67.24 2.12 -6.11
N ILE A 685 67.37 2.88 -5.04
CA ILE A 685 68.67 3.28 -4.52
C ILE A 685 69.41 2.10 -3.91
N VAL A 686 68.68 1.26 -3.20
CA VAL A 686 69.26 0.08 -2.56
C VAL A 686 69.62 -0.98 -3.59
N ILE A 687 68.68 -1.26 -4.49
CA ILE A 687 68.90 -2.26 -5.53
C ILE A 687 70.20 -1.98 -6.28
N GLU A 688 70.22 -0.89 -7.04
CA GLU A 688 71.41 -0.51 -7.80
C GLU A 688 72.62 -0.38 -6.88
N VAL A 689 72.39 0.16 -5.68
CA VAL A 689 73.47 0.32 -4.71
C VAL A 689 73.89 -1.01 -4.11
N ILE A 690 72.94 -1.94 -4.03
CA ILE A 690 73.20 -3.27 -3.49
C ILE A 690 73.88 -4.16 -4.52
N PRO A 691 73.86 -3.67 -5.85
CA PRO A 691 74.52 -4.57 -6.81
C PRO A 691 75.93 -4.10 -7.14
N PHE A 692 76.15 -2.79 -7.08
CA PHE A 692 77.46 -2.21 -7.37
C PHE A 692 78.50 -2.70 -6.38
N LEU A 693 78.11 -2.76 -5.10
CA LEU A 693 79.01 -3.22 -4.05
C LEU A 693 79.24 -4.72 -4.13
N VAL A 694 78.18 -5.46 -4.45
CA VAL A 694 78.25 -6.91 -4.58
C VAL A 694 79.17 -7.31 -5.74
N LEU A 695 79.05 -6.59 -6.84
CA LEU A 695 79.87 -6.86 -8.02
C LEU A 695 81.36 -6.71 -7.70
N ALA A 696 81.70 -5.64 -7.00
CA ALA A 696 83.08 -5.39 -6.63
C ALA A 696 83.57 -6.49 -5.69
N VAL A 697 82.66 -6.99 -4.86
CA VAL A 697 82.98 -8.05 -3.92
C VAL A 697 83.42 -9.28 -4.71
N GLY A 698 82.77 -9.50 -5.86
CA GLY A 698 83.10 -10.63 -6.71
C GLY A 698 84.39 -10.39 -7.49
N VAL A 699 85.00 -9.23 -7.26
CA VAL A 699 86.23 -8.87 -7.95
C VAL A 699 87.46 -9.41 -7.22
N ASP A 700 88.60 -9.40 -7.90
CA ASP A 700 89.85 -9.89 -7.32
C ASP A 700 90.94 -10.02 -8.39
N ASN A 701 91.77 -8.99 -8.49
CA ASN A 701 92.85 -8.99 -9.48
C ASN A 701 94.11 -8.35 -8.90
N ILE A 702 95.04 -7.99 -9.78
CA ILE A 702 96.29 -7.38 -9.36
C ILE A 702 96.10 -5.93 -8.95
N PHE A 703 95.39 -5.72 -7.85
CA PHE A 703 95.13 -4.37 -7.35
C PHE A 703 94.08 -4.39 -6.25
N ILE A 704 94.09 -3.37 -5.40
CA ILE A 704 93.15 -3.28 -4.30
C ILE A 704 93.07 -1.85 -3.75
N LEU A 705 91.85 -1.33 -3.64
CA LEU A 705 91.64 0.02 -3.13
C LEU A 705 92.02 1.06 -4.17
N VAL A 706 93.30 1.11 -4.52
CA VAL A 706 93.79 2.06 -5.50
C VAL A 706 92.99 1.99 -6.80
N GLN A 707 93.47 1.20 -7.75
CA GLN A 707 92.81 1.03 -9.03
C GLN A 707 91.79 -0.11 -8.98
N ALA A 708 91.88 -0.92 -7.94
CA ALA A 708 90.97 -2.06 -7.77
C ALA A 708 89.55 -1.58 -7.48
N TYR A 709 89.42 -0.34 -7.04
CA TYR A 709 88.12 0.24 -6.73
C TYR A 709 87.59 1.08 -7.88
N GLN A 710 88.50 1.75 -8.58
CA GLN A 710 88.13 2.59 -9.72
C GLN A 710 87.93 1.77 -10.98
N ARG A 711 88.55 0.59 -11.01
CA ARG A 711 88.45 -0.30 -12.17
C ARG A 711 87.20 -1.18 -12.06
N ASP A 712 86.67 -1.30 -10.86
CA ASP A 712 85.48 -2.11 -10.62
C ASP A 712 84.24 -1.23 -10.39
N GLU A 713 84.48 0.04 -10.09
CA GLU A 713 83.39 0.98 -9.85
C GLU A 713 83.08 1.79 -11.11
N ARG A 714 84.05 2.58 -11.56
CA ARG A 714 83.87 3.40 -12.75
C ARG A 714 83.80 2.54 -14.00
N LEU A 715 83.63 1.23 -13.82
CA LEU A 715 83.56 0.30 -14.94
C LEU A 715 82.14 -0.23 -15.10
N GLN A 716 81.49 -0.54 -14.00
CA GLN A 716 80.13 -1.06 -14.01
C GLN A 716 79.16 -0.10 -13.34
N GLY A 717 79.64 0.62 -12.34
CA GLY A 717 78.82 1.57 -11.61
C GLY A 717 78.71 2.90 -12.33
N GLU A 718 79.74 3.24 -13.10
CA GLU A 718 79.77 4.50 -13.85
C GLU A 718 78.65 4.54 -14.89
N THR A 719 78.70 3.61 -15.85
CA THR A 719 77.69 3.54 -16.89
C THR A 719 76.32 3.19 -16.33
N LEU A 720 76.20 1.99 -15.78
CA LEU A 720 74.94 1.54 -15.20
C LEU A 720 74.32 2.62 -14.32
N ASP A 721 74.96 2.90 -13.20
CA ASP A 721 74.48 3.92 -12.26
C ASP A 721 74.13 5.21 -13.00
N GLN A 722 75.05 5.66 -13.84
CA GLN A 722 74.86 6.89 -14.60
C GLN A 722 73.56 6.82 -15.41
N GLN A 723 73.28 5.65 -15.98
CA GLN A 723 72.08 5.45 -16.77
C GLN A 723 70.88 5.19 -15.87
N LEU A 724 71.10 4.48 -14.77
CA LEU A 724 70.04 4.16 -13.84
C LEU A 724 69.52 5.43 -13.16
N GLY A 725 70.43 6.30 -12.76
CA GLY A 725 70.07 7.55 -12.10
C GLY A 725 69.25 8.44 -13.00
N ARG A 726 69.60 8.47 -14.28
CA ARG A 726 68.89 9.29 -15.26
C ARG A 726 67.49 8.75 -15.52
N VAL A 727 67.42 7.47 -15.89
CA VAL A 727 66.14 6.83 -16.17
C VAL A 727 65.17 7.02 -15.02
N LEU A 728 65.70 7.16 -13.81
CA LEU A 728 64.87 7.35 -12.63
C LEU A 728 64.45 8.81 -12.48
N GLY A 729 65.39 9.73 -12.70
CA GLY A 729 65.11 11.15 -12.59
C GLY A 729 64.17 11.61 -13.70
N GLU A 730 64.18 10.90 -14.83
CA GLU A 730 63.33 11.24 -15.96
C GLU A 730 61.87 10.86 -15.68
N VAL A 731 61.67 9.83 -14.87
CA VAL A 731 60.34 9.37 -14.52
C VAL A 731 59.75 10.20 -13.39
N ALA A 732 60.60 10.62 -12.45
CA ALA A 732 60.17 11.41 -11.32
C ALA A 732 60.36 12.90 -11.58
N PRO A 733 61.39 13.23 -12.36
CA PRO A 733 61.68 14.62 -12.70
C PRO A 733 60.57 15.23 -13.55
N SER A 734 60.42 14.73 -14.77
CA SER A 734 59.40 15.23 -15.68
C SER A 734 58.00 15.01 -15.12
N MET A 735 57.93 14.60 -13.86
CA MET A 735 56.66 14.35 -13.20
C MET A 735 55.91 15.65 -12.94
N PHE A 736 56.42 16.74 -13.50
CA PHE A 736 55.81 18.06 -13.32
C PHE A 736 54.45 18.23 -13.99
N LEU A 737 53.88 17.15 -14.50
CA LEU A 737 52.72 17.18 -15.36
C LEU A 737 51.55 17.88 -14.68
N SER A 738 50.35 17.68 -15.22
CA SER A 738 49.15 18.28 -14.68
C SER A 738 48.22 17.24 -14.07
N SER A 739 48.02 17.33 -12.75
CA SER A 739 47.15 16.39 -12.04
C SER A 739 47.29 16.56 -10.53
N PHE A 740 47.07 15.47 -9.81
CA PHE A 740 47.17 15.48 -8.36
C PHE A 740 48.11 14.39 -7.85
N SER A 741 49.32 14.35 -8.40
CA SER A 741 50.31 13.36 -8.02
C SER A 741 51.73 13.84 -8.31
N GLU A 742 51.82 14.97 -9.01
CA GLU A 742 53.12 15.53 -9.35
C GLU A 742 53.97 15.78 -8.11
N THR A 743 53.31 16.14 -7.02
CA THR A 743 54.00 16.41 -5.75
C THR A 743 54.79 15.19 -5.30
N VAL A 744 54.07 14.16 -4.88
CA VAL A 744 54.71 12.93 -4.41
C VAL A 744 55.72 12.40 -5.43
N ALA A 745 55.37 12.51 -6.70
CA ALA A 745 56.24 12.05 -7.78
C ALA A 745 57.58 12.79 -7.75
N PHE A 746 57.58 14.00 -8.28
CA PHE A 746 58.78 14.83 -8.33
C PHE A 746 59.62 14.68 -7.05
N PHE A 747 58.99 14.89 -5.91
CA PHE A 747 59.69 14.82 -4.62
C PHE A 747 60.54 13.56 -4.55
N LEU A 748 59.98 12.44 -5.01
CA LEU A 748 60.71 11.19 -4.99
C LEU A 748 61.79 11.17 -6.07
N GLY A 749 61.45 11.67 -7.26
CA GLY A 749 62.39 11.72 -8.37
C GLY A 749 63.58 12.60 -8.00
N ALA A 750 63.30 13.71 -7.34
CA ALA A 750 64.36 14.61 -6.91
C ALA A 750 65.22 13.82 -5.93
N LEU A 751 64.57 13.22 -4.93
CA LEU A 751 65.27 12.39 -3.96
C LEU A 751 66.09 11.32 -4.66
N SER A 752 65.82 11.13 -5.95
CA SER A 752 66.53 10.16 -6.75
C SER A 752 67.96 10.45 -7.21
N VAL A 753 68.15 11.61 -7.83
CA VAL A 753 69.47 12.15 -8.12
C VAL A 753 70.25 12.34 -6.82
N MET A 754 69.57 12.84 -5.80
CA MET A 754 70.17 13.03 -4.48
C MET A 754 70.71 11.70 -3.98
N PRO A 755 69.81 10.71 -3.89
CA PRO A 755 70.19 9.38 -3.42
C PRO A 755 71.30 8.85 -4.31
N ALA A 756 71.29 9.26 -5.58
CA ALA A 756 72.30 8.83 -6.53
C ALA A 756 73.65 9.45 -6.17
N VAL A 757 73.68 10.78 -6.11
CA VAL A 757 74.91 11.49 -5.77
C VAL A 757 75.41 11.08 -4.39
N HIS A 758 74.50 10.64 -3.53
CA HIS A 758 74.84 10.22 -2.18
C HIS A 758 75.69 8.96 -2.21
N THR A 759 75.09 7.85 -2.62
CA THR A 759 75.79 6.57 -2.69
C THR A 759 77.02 6.66 -3.60
N PHE A 760 77.23 7.84 -4.18
CA PHE A 760 78.36 8.07 -5.07
C PHE A 760 79.68 7.75 -4.37
N SER A 761 80.18 8.72 -3.62
CA SER A 761 81.43 8.56 -2.89
C SER A 761 81.19 8.13 -1.45
N LEU A 762 79.95 8.28 -1.00
CA LEU A 762 79.58 7.90 0.36
C LEU A 762 79.59 6.39 0.54
N PHE A 763 78.84 5.69 -0.31
CA PHE A 763 78.76 4.23 -0.25
C PHE A 763 80.08 3.59 -0.65
N ALA A 764 80.53 3.88 -1.87
CA ALA A 764 81.77 3.34 -2.38
C ALA A 764 82.92 3.58 -1.41
N GLY A 765 83.16 4.85 -1.10
CA GLY A 765 84.23 5.22 -0.18
C GLY A 765 84.08 4.50 1.16
N LEU A 766 82.90 4.62 1.76
CA LEU A 766 82.64 3.97 3.04
C LEU A 766 82.85 2.47 2.90
N ALA A 767 82.21 1.89 1.89
CA ALA A 767 82.32 0.46 1.62
C ALA A 767 83.79 0.05 1.46
N VAL A 768 84.57 0.93 0.85
CA VAL A 768 85.99 0.67 0.63
C VAL A 768 86.80 0.96 1.89
N PHE A 769 86.69 2.19 2.39
CA PHE A 769 87.40 2.60 3.58
C PHE A 769 87.31 1.53 4.67
N ILE A 770 86.14 0.93 4.81
CA ILE A 770 85.92 -0.10 5.81
C ILE A 770 85.98 -1.50 5.18
N ASP A 771 85.58 -1.59 3.92
CA ASP A 771 85.59 -2.86 3.21
C ASP A 771 86.94 -3.56 3.34
N PHE A 772 87.99 -2.77 3.50
CA PHE A 772 89.34 -3.31 3.63
C PHE A 772 89.77 -3.35 5.10
N ALA A 804 84.07 -15.95 10.01
CA ALA A 804 82.74 -16.47 9.71
C ALA A 804 82.05 -15.61 8.65
N GLU A 805 82.09 -14.30 8.84
CA GLU A 805 81.48 -13.37 7.90
C GLU A 805 82.03 -13.55 6.50
N ASP A 806 83.35 -13.62 6.39
CA ASP A 806 84.01 -13.79 5.10
C ASP A 806 83.53 -15.06 4.41
N GLY A 807 83.48 -16.16 5.15
CA GLY A 807 83.05 -17.44 4.60
C GLY A 807 81.63 -17.33 4.03
N THR A 808 80.74 -16.73 4.80
CA THR A 808 79.35 -16.57 4.38
C THR A 808 79.26 -15.81 3.06
N SER A 809 79.99 -14.70 2.98
CA SER A 809 80.00 -13.87 1.77
C SER A 809 80.44 -14.68 0.55
N VAL A 810 81.51 -15.43 0.70
CA VAL A 810 82.04 -16.25 -0.38
C VAL A 810 80.99 -17.24 -0.88
N GLN A 811 80.34 -17.92 0.05
CA GLN A 811 79.31 -18.90 -0.30
C GLN A 811 78.19 -18.25 -1.11
N ALA A 812 77.72 -17.10 -0.66
CA ALA A 812 76.64 -16.38 -1.35
C ALA A 812 77.06 -16.07 -2.79
N SER A 813 78.27 -15.56 -2.90
CA SER A 813 78.87 -15.20 -4.19
C SER A 813 78.91 -16.41 -5.11
N GLU A 814 79.38 -17.50 -4.54
CA GLU A 814 79.49 -18.79 -5.25
C GLU A 814 78.12 -19.22 -5.80
N SER A 815 77.15 -19.11 -4.91
CA SER A 815 75.75 -19.47 -5.23
C SER A 815 75.26 -18.65 -6.42
N CYS A 816 75.53 -17.35 -6.33
CA CYS A 816 75.15 -16.38 -7.36
C CYS A 816 75.74 -16.79 -8.71
N LEU A 817 77.03 -17.10 -8.65
CA LEU A 817 77.81 -17.52 -9.83
C LEU A 817 77.16 -18.74 -10.47
N PHE A 818 76.83 -19.70 -9.62
CA PHE A 818 76.19 -20.96 -10.03
C PHE A 818 74.88 -20.67 -10.77
N ARG A 819 74.10 -19.79 -10.15
CA ARG A 819 72.80 -19.37 -10.69
C ARG A 819 72.97 -18.79 -12.09
N PHE A 820 73.96 -17.92 -12.20
CA PHE A 820 74.29 -17.23 -13.45
C PHE A 820 74.62 -18.26 -14.54
N PHE A 821 75.44 -19.22 -14.15
CA PHE A 821 75.88 -20.31 -15.03
C PHE A 821 74.67 -21.07 -15.55
N LYS A 822 73.78 -21.39 -14.63
CA LYS A 822 72.54 -22.13 -14.91
C LYS A 822 71.72 -21.36 -15.95
N ASN A 823 71.59 -20.08 -15.70
CA ASN A 823 70.83 -19.16 -16.57
C ASN A 823 71.40 -19.20 -17.98
N SER A 824 72.72 -19.11 -18.04
CA SER A 824 73.47 -19.11 -19.30
C SER A 824 73.17 -20.41 -20.08
N TYR A 825 73.22 -21.50 -19.34
CA TYR A 825 72.97 -22.84 -19.89
C TYR A 825 71.58 -22.90 -20.50
N SER A 826 70.63 -22.39 -19.74
CA SER A 826 69.21 -22.34 -20.15
C SER A 826 69.06 -21.57 -21.46
N PRO A 827 69.71 -20.41 -21.54
CA PRO A 827 69.66 -19.58 -22.73
C PRO A 827 70.42 -20.23 -23.89
N LEU A 828 71.42 -21.03 -23.55
CA LEU A 828 72.23 -21.71 -24.56
C LEU A 828 71.38 -22.68 -25.39
N LEU A 829 70.62 -23.54 -24.69
CA LEU A 829 69.76 -24.51 -25.36
C LEU A 829 68.96 -23.86 -26.48
N LEU A 830 67.81 -23.29 -26.11
CA LEU A 830 66.94 -22.64 -27.08
C LEU A 830 65.63 -22.20 -26.44
N LYS A 831 65.49 -20.89 -26.24
CA LYS A 831 64.28 -20.35 -25.64
C LYS A 831 63.43 -19.61 -26.67
N ASP A 832 63.42 -20.13 -27.90
CA ASP A 832 62.64 -19.52 -28.97
C ASP A 832 61.15 -19.83 -28.84
N TRP A 833 60.84 -21.08 -28.48
CA TRP A 833 59.47 -21.50 -28.32
C TRP A 833 58.79 -20.78 -27.16
N MET A 834 59.43 -20.82 -25.99
CA MET A 834 58.91 -20.17 -24.80
C MET A 834 58.88 -18.65 -24.98
N ARG A 835 59.87 -18.11 -25.68
CA ARG A 835 59.93 -16.68 -25.93
C ARG A 835 58.70 -16.26 -26.72
N PRO A 836 58.30 -17.10 -27.68
CA PRO A 836 57.12 -16.81 -28.49
C PRO A 836 55.89 -16.91 -27.60
N ILE A 837 55.89 -17.87 -26.69
CA ILE A 837 54.78 -18.06 -25.77
C ILE A 837 54.68 -16.81 -24.88
N VAL A 838 55.82 -16.31 -24.45
CA VAL A 838 55.87 -15.11 -23.62
C VAL A 838 55.23 -13.96 -24.38
N ILE A 839 55.56 -13.85 -25.65
CA ILE A 839 55.01 -12.79 -26.50
C ILE A 839 53.48 -12.91 -26.49
N ALA A 840 52.99 -14.15 -26.59
CA ALA A 840 51.57 -14.41 -26.59
C ALA A 840 50.95 -13.86 -25.30
N ILE A 841 51.57 -14.19 -24.17
CA ILE A 841 51.09 -13.72 -22.87
C ILE A 841 50.96 -12.21 -22.87
N PHE A 842 51.96 -11.53 -23.43
CA PHE A 842 51.95 -10.08 -23.50
C PHE A 842 50.84 -9.61 -24.44
N VAL A 843 50.67 -10.30 -25.55
CA VAL A 843 49.63 -9.96 -26.51
C VAL A 843 48.27 -10.09 -25.86
N GLY A 844 47.98 -11.28 -25.34
CA GLY A 844 46.70 -11.54 -24.67
C GLY A 844 46.43 -10.51 -23.57
N VAL A 845 47.50 -10.11 -22.88
CA VAL A 845 47.39 -9.14 -21.80
C VAL A 845 46.97 -7.77 -22.32
N LEU A 846 47.56 -7.35 -23.42
CA LEU A 846 47.26 -6.06 -24.03
C LEU A 846 45.80 -6.00 -24.46
N SER A 847 45.31 -7.08 -25.07
CA SER A 847 43.93 -7.15 -25.53
C SER A 847 42.96 -7.24 -24.37
N PHE A 848 43.36 -7.97 -23.33
CA PHE A 848 42.53 -8.15 -22.14
C PHE A 848 42.58 -6.93 -21.23
N SER A 849 43.70 -6.21 -21.29
CA SER A 849 43.89 -5.02 -20.47
C SER A 849 43.38 -3.77 -21.19
N ILE A 850 43.46 -3.78 -22.51
CA ILE A 850 43.00 -2.66 -23.31
C ILE A 850 41.50 -2.73 -23.57
N ALA A 851 40.94 -3.92 -23.41
CA ALA A 851 39.51 -4.12 -23.62
C ALA A 851 38.77 -4.30 -22.31
N VAL A 852 39.44 -3.89 -21.21
CA VAL A 852 38.77 -3.52 -19.92
C VAL A 852 39.17 -2.13 -19.32
N LEU A 853 38.43 -1.66 -18.30
CA LEU A 853 38.72 -0.38 -17.68
C LEU A 853 37.75 -0.11 -16.53
N ASN A 854 37.94 1.04 -15.87
CA ASN A 854 37.08 1.41 -14.74
C ASN A 854 37.61 2.66 -14.05
N LYS A 855 36.72 3.39 -13.39
CA LYS A 855 37.09 4.60 -12.68
C LYS A 855 37.67 4.28 -11.29
N VAL A 856 36.80 4.26 -10.29
CA VAL A 856 37.20 3.97 -8.92
C VAL A 856 36.08 4.27 -7.93
N ASP A 857 35.76 3.28 -7.10
CA ASP A 857 34.70 3.44 -6.11
C ASP A 857 35.28 3.60 -4.71
N ILE A 858 34.40 3.77 -3.72
CA ILE A 858 34.84 3.94 -2.34
C ILE A 858 34.51 2.70 -1.51
N GLY A 859 35.56 1.98 -1.10
CA GLY A 859 35.38 0.77 -0.31
C GLY A 859 36.39 0.73 0.85
N LEU A 860 35.98 1.25 2.00
CA LEU A 860 36.84 1.27 3.18
C LEU A 860 36.65 0.01 4.02
N ASP A 861 37.56 -0.21 4.97
CA ASP A 861 37.50 -1.37 5.84
C ASP A 861 36.10 -1.56 6.41
N GLN A 862 35.87 -2.71 7.06
CA GLN A 862 34.58 -3.01 7.65
C GLN A 862 34.54 -2.62 9.12
N SER A 863 34.44 -1.32 9.38
CA SER A 863 34.40 -0.80 10.75
C SER A 863 32.98 -0.86 11.31
N LEU A 864 32.09 -0.06 10.74
CA LEU A 864 30.70 -0.02 11.19
C LEU A 864 29.96 1.17 10.57
N SER A 865 30.29 2.37 11.03
CA SER A 865 29.66 3.58 10.52
C SER A 865 29.66 3.61 8.99
N MET A 866 30.86 3.71 8.41
CA MET A 866 31.01 3.75 6.97
C MET A 866 30.16 2.68 6.29
N PRO A 867 30.25 1.46 6.79
CA PRO A 867 29.49 0.34 6.24
C PRO A 867 28.00 0.66 6.19
N ASP A 868 27.45 1.11 7.32
CA ASP A 868 26.04 1.46 7.41
C ASP A 868 25.63 2.39 6.28
N ASP A 869 26.37 3.49 6.12
CA ASP A 869 26.08 4.47 5.08
C ASP A 869 26.14 3.82 3.69
N SER A 870 27.13 2.96 3.48
CA SER A 870 27.29 2.27 2.21
C SER A 870 26.13 1.31 1.94
N TYR A 871 25.75 0.56 2.97
CA TYR A 871 24.65 -0.40 2.85
C TYR A 871 23.32 0.31 2.63
N MET A 872 23.07 1.34 3.43
CA MET A 872 21.83 2.11 3.32
C MET A 872 21.67 2.70 1.92
N VAL A 873 22.73 3.31 1.41
CA VAL A 873 22.71 3.91 0.09
C VAL A 873 22.35 2.89 -0.98
N ASP A 874 22.99 1.72 -0.92
CA ASP A 874 22.74 0.67 -1.89
C ASP A 874 21.27 0.26 -1.88
N TYR A 875 20.75 0.06 -0.68
CA TYR A 875 19.35 -0.33 -0.50
C TYR A 875 18.40 0.78 -0.96
N PHE A 876 18.48 1.93 -0.28
CA PHE A 876 17.63 3.06 -0.61
C PHE A 876 17.57 3.28 -2.11
N LYS A 877 16.95 4.38 -2.51
CA LYS A 877 16.82 4.72 -3.93
C LYS A 877 15.81 5.84 -4.14
N SER A 878 15.61 6.26 -5.39
CA SER A 878 14.70 7.36 -5.66
C SER A 878 15.26 8.74 -5.26
N ILE A 879 15.69 8.89 -4.01
CA ILE A 879 16.12 10.19 -3.49
C ILE A 879 17.53 10.23 -2.88
N SER A 880 17.78 11.28 -2.07
CA SER A 880 19.11 11.55 -1.49
C SER A 880 19.94 12.19 -2.63
N GLN A 881 20.60 13.33 -2.39
CA GLN A 881 21.01 14.16 -3.54
C GLN A 881 22.35 14.92 -3.60
N TYR A 882 22.40 15.42 -4.71
CA TYR A 882 23.35 16.45 -5.17
C TYR A 882 22.58 17.49 -5.97
N LEU A 883 23.23 18.60 -6.29
CA LEU A 883 22.58 19.67 -7.05
C LEU A 883 23.30 19.94 -8.36
N HIS A 884 22.54 20.03 -9.45
CA HIS A 884 22.99 20.71 -10.66
C HIS A 884 22.58 22.15 -10.53
N ALA A 885 23.34 23.04 -10.90
CA ALA A 885 23.21 24.45 -10.56
C ALA A 885 23.86 25.39 -11.59
N GLY A 886 23.13 26.43 -11.97
CA GLY A 886 23.60 27.43 -12.92
C GLY A 886 23.64 28.80 -12.27
N PRO A 887 24.68 29.59 -12.55
CA PRO A 887 24.69 31.01 -12.19
C PRO A 887 24.55 31.84 -13.48
N PRO A 888 23.62 32.78 -13.48
CA PRO A 888 23.32 33.55 -14.68
C PRO A 888 23.40 35.04 -14.40
N VAL A 889 23.79 35.81 -15.41
CA VAL A 889 23.92 37.26 -15.25
C VAL A 889 22.95 38.02 -16.15
N TYR A 890 23.01 39.34 -16.09
CA TYR A 890 22.14 40.18 -16.90
C TYR A 890 20.73 40.26 -16.32
N PHE A 891 19.83 39.44 -16.86
CA PHE A 891 18.45 39.40 -16.39
C PHE A 891 17.86 40.80 -16.24
N VAL A 892 17.38 41.36 -17.34
CA VAL A 892 16.77 42.69 -17.34
C VAL A 892 15.77 42.84 -18.48
N LEU A 893 15.94 42.08 -19.53
CA LEU A 893 15.07 42.13 -20.70
C LEU A 893 13.92 41.14 -20.59
N GLU A 894 12.76 41.64 -20.17
CA GLU A 894 11.57 40.78 -20.03
C GLU A 894 11.57 39.59 -20.99
N GLU A 895 11.96 39.83 -22.24
CA GLU A 895 11.92 38.78 -23.27
C GLU A 895 13.01 37.73 -23.09
N GLY A 896 14.20 38.18 -22.66
CA GLY A 896 15.28 37.22 -22.39
C GLY A 896 14.90 36.36 -21.15
N HIS A 897 14.23 36.94 -20.16
CA HIS A 897 13.71 36.14 -19.03
C HIS A 897 12.72 35.08 -19.46
N ASP A 898 11.80 35.43 -20.37
CA ASP A 898 10.86 34.46 -20.95
C ASP A 898 11.62 33.34 -21.67
N TYR A 899 12.65 33.71 -22.42
CA TYR A 899 13.49 32.74 -23.14
C TYR A 899 14.30 31.85 -22.20
N THR A 900 14.82 32.44 -21.13
CA THR A 900 15.52 31.68 -20.10
C THR A 900 14.56 30.74 -19.36
N SER A 901 13.31 31.17 -19.17
CA SER A 901 12.32 30.30 -18.56
C SER A 901 12.02 29.07 -19.43
N SER A 902 11.99 29.25 -20.75
CA SER A 902 11.74 28.14 -21.69
C SER A 902 12.88 27.13 -21.65
N LYS A 903 14.12 27.64 -21.62
CA LYS A 903 15.31 26.81 -21.37
C LYS A 903 15.15 25.99 -20.09
N GLY A 904 14.75 26.67 -19.02
CA GLY A 904 14.59 26.05 -17.70
C GLY A 904 13.53 24.95 -17.69
N GLN A 905 12.38 25.26 -18.29
CA GLN A 905 11.28 24.28 -18.40
C GLN A 905 11.71 23.08 -19.25
N ASN A 906 12.49 23.33 -20.30
CA ASN A 906 12.96 22.26 -21.17
C ASN A 906 13.92 21.33 -20.43
N MET A 907 14.81 21.91 -19.63
CA MET A 907 15.71 21.15 -18.74
C MET A 907 14.94 20.24 -17.78
N VAL A 908 13.90 20.78 -17.13
CA VAL A 908 13.03 19.98 -16.25
C VAL A 908 12.41 18.78 -16.95
N CYS A 909 12.15 18.91 -18.24
CA CYS A 909 11.56 17.82 -19.03
C CYS A 909 12.56 16.69 -19.24
N GLY A 910 13.63 16.98 -19.96
CA GLY A 910 14.66 15.99 -20.24
C GLY A 910 15.05 15.22 -18.99
N GLY A 911 15.29 15.95 -17.91
CA GLY A 911 15.67 15.33 -16.64
C GLY A 911 14.61 14.34 -16.17
N MET A 912 13.36 14.78 -16.12
CA MET A 912 12.26 13.94 -15.70
C MET A 912 12.00 12.82 -16.69
N GLY A 913 12.88 12.69 -17.69
CA GLY A 913 12.76 11.66 -18.71
C GLY A 913 13.96 10.71 -18.69
N CYS A 914 15.13 11.27 -18.96
CA CYS A 914 16.36 10.48 -18.98
C CYS A 914 16.45 9.52 -17.80
N ASN A 915 16.33 8.22 -18.09
CA ASN A 915 16.40 7.20 -17.06
C ASN A 915 17.21 6.00 -17.52
N ASN A 916 17.26 4.96 -16.70
CA ASN A 916 18.00 3.74 -17.02
C ASN A 916 17.51 2.56 -16.19
N ASP A 917 17.44 1.40 -16.82
CA ASP A 917 16.99 0.18 -16.14
C ASP A 917 15.49 0.24 -15.86
N SER A 918 15.13 0.67 -14.66
CA SER A 918 13.73 0.76 -14.26
C SER A 918 13.41 2.13 -13.68
N LEU A 919 14.20 3.13 -14.05
CA LEU A 919 14.00 4.49 -13.56
C LEU A 919 15.00 5.46 -14.19
N VAL A 920 14.83 6.74 -13.91
CA VAL A 920 15.71 7.77 -14.45
C VAL A 920 17.09 7.72 -13.80
N GLN A 921 18.08 8.27 -14.48
CA GLN A 921 19.45 8.29 -13.97
C GLN A 921 19.99 9.71 -13.91
N GLN A 922 19.89 10.43 -15.02
CA GLN A 922 20.38 11.81 -15.10
C GLN A 922 20.02 12.58 -13.83
N ILE A 923 18.90 13.29 -13.87
CA ILE A 923 18.50 14.16 -12.76
C ILE A 923 17.66 13.43 -11.69
N PHE A 924 16.41 13.84 -11.52
CA PHE A 924 15.55 13.30 -10.48
C PHE A 924 14.08 13.13 -10.90
N ASN A 925 13.36 14.23 -11.10
CA ASN A 925 13.89 15.58 -10.95
C ASN A 925 12.85 16.52 -11.55
N ALA A 926 13.06 17.81 -11.31
CA ALA A 926 12.16 18.95 -11.28
C ALA A 926 12.94 20.10 -10.66
N ALA A 927 12.30 21.26 -10.57
CA ALA A 927 12.93 22.57 -10.43
C ALA A 927 11.94 23.60 -9.90
N GLN A 928 12.44 24.53 -9.10
CA GLN A 928 11.60 25.57 -8.52
C GLN A 928 12.34 26.91 -8.48
N LEU A 929 12.79 27.36 -9.65
CA LEU A 929 13.51 28.62 -9.75
C LEU A 929 12.82 29.73 -8.95
N ASP A 930 11.86 30.40 -9.58
CA ASP A 930 11.12 31.47 -8.93
C ASP A 930 10.11 32.10 -9.88
N ASN A 931 10.42 32.06 -11.17
CA ASN A 931 9.53 32.63 -12.18
C ASN A 931 8.08 32.22 -11.93
N TYR A 932 7.89 31.07 -11.32
CA TYR A 932 6.56 30.57 -11.02
C TYR A 932 5.97 31.26 -9.78
N THR A 933 6.85 31.64 -8.86
CA THR A 933 6.43 32.31 -7.62
C THR A 933 5.81 33.68 -7.95
N ARG A 934 6.52 34.39 -8.80
CA ARG A 934 6.10 35.74 -9.26
C ARG A 934 4.73 35.66 -9.91
N ILE A 935 4.60 34.68 -10.78
CA ILE A 935 3.35 34.43 -11.52
C ILE A 935 2.19 34.20 -10.55
N GLY A 936 2.47 33.35 -9.58
CA GLY A 936 1.51 33.00 -8.53
C GLY A 936 1.04 34.25 -7.79
N PHE A 937 2.00 35.10 -7.41
CA PHE A 937 1.68 36.34 -6.70
C PHE A 937 0.75 37.23 -7.53
N ALA A 938 1.08 37.39 -8.80
CA ALA A 938 0.29 38.21 -9.71
C ALA A 938 -1.19 37.85 -9.63
N PRO A 939 -1.46 36.56 -9.46
CA PRO A 939 -2.84 36.07 -9.36
C PRO A 939 -3.25 35.81 -7.92
N SER A 940 -2.34 36.06 -6.98
CA SER A 940 -2.61 35.84 -5.56
C SER A 940 -2.99 37.16 -4.88
N SER A 941 -2.92 37.16 -3.54
CA SER A 941 -3.25 38.34 -2.77
C SER A 941 -2.05 38.81 -1.94
N TRP A 942 -2.32 39.45 -0.82
CA TRP A 942 -1.26 39.96 0.05
C TRP A 942 -0.89 38.92 1.11
N ILE A 943 -0.90 39.33 2.37
CA ILE A 943 -0.56 38.44 3.47
C ILE A 943 -0.01 39.21 4.66
N ASP A 944 -0.04 38.54 5.81
CA ASP A 944 0.32 39.16 7.06
C ASP A 944 1.74 38.76 7.43
N ASP A 945 2.49 39.73 7.96
CA ASP A 945 3.80 39.50 8.56
C ASP A 945 3.66 39.92 10.02
N TYR A 946 4.08 39.03 10.93
CA TYR A 946 3.99 39.26 12.36
C TYR A 946 5.39 39.48 12.91
N PHE A 947 5.71 40.71 13.35
CA PHE A 947 7.07 40.96 13.81
C PHE A 947 7.38 40.29 15.15
N ASP A 948 8.65 39.88 15.30
CA ASP A 948 9.16 39.22 16.49
C ASP A 948 9.91 40.27 17.34
N TRP A 949 9.81 40.23 18.67
CA TRP A 949 8.98 39.28 19.44
C TRP A 949 7.50 39.67 19.54
N VAL A 950 7.23 40.98 19.56
CA VAL A 950 5.89 41.53 19.62
C VAL A 950 5.81 42.70 18.64
N LYS A 951 4.59 43.16 18.40
CA LYS A 951 4.33 44.31 17.52
C LYS A 951 3.08 44.08 16.69
N PRO A 952 2.49 45.19 16.22
CA PRO A 952 1.28 45.15 15.41
C PRO A 952 1.54 44.43 14.09
N GLN A 953 0.52 43.74 13.57
CA GLN A 953 0.61 43.06 12.29
C GLN A 953 0.85 44.06 11.14
N SER A 954 1.62 43.62 10.15
CA SER A 954 1.88 44.42 8.96
C SER A 954 1.41 43.61 7.74
N SER A 955 0.48 44.18 6.98
CA SER A 955 0.18 43.67 5.64
C SER A 955 0.37 44.73 4.54
N CYS A 956 1.02 44.36 3.45
CA CYS A 956 1.32 45.33 2.39
C CYS A 956 1.54 44.66 1.03
N CYS A 957 0.96 45.24 0.00
CA CYS A 957 1.10 44.73 -1.36
C CYS A 957 0.10 45.39 -2.29
N ARG A 958 -0.30 44.67 -3.34
CA ARG A 958 -1.27 45.18 -4.30
C ARG A 958 -1.50 44.19 -5.44
N VAL A 959 -0.95 44.48 -6.62
CA VAL A 959 -1.10 43.59 -7.77
C VAL A 959 -0.56 44.22 -9.05
N PRO A 984 -2.64 43.69 -10.03
CA PRO A 984 -2.59 44.60 -11.17
C PRO A 984 -3.36 44.05 -12.38
N GLU A 985 -4.57 43.56 -12.14
CA GLU A 985 -5.39 43.01 -13.20
C GLU A 985 -6.52 43.96 -13.58
N GLY A 986 -7.35 43.58 -14.55
CA GLY A 986 -7.23 42.32 -15.27
C GLY A 986 -6.25 42.39 -16.41
N LYS A 987 -6.55 43.24 -17.39
CA LYS A 987 -5.68 43.41 -18.55
C LYS A 987 -4.22 43.62 -18.13
N GLN A 988 -4.01 44.52 -17.19
CA GLN A 988 -2.66 44.82 -16.70
C GLN A 988 -2.03 43.58 -16.06
N ARG A 989 -2.82 42.82 -15.32
CA ARG A 989 -2.34 41.61 -14.66
C ARG A 989 -1.52 40.76 -15.61
N PRO A 990 -2.09 40.47 -16.79
CA PRO A 990 -1.41 39.66 -17.80
C PRO A 990 -0.09 40.29 -18.24
N GLN A 991 -0.08 41.61 -18.35
CA GLN A 991 1.12 42.34 -18.77
C GLN A 991 2.21 42.27 -17.72
N GLY A 992 1.84 42.62 -16.49
CA GLY A 992 2.79 42.61 -15.38
C GLY A 992 3.53 41.30 -15.27
N GLY A 993 2.79 40.19 -15.29
CA GLY A 993 3.37 38.87 -15.19
C GLY A 993 4.27 38.54 -16.37
N ASP A 994 3.86 38.99 -17.55
CA ASP A 994 4.61 38.74 -18.78
C ASP A 994 6.03 39.30 -18.67
N PHE A 995 6.13 40.58 -18.32
CA PHE A 995 7.47 41.26 -18.18
C PHE A 995 7.76 42.28 -17.02
N MET A 996 8.90 43.01 -17.11
CA MET A 996 9.41 44.00 -16.10
C MET A 996 9.85 43.29 -14.81
N ARG A 997 10.72 43.79 -13.90
CA ARG A 997 10.88 42.73 -12.91
C ARG A 997 11.32 43.31 -11.56
N PHE A 998 11.85 44.52 -11.59
CA PHE A 998 12.31 45.18 -10.37
C PHE A 998 11.27 45.07 -9.27
N LEU A 999 10.05 45.52 -9.55
CA LEU A 999 8.96 45.49 -8.58
C LEU A 999 8.76 44.07 -8.03
N PRO A 1000 8.47 43.13 -8.93
CA PRO A 1000 8.26 41.74 -8.54
C PRO A 1000 9.44 41.22 -7.72
N MET A 1001 10.64 41.34 -8.29
CA MET A 1001 11.85 40.87 -7.61
C MET A 1001 11.94 41.36 -6.16
N PHE A 1002 11.86 42.67 -5.96
CA PHE A 1002 11.99 43.27 -4.62
C PHE A 1002 10.90 42.83 -3.65
N LEU A 1003 9.70 42.53 -4.16
CA LEU A 1003 8.65 41.94 -3.35
C LEU A 1003 8.98 40.45 -3.07
N SER A 1004 9.26 39.68 -4.13
CA SER A 1004 9.44 38.23 -4.01
C SER A 1004 10.60 37.79 -3.09
N ASP A 1005 11.68 38.55 -3.06
CA ASP A 1005 12.78 38.27 -2.11
C ASP A 1005 12.36 38.41 -0.63
N ASN A 1006 11.33 39.22 -0.38
CA ASN A 1006 10.84 39.44 0.97
C ASN A 1006 9.50 38.76 1.19
N PRO A 1007 9.54 37.50 1.66
CA PRO A 1007 8.34 36.73 1.91
C PRO A 1007 8.50 35.82 3.12
N ASN A 1008 7.38 35.46 3.74
CA ASN A 1008 7.41 34.59 4.91
C ASN A 1008 6.00 34.32 5.42
N PRO A 1009 5.01 34.60 4.58
CA PRO A 1009 3.61 34.40 4.95
C PRO A 1009 2.72 34.43 3.71
N LYS A 1010 2.21 33.26 3.32
CA LYS A 1010 1.35 33.15 2.16
C LYS A 1010 0.30 34.25 2.15
N CYS A 1011 -0.74 34.08 1.33
CA CYS A 1011 -1.81 35.06 1.22
C CYS A 1011 -2.97 34.51 0.40
N GLY A 1012 -4.02 34.05 1.09
CA GLY A 1012 -5.19 33.50 0.43
C GLY A 1012 -6.11 32.81 1.43
N LYS A 1013 -5.96 31.49 1.55
CA LYS A 1013 -6.77 30.71 2.47
C LYS A 1013 -6.02 30.45 3.78
N GLY A 1014 -4.71 30.67 3.76
CA GLY A 1014 -3.88 30.45 4.94
C GLY A 1014 -2.78 31.50 5.03
N GLY A 1015 -1.66 31.13 5.63
CA GLY A 1015 -0.53 32.05 5.79
C GLY A 1015 0.71 31.31 6.28
N HIS A 1016 1.60 30.97 5.34
CA HIS A 1016 2.83 30.26 5.68
C HIS A 1016 4.05 31.00 5.13
N ALA A 1017 5.11 30.24 4.84
CA ALA A 1017 6.33 30.82 4.31
C ALA A 1017 6.68 30.22 2.94
N ALA A 1018 7.05 31.08 2.00
CA ALA A 1018 7.41 30.63 0.66
C ALA A 1018 8.45 31.55 0.04
N TYR A 1019 9.60 31.68 0.70
CA TYR A 1019 10.68 32.53 0.22
C TYR A 1019 11.89 31.70 -0.22
N SER A 1020 13.01 32.36 -0.44
CA SER A 1020 14.23 31.69 -0.87
C SER A 1020 15.42 32.65 -0.87
N SER A 1021 16.39 32.37 -1.74
CA SER A 1021 17.58 33.22 -1.85
C SER A 1021 18.30 32.97 -3.17
N ALA A 1022 19.43 33.63 -3.35
CA ALA A 1022 20.22 33.50 -4.57
C ALA A 1022 20.37 34.85 -5.26
N VAL A 1023 19.43 35.74 -4.99
CA VAL A 1023 19.45 37.08 -5.59
C VAL A 1023 20.09 38.06 -4.63
N ASN A 1024 20.75 39.08 -5.17
CA ASN A 1024 21.42 40.08 -4.34
C ASN A 1024 21.85 41.30 -5.14
N ILE A 1025 20.88 42.12 -5.54
CA ILE A 1025 21.17 43.36 -6.26
C ILE A 1025 21.50 44.46 -5.26
N LEU A 1026 21.76 45.66 -5.76
CA LEU A 1026 22.08 46.79 -4.87
C LEU A 1026 21.01 47.87 -5.00
N LEU A 1027 20.70 48.53 -3.87
CA LEU A 1027 19.63 49.53 -3.79
C LEU A 1027 18.36 49.05 -4.52
N GLY A 1028 17.85 49.81 -5.50
CA GLY A 1028 16.73 49.37 -6.33
C GLY A 1028 17.16 49.20 -7.80
N HIS A 1029 18.40 48.80 -8.00
CA HIS A 1029 18.93 48.56 -9.33
C HIS A 1029 18.66 47.10 -9.69
N GLY A 1030 17.41 46.82 -10.01
CA GLY A 1030 16.93 45.45 -10.19
C GLY A 1030 17.64 44.74 -11.34
N THR A 1031 18.05 45.54 -12.34
CA THR A 1031 18.89 45.09 -13.43
C THR A 1031 20.17 44.35 -12.99
N ARG A 1032 20.72 44.71 -11.84
CA ARG A 1032 21.92 44.08 -11.33
C ARG A 1032 21.59 42.97 -10.34
N VAL A 1033 20.89 41.95 -10.81
CA VAL A 1033 20.43 40.86 -9.92
C VAL A 1033 21.18 39.56 -10.16
N GLY A 1034 21.73 39.00 -9.09
CA GLY A 1034 22.48 37.74 -9.17
C GLY A 1034 22.52 37.02 -7.84
N ALA A 1035 22.51 35.69 -7.85
CA ALA A 1035 22.45 34.90 -9.09
C ALA A 1035 21.42 33.80 -8.98
N THR A 1036 20.30 33.96 -9.69
CA THR A 1036 19.23 32.97 -9.68
C THR A 1036 19.82 31.58 -9.86
N TYR A 1037 19.30 30.61 -9.14
CA TYR A 1037 19.92 29.29 -9.14
C TYR A 1037 18.82 28.22 -9.03
N PHE A 1038 18.79 27.33 -10.02
CA PHE A 1038 17.82 26.25 -10.06
C PHE A 1038 18.54 24.92 -9.82
N MET A 1039 17.97 24.10 -8.96
CA MET A 1039 18.60 22.83 -8.58
C MET A 1039 17.61 21.67 -8.57
N THR A 1040 17.99 20.60 -9.28
CA THR A 1040 17.20 19.37 -9.32
C THR A 1040 18.06 18.25 -8.73
N TYR A 1041 17.67 17.74 -7.56
CA TYR A 1041 18.41 16.68 -6.90
C TYR A 1041 18.10 15.32 -7.50
N HIS A 1042 19.14 14.57 -7.86
CA HIS A 1042 18.97 13.24 -8.44
C HIS A 1042 19.75 12.20 -7.67
N THR A 1043 19.13 11.04 -7.46
CA THR A 1043 19.78 9.95 -6.72
C THR A 1043 20.60 9.07 -7.65
N VAL A 1044 21.60 8.39 -7.09
CA VAL A 1044 22.46 7.52 -7.88
C VAL A 1044 23.12 6.47 -6.98
N LEU A 1045 24.14 6.88 -6.24
CA LEU A 1045 24.85 5.97 -5.34
C LEU A 1045 24.93 4.56 -5.93
N GLN A 1046 25.61 4.44 -7.06
CA GLN A 1046 25.76 3.15 -7.73
C GLN A 1046 27.23 2.72 -7.75
N THR A 1047 28.10 3.61 -8.17
CA THR A 1047 29.52 3.33 -8.25
C THR A 1047 30.30 4.52 -8.79
N SER A 1048 31.63 4.46 -8.68
CA SER A 1048 32.48 5.53 -9.17
C SER A 1048 32.23 5.82 -10.64
N ALA A 1049 31.84 4.79 -11.38
CA ALA A 1049 31.57 4.93 -12.81
C ALA A 1049 30.15 5.45 -13.04
N ASP A 1050 29.25 5.16 -12.11
CA ASP A 1050 27.86 5.59 -12.21
C ASP A 1050 27.76 7.12 -12.11
N PHE A 1051 28.29 7.66 -11.02
CA PHE A 1051 28.26 9.11 -10.79
C PHE A 1051 29.00 9.86 -11.89
N ILE A 1052 30.16 9.34 -12.27
CA ILE A 1052 30.94 9.89 -13.37
C ILE A 1052 30.14 9.93 -14.67
N ASP A 1053 29.37 8.88 -14.95
CA ASP A 1053 28.47 8.85 -16.11
C ASP A 1053 27.40 9.95 -16.02
N ALA A 1054 26.80 10.10 -14.83
CA ALA A 1054 25.80 11.14 -14.62
C ALA A 1054 26.36 12.55 -14.79
N LEU A 1055 27.60 12.75 -14.31
CA LEU A 1055 28.28 14.02 -14.46
C LEU A 1055 28.55 14.30 -15.93
N LYS A 1056 28.95 13.27 -16.66
CA LYS A 1056 29.19 13.40 -18.08
C LYS A 1056 27.94 13.91 -18.79
N LYS A 1057 26.79 13.37 -18.39
CA LYS A 1057 25.51 13.80 -18.96
C LYS A 1057 25.18 15.25 -18.61
N ALA A 1058 25.41 15.64 -17.37
CA ALA A 1058 25.09 16.99 -16.89
C ALA A 1058 25.90 18.05 -17.63
N ARG A 1059 27.15 17.75 -17.94
CA ARG A 1059 27.97 18.70 -18.67
C ARG A 1059 27.35 18.94 -20.05
N LEU A 1060 27.00 17.86 -20.74
CA LEU A 1060 26.34 18.00 -22.03
C LEU A 1060 25.02 18.77 -21.94
N ILE A 1061 24.24 18.49 -20.77
CA ILE A 1061 23.03 19.27 -20.44
C ILE A 1061 23.33 20.75 -20.31
N ALA A 1062 24.39 21.09 -19.60
CA ALA A 1062 24.80 22.47 -19.44
C ALA A 1062 25.14 23.10 -20.80
N SER A 1063 25.87 22.35 -21.62
CA SER A 1063 26.21 22.79 -22.99
C SER A 1063 25.01 23.01 -23.87
N ASN A 1064 24.07 22.07 -23.80
CA ASN A 1064 22.85 22.16 -24.61
C ASN A 1064 22.03 23.40 -24.25
N VAL A 1065 21.92 23.69 -22.95
CA VAL A 1065 21.16 24.85 -22.49
C VAL A 1065 21.88 26.14 -22.86
N THR A 1066 23.19 26.18 -22.63
CA THR A 1066 23.98 27.36 -22.94
C THR A 1066 24.23 27.49 -24.44
N GLU A 1067 24.24 26.36 -25.13
CA GLU A 1067 24.47 26.35 -26.57
C GLU A 1067 23.21 26.77 -27.33
N THR A 1068 22.05 26.48 -26.75
CA THR A 1068 20.78 26.84 -27.37
C THR A 1068 20.71 28.33 -27.67
N MET A 1069 20.71 29.14 -26.61
CA MET A 1069 20.64 30.59 -26.75
C MET A 1069 21.71 31.28 -25.91
N GLY A 1070 22.77 31.74 -26.57
CA GLY A 1070 23.86 32.42 -25.89
C GLY A 1070 23.85 33.92 -26.13
N ILE A 1071 24.98 34.43 -26.61
CA ILE A 1071 25.11 35.86 -26.89
C ILE A 1071 26.56 36.31 -26.79
N ASN A 1072 26.76 37.58 -26.47
CA ASN A 1072 28.10 38.14 -26.33
C ASN A 1072 29.15 37.08 -26.05
N GLY A 1073 30.33 37.51 -25.64
CA GLY A 1073 31.42 36.59 -25.33
C GLY A 1073 31.05 35.60 -24.24
N SER A 1074 31.46 35.89 -23.01
CA SER A 1074 31.17 35.02 -21.89
C SER A 1074 30.38 35.75 -20.81
N ALA A 1075 29.67 34.99 -19.98
CA ALA A 1075 28.86 35.57 -18.91
C ALA A 1075 28.13 34.49 -18.13
N TYR A 1076 28.86 33.74 -17.31
CA TYR A 1076 28.29 32.67 -16.52
C TYR A 1076 27.74 31.55 -17.40
N ARG A 1077 27.50 30.39 -16.80
CA ARG A 1077 26.98 29.24 -17.53
C ARG A 1077 26.45 28.18 -16.58
N VAL A 1078 26.34 26.95 -17.08
CA VAL A 1078 25.85 25.84 -16.27
C VAL A 1078 26.89 25.40 -15.25
N PHE A 1079 26.43 24.98 -14.08
CA PHE A 1079 27.32 24.53 -13.02
C PHE A 1079 26.73 23.35 -12.27
N PRO A 1080 27.35 22.18 -12.41
CA PRO A 1080 26.88 20.96 -11.73
C PRO A 1080 27.67 20.68 -10.46
N TYR A 1081 27.28 21.30 -9.35
CA TYR A 1081 27.96 21.11 -8.08
C TYR A 1081 27.25 20.07 -7.22
N SER A 1082 27.76 18.84 -7.25
CA SER A 1082 27.17 17.76 -6.48
C SER A 1082 28.22 17.07 -5.60
N VAL A 1083 27.88 16.88 -4.33
CA VAL A 1083 28.79 16.23 -3.39
C VAL A 1083 29.36 14.94 -3.97
N PHE A 1084 30.00 15.05 -5.12
CA PHE A 1084 30.59 13.90 -5.77
C PHE A 1084 31.55 14.32 -6.88
N TYR A 1085 31.38 15.55 -7.37
CA TYR A 1085 32.23 16.08 -8.43
C TYR A 1085 33.68 16.16 -7.98
N VAL A 1086 34.16 17.37 -7.77
CA VAL A 1086 35.53 17.60 -7.33
C VAL A 1086 36.17 16.30 -6.85
N PHE A 1087 35.39 15.47 -6.18
CA PHE A 1087 35.87 14.19 -5.68
C PHE A 1087 36.07 13.18 -6.80
N TYR A 1088 35.19 13.26 -7.81
CA TYR A 1088 35.26 12.35 -8.95
C TYR A 1088 35.77 13.08 -10.18
N GLU A 1089 35.83 14.40 -10.11
CA GLU A 1089 36.30 15.21 -11.24
C GLU A 1089 37.61 14.68 -11.79
N GLN A 1090 38.43 14.09 -10.92
CA GLN A 1090 39.72 13.55 -11.32
C GLN A 1090 39.55 12.32 -12.19
N TYR A 1091 38.62 11.44 -11.80
CA TYR A 1091 38.36 10.22 -12.56
C TYR A 1091 37.90 10.53 -13.97
N LEU A 1092 37.81 11.82 -14.29
CA LEU A 1092 37.38 12.26 -15.62
C LEU A 1092 38.51 12.12 -16.63
N THR A 1093 39.37 13.12 -16.69
CA THR A 1093 40.50 13.12 -17.62
C THR A 1093 41.51 12.05 -17.25
N ILE A 1094 41.04 10.95 -16.69
CA ILE A 1094 41.95 9.87 -16.30
C ILE A 1094 42.53 9.19 -17.54
N ILE A 1095 41.76 9.15 -18.61
CA ILE A 1095 42.24 8.49 -19.82
C ILE A 1095 43.43 9.23 -20.42
N ASP A 1096 43.31 10.55 -20.55
CA ASP A 1096 44.40 11.34 -21.08
C ASP A 1096 45.60 11.33 -20.15
N ASP A 1097 45.35 11.35 -18.85
CA ASP A 1097 46.40 11.34 -17.86
C ASP A 1097 47.32 10.13 -18.03
N THR A 1098 46.73 8.94 -17.95
CA THR A 1098 47.48 7.71 -18.11
C THR A 1098 48.28 7.70 -19.41
N ILE A 1099 47.61 8.05 -20.51
CA ILE A 1099 48.26 8.09 -21.81
C ILE A 1099 49.32 9.18 -21.87
N PHE A 1100 49.04 10.31 -21.20
CA PHE A 1100 49.97 11.43 -21.17
C PHE A 1100 51.08 11.19 -20.15
N ASN A 1101 50.70 10.75 -18.95
CA ASN A 1101 51.66 10.48 -17.89
C ASN A 1101 52.72 9.48 -18.34
N LEU A 1102 52.28 8.31 -18.80
CA LEU A 1102 53.18 7.28 -19.27
C LEU A 1102 53.94 7.72 -20.52
N GLY A 1103 53.24 8.45 -21.39
CA GLY A 1103 53.83 8.94 -22.63
C GLY A 1103 55.06 9.81 -22.34
N VAL A 1104 54.93 10.69 -21.35
CA VAL A 1104 56.02 11.58 -20.97
C VAL A 1104 57.24 10.79 -20.52
N SER A 1105 57.00 9.65 -19.88
CA SER A 1105 58.08 8.79 -19.39
C SER A 1105 58.73 8.04 -20.54
N LEU A 1106 57.92 7.65 -21.53
CA LEU A 1106 58.42 6.92 -22.68
C LEU A 1106 59.43 7.75 -23.47
N GLY A 1107 59.25 9.06 -23.46
CA GLY A 1107 60.13 9.98 -24.16
C GLY A 1107 61.39 10.26 -23.35
N ALA A 1108 61.22 10.47 -22.05
CA ALA A 1108 62.34 10.74 -21.16
C ALA A 1108 63.25 9.52 -21.03
N ILE A 1109 62.67 8.35 -21.17
CA ILE A 1109 63.44 7.10 -21.07
C ILE A 1109 64.19 6.81 -22.37
N PHE A 1110 63.49 6.93 -23.49
CA PHE A 1110 64.09 6.67 -24.79
C PHE A 1110 65.19 7.69 -25.10
N LEU A 1111 65.01 8.91 -24.60
CA LEU A 1111 65.99 9.97 -24.81
C LEU A 1111 67.18 9.81 -23.89
N VAL A 1112 66.91 9.43 -22.64
CA VAL A 1112 67.98 9.24 -21.65
C VAL A 1112 68.87 8.06 -22.01
N THR A 1113 68.25 6.92 -22.30
CA THR A 1113 68.99 5.73 -22.67
C THR A 1113 69.86 5.97 -23.90
N MET A 1114 69.63 7.10 -24.56
CA MET A 1114 70.39 7.44 -25.76
C MET A 1114 71.42 8.53 -25.46
N VAL A 1115 71.35 9.09 -24.26
CA VAL A 1115 72.27 10.13 -23.85
C VAL A 1115 73.69 9.59 -23.66
N LEU A 1116 73.85 8.29 -23.91
CA LEU A 1116 75.15 7.65 -23.77
C LEU A 1116 75.24 6.39 -24.65
N LEU A 1117 74.43 6.36 -25.70
CA LEU A 1117 74.42 5.23 -26.62
C LEU A 1117 73.92 5.64 -28.00
N GLY A 1118 72.62 5.47 -28.22
CA GLY A 1118 72.02 5.82 -29.50
C GLY A 1118 72.27 4.78 -30.58
N CYS A 1119 71.83 3.55 -30.30
CA CYS A 1119 72.01 2.46 -31.25
C CYS A 1119 70.89 2.43 -32.28
N GLU A 1120 70.18 3.55 -32.41
CA GLU A 1120 69.08 3.66 -33.37
C GLU A 1120 67.94 2.71 -33.01
N LEU A 1121 68.05 1.46 -33.45
CA LEU A 1121 67.03 0.46 -33.18
C LEU A 1121 67.49 -0.51 -32.09
N TRP A 1122 68.80 -0.63 -31.93
CA TRP A 1122 69.37 -1.52 -30.92
C TRP A 1122 68.89 -1.15 -29.53
N SER A 1123 69.67 -0.34 -28.83
CA SER A 1123 69.33 0.09 -27.48
C SER A 1123 67.93 0.71 -27.44
N ALA A 1124 67.66 1.61 -28.37
CA ALA A 1124 66.36 2.27 -28.44
C ALA A 1124 65.22 1.27 -28.27
N VAL A 1125 65.17 0.29 -29.15
CA VAL A 1125 64.14 -0.74 -29.11
C VAL A 1125 64.22 -1.56 -27.83
N ILE A 1126 65.45 -1.97 -27.49
CA ILE A 1126 65.67 -2.76 -26.29
C ILE A 1126 64.94 -2.17 -25.09
N MET A 1127 65.31 -0.94 -24.72
CA MET A 1127 64.69 -0.26 -23.60
C MET A 1127 63.24 0.10 -23.90
N CYS A 1128 63.00 0.61 -25.10
CA CYS A 1128 61.67 1.00 -25.53
C CYS A 1128 60.68 -0.16 -25.38
N ALA A 1129 61.14 -1.36 -25.74
CA ALA A 1129 60.30 -2.56 -25.64
C ALA A 1129 59.88 -2.81 -24.20
N THR A 1130 60.72 -2.41 -23.26
CA THR A 1130 60.43 -2.59 -21.84
C THR A 1130 59.29 -1.69 -21.38
N ILE A 1131 59.15 -0.54 -22.03
CA ILE A 1131 58.09 0.41 -21.70
C ILE A 1131 56.72 -0.21 -21.90
N ALA A 1132 56.51 -0.81 -23.06
CA ALA A 1132 55.23 -1.46 -23.37
C ALA A 1132 55.20 -2.89 -22.84
N MET A 1133 56.38 -3.45 -22.60
CA MET A 1133 56.50 -4.81 -22.10
C MET A 1133 55.87 -4.96 -20.71
N VAL A 1134 56.25 -4.09 -19.78
CA VAL A 1134 55.75 -4.17 -18.43
C VAL A 1134 54.37 -3.57 -18.24
N LEU A 1135 54.10 -2.47 -18.94
CA LEU A 1135 52.81 -1.79 -18.86
C LEU A 1135 51.63 -2.75 -19.09
N VAL A 1136 51.75 -3.58 -20.12
CA VAL A 1136 50.69 -4.54 -20.44
C VAL A 1136 50.41 -5.45 -19.26
N ASN A 1137 51.44 -5.71 -18.46
CA ASN A 1137 51.27 -6.57 -17.31
C ASN A 1137 50.53 -5.86 -16.19
N MET A 1138 50.91 -4.62 -15.93
CA MET A 1138 50.27 -3.83 -14.89
C MET A 1138 48.79 -3.65 -15.19
N PHE A 1139 48.48 -3.37 -16.45
CA PHE A 1139 47.10 -3.19 -16.88
C PHE A 1139 46.32 -4.49 -16.74
N GLY A 1140 46.93 -5.59 -17.18
CA GLY A 1140 46.29 -6.90 -17.11
C GLY A 1140 45.85 -7.19 -15.68
N VAL A 1141 46.82 -7.21 -14.78
CA VAL A 1141 46.54 -7.47 -13.36
C VAL A 1141 45.50 -6.51 -12.81
N MET A 1142 45.57 -5.25 -13.25
CA MET A 1142 44.63 -4.24 -12.79
C MET A 1142 43.23 -4.50 -13.34
N TRP A 1143 43.12 -4.58 -14.66
CA TRP A 1143 41.84 -4.82 -15.31
C TRP A 1143 41.60 -6.32 -15.50
N LEU A 1144 42.58 -7.12 -15.12
CA LEU A 1144 42.47 -8.57 -15.24
C LEU A 1144 41.87 -9.19 -14.00
N TRP A 1145 42.73 -9.64 -13.08
CA TRP A 1145 42.28 -10.26 -11.84
C TRP A 1145 42.11 -9.21 -10.75
N GLY A 1146 42.30 -9.63 -9.49
CA GLY A 1146 42.16 -8.72 -8.36
C GLY A 1146 42.98 -7.46 -8.56
N ILE A 1147 42.46 -6.55 -9.38
CA ILE A 1147 43.14 -5.29 -9.67
C ILE A 1147 42.27 -4.10 -9.29
N SER A 1148 42.62 -2.93 -9.81
CA SER A 1148 41.88 -1.71 -9.53
C SER A 1148 42.43 -0.53 -10.33
N LEU A 1149 41.92 0.66 -10.02
CA LEU A 1149 42.37 1.87 -10.70
C LEU A 1149 41.84 3.12 -10.01
N ASN A 1150 42.66 4.17 -9.97
CA ASN A 1150 42.27 5.43 -9.34
C ASN A 1150 43.46 6.37 -9.20
N ALA A 1151 43.24 7.49 -8.54
CA ALA A 1151 44.30 8.49 -8.34
C ALA A 1151 45.59 7.81 -7.88
N VAL A 1152 45.46 6.66 -7.23
CA VAL A 1152 46.61 5.92 -6.75
C VAL A 1152 47.16 4.99 -7.82
N SER A 1153 46.31 4.08 -8.30
CA SER A 1153 46.71 3.13 -9.33
C SER A 1153 47.51 3.82 -10.42
N LEU A 1154 47.11 5.06 -10.74
CA LEU A 1154 47.80 5.85 -11.75
C LEU A 1154 49.24 6.09 -11.31
N VAL A 1155 49.40 6.45 -10.04
CA VAL A 1155 50.73 6.65 -9.47
C VAL A 1155 51.43 5.30 -9.43
N ASN A 1156 50.64 4.24 -9.21
CA ASN A 1156 51.17 2.89 -9.16
C ASN A 1156 51.82 2.52 -10.48
N LEU A 1157 51.12 2.78 -11.58
CA LEU A 1157 51.66 2.51 -12.91
C LEU A 1157 52.96 3.28 -13.11
N VAL A 1158 52.99 4.52 -12.61
CA VAL A 1158 54.18 5.35 -12.75
C VAL A 1158 55.38 4.65 -12.10
N MET A 1159 55.25 4.32 -10.83
CA MET A 1159 56.32 3.65 -10.09
C MET A 1159 56.73 2.37 -10.80
N SER A 1160 55.74 1.67 -11.36
CA SER A 1160 56.00 0.43 -12.09
C SER A 1160 57.00 0.67 -13.21
N CYS A 1161 56.70 1.65 -14.06
CA CYS A 1161 57.59 2.01 -15.16
C CYS A 1161 58.96 2.41 -14.61
N GLY A 1162 58.96 2.94 -13.39
CA GLY A 1162 60.21 3.35 -12.78
C GLY A 1162 61.12 2.17 -12.50
N ILE A 1163 60.71 1.30 -11.58
CA ILE A 1163 61.50 0.14 -11.22
C ILE A 1163 61.86 -0.66 -12.46
N SER A 1164 60.92 -0.74 -13.41
CA SER A 1164 61.14 -1.45 -14.66
C SER A 1164 62.36 -0.89 -15.38
N VAL A 1165 62.42 0.44 -15.46
CA VAL A 1165 63.54 1.12 -16.10
C VAL A 1165 64.82 0.72 -15.37
N GLU A 1166 64.77 0.72 -14.05
CA GLU A 1166 65.92 0.35 -13.23
C GLU A 1166 66.49 -0.99 -13.70
N PHE A 1167 65.66 -2.03 -13.63
CA PHE A 1167 66.06 -3.35 -14.08
C PHE A 1167 66.77 -3.25 -15.41
N CYS A 1168 65.98 -3.02 -16.44
CA CYS A 1168 66.48 -3.00 -17.82
C CYS A 1168 67.82 -2.26 -17.93
N SER A 1169 67.85 -1.06 -17.36
CA SER A 1169 69.00 -0.15 -17.47
C SER A 1169 70.35 -0.83 -17.27
N HIS A 1170 70.47 -1.62 -16.21
CA HIS A 1170 71.75 -2.25 -15.85
C HIS A 1170 72.12 -3.39 -16.79
N ILE A 1171 71.13 -4.21 -17.14
CA ILE A 1171 71.34 -5.43 -17.94
C ILE A 1171 71.85 -5.19 -19.36
N THR A 1172 71.58 -3.97 -19.83
CA THR A 1172 71.51 -3.49 -21.21
C THR A 1172 72.66 -2.54 -21.51
N ARG A 1173 73.01 -1.71 -20.54
CA ARG A 1173 74.10 -0.75 -20.70
C ARG A 1173 75.45 -1.44 -20.75
N ALA A 1174 75.49 -2.67 -20.25
CA ALA A 1174 76.72 -3.46 -20.24
C ALA A 1174 76.69 -4.56 -21.29
N PHE A 1175 75.49 -4.86 -21.78
CA PHE A 1175 75.32 -5.90 -22.79
C PHE A 1175 75.39 -5.31 -24.20
N THR A 1176 74.74 -4.17 -24.40
CA THR A 1176 74.74 -3.50 -25.69
C THR A 1176 76.16 -3.31 -26.21
N VAL A 1177 77.01 -2.71 -25.39
CA VAL A 1177 78.40 -2.47 -25.77
C VAL A 1177 79.09 -3.76 -26.18
N SER A 1178 79.51 -4.54 -25.19
CA SER A 1178 80.18 -5.80 -25.43
C SER A 1178 81.42 -5.60 -26.29
N MET A 1179 82.59 -5.53 -25.65
CA MET A 1179 83.84 -5.33 -26.35
C MET A 1179 84.05 -6.40 -27.42
N LYS A 1180 84.58 -7.55 -27.00
CA LYS A 1180 84.82 -8.66 -27.92
C LYS A 1180 83.47 -9.20 -28.35
N GLY A 1181 83.01 -8.77 -29.52
CA GLY A 1181 81.62 -8.95 -29.90
C GLY A 1181 81.39 -10.33 -30.52
N SER A 1182 80.15 -10.78 -30.46
CA SER A 1182 79.80 -12.09 -31.01
C SER A 1182 78.32 -12.15 -31.38
N ARG A 1183 77.84 -13.35 -31.70
CA ARG A 1183 76.44 -13.55 -32.07
C ARG A 1183 75.54 -13.48 -30.85
N VAL A 1184 75.66 -14.47 -29.97
CA VAL A 1184 74.84 -14.53 -28.76
C VAL A 1184 75.66 -15.01 -27.57
N GLU A 1185 76.98 -15.07 -27.75
CA GLU A 1185 77.87 -15.52 -26.68
C GLU A 1185 78.21 -14.38 -25.73
N ARG A 1186 78.57 -13.23 -26.30
CA ARG A 1186 78.92 -12.06 -25.50
C ARG A 1186 77.76 -11.64 -24.60
N ALA A 1187 76.54 -11.73 -25.12
CA ALA A 1187 75.36 -11.36 -24.35
C ALA A 1187 75.24 -12.19 -23.08
N GLU A 1188 75.31 -13.50 -23.23
CA GLU A 1188 75.21 -14.42 -22.09
C GLU A 1188 76.26 -14.09 -21.04
N GLU A 1189 77.40 -13.56 -21.49
CA GLU A 1189 78.49 -13.22 -20.58
C GLU A 1189 78.14 -12.00 -19.74
N ALA A 1190 77.64 -10.95 -20.38
CA ALA A 1190 77.27 -9.73 -19.69
C ALA A 1190 76.13 -9.98 -18.70
N LEU A 1191 75.00 -10.44 -19.21
CA LEU A 1191 73.84 -10.72 -18.37
C LEU A 1191 74.23 -11.50 -17.13
N ALA A 1192 75.24 -12.36 -17.26
CA ALA A 1192 75.73 -13.16 -16.15
C ALA A 1192 76.10 -12.30 -14.96
N HIS A 1193 76.95 -11.30 -15.20
CA HIS A 1193 77.39 -10.39 -14.15
C HIS A 1193 76.28 -9.45 -13.74
N MET A 1194 75.20 -9.43 -14.52
CA MET A 1194 74.06 -8.57 -14.23
C MET A 1194 72.90 -9.39 -13.67
N GLY A 1195 72.92 -10.69 -13.91
CA GLY A 1195 71.87 -11.58 -13.44
C GLY A 1195 71.93 -11.78 -11.93
N SER A 1196 73.14 -11.85 -11.39
CA SER A 1196 73.33 -12.04 -9.95
C SER A 1196 72.64 -10.94 -9.16
N SER A 1197 72.65 -9.73 -9.70
CA SER A 1197 72.03 -8.59 -9.05
C SER A 1197 70.51 -8.59 -9.24
N VAL A 1198 70.08 -9.16 -10.37
CA VAL A 1198 68.66 -9.24 -10.69
C VAL A 1198 67.92 -10.13 -9.70
N PHE A 1199 68.65 -11.08 -9.11
CA PHE A 1199 68.07 -12.00 -8.15
C PHE A 1199 68.25 -11.50 -6.72
N SER A 1200 69.18 -10.56 -6.54
CA SER A 1200 69.45 -9.99 -5.23
C SER A 1200 68.35 -9.03 -4.80
N GLY A 1201 68.40 -7.82 -5.36
CA GLY A 1201 67.41 -6.80 -5.04
C GLY A 1201 66.00 -7.25 -5.32
N ILE A 1202 65.73 -7.58 -6.58
CA ILE A 1202 64.39 -8.03 -6.98
C ILE A 1202 63.83 -9.06 -6.00
N THR A 1203 64.40 -10.26 -6.00
CA THR A 1203 63.96 -11.33 -5.12
C THR A 1203 63.61 -10.78 -3.74
N LEU A 1204 64.58 -10.14 -3.10
CA LEU A 1204 64.37 -9.57 -1.77
C LEU A 1204 63.12 -8.67 -1.74
N THR A 1205 63.11 -7.67 -2.60
CA THR A 1205 61.98 -6.74 -2.67
C THR A 1205 60.65 -7.50 -2.65
N LYS A 1206 60.56 -8.55 -3.46
CA LYS A 1206 59.37 -9.40 -3.46
C LYS A 1206 59.22 -10.08 -2.10
N PHE A 1207 60.34 -10.60 -1.59
CA PHE A 1207 60.34 -11.28 -0.30
C PHE A 1207 59.77 -10.36 0.79
N GLY A 1208 59.84 -9.05 0.55
CA GLY A 1208 59.30 -8.08 1.49
C GLY A 1208 57.82 -7.86 1.28
N GLY A 1209 57.42 -7.70 0.03
CA GLY A 1209 56.02 -7.50 -0.31
C GLY A 1209 55.17 -8.62 0.25
N ILE A 1210 55.63 -9.85 0.06
CA ILE A 1210 54.94 -11.04 0.56
C ILE A 1210 54.49 -10.82 1.99
N VAL A 1211 55.43 -10.46 2.87
CA VAL A 1211 55.09 -10.12 4.23
C VAL A 1211 54.01 -9.04 4.23
N VAL A 1212 54.01 -8.23 3.18
CA VAL A 1212 53.04 -7.15 3.05
C VAL A 1212 51.81 -7.60 2.26
N LEU A 1213 52.04 -8.42 1.24
CA LEU A 1213 50.95 -8.93 0.42
C LEU A 1213 50.41 -10.24 0.97
N ALA A 1214 51.27 -11.26 1.02
CA ALA A 1214 50.88 -12.57 1.53
C ALA A 1214 50.42 -12.48 2.97
N PHE A 1215 50.79 -11.41 3.65
CA PHE A 1215 50.41 -11.20 5.05
C PHE A 1215 48.90 -11.01 5.17
N ALA A 1216 48.49 -10.28 6.20
CA ALA A 1216 47.08 -10.01 6.44
C ALA A 1216 46.82 -8.53 6.67
N LYS A 1217 45.57 -8.19 6.99
CA LYS A 1217 45.20 -6.81 7.24
C LYS A 1217 43.77 -6.71 7.78
N SER A 1218 43.28 -5.48 7.94
CA SER A 1218 41.94 -5.25 8.44
C SER A 1218 41.15 -4.31 7.53
N GLN A 1219 41.41 -4.42 6.23
CA GLN A 1219 40.73 -3.58 5.25
C GLN A 1219 41.24 -3.85 3.84
N ILE A 1220 40.34 -3.78 2.86
CA ILE A 1220 40.70 -4.02 1.47
C ILE A 1220 41.49 -2.85 0.90
N PHE A 1221 41.39 -1.69 1.55
CA PHE A 1221 42.10 -0.50 1.10
C PHE A 1221 43.48 -0.85 0.55
N GLN A 1222 44.42 -1.09 1.44
CA GLN A 1222 45.78 -1.44 1.04
C GLN A 1222 45.85 -2.85 0.48
N ILE A 1223 44.89 -3.67 0.86
CA ILE A 1223 44.84 -5.06 0.39
C ILE A 1223 45.03 -5.14 -1.12
N PHE A 1224 44.89 -4.01 -1.79
CA PHE A 1224 45.04 -3.94 -3.24
C PHE A 1224 46.27 -3.12 -3.63
N TYR A 1225 46.40 -1.94 -3.04
CA TYR A 1225 47.53 -1.06 -3.33
C TYR A 1225 48.84 -1.83 -3.33
N PHE A 1226 49.16 -2.44 -2.19
CA PHE A 1226 50.40 -3.21 -2.06
C PHE A 1226 50.24 -4.61 -2.64
N ARG A 1227 49.06 -4.88 -3.21
CA ARG A 1227 48.77 -6.17 -3.80
C ARG A 1227 49.31 -6.25 -5.24
N MET A 1228 48.88 -5.31 -6.08
CA MET A 1228 49.34 -5.28 -7.46
C MET A 1228 50.83 -5.00 -7.50
N TYR A 1229 51.25 -4.04 -6.67
CA TYR A 1229 52.65 -3.68 -6.52
C TYR A 1229 53.52 -4.91 -6.69
N LEU A 1230 53.27 -5.90 -5.85
CA LEU A 1230 54.04 -7.14 -5.80
C LEU A 1230 53.85 -7.93 -7.09
N ALA A 1231 52.62 -7.93 -7.60
CA ALA A 1231 52.30 -8.65 -8.83
C ALA A 1231 52.91 -7.93 -10.03
N MET A 1232 52.69 -6.63 -10.12
CA MET A 1232 53.23 -5.82 -11.20
C MET A 1232 54.75 -5.76 -11.13
N VAL A 1233 55.27 -5.61 -9.91
CA VAL A 1233 56.71 -5.56 -9.69
C VAL A 1233 57.37 -6.89 -10.04
N LEU A 1234 56.68 -7.98 -9.74
CA LEU A 1234 57.20 -9.32 -10.02
C LEU A 1234 57.27 -9.58 -11.52
N LEU A 1235 56.18 -9.28 -12.22
CA LEU A 1235 56.12 -9.48 -13.66
C LEU A 1235 57.25 -8.75 -14.37
N GLY A 1236 57.47 -7.50 -14.01
CA GLY A 1236 58.52 -6.68 -14.61
C GLY A 1236 59.88 -7.34 -14.42
N ALA A 1237 60.17 -7.77 -13.20
CA ALA A 1237 61.44 -8.42 -12.89
C ALA A 1237 61.67 -9.64 -13.77
N THR A 1238 60.64 -10.48 -13.88
CA THR A 1238 60.73 -11.70 -14.69
C THR A 1238 61.08 -11.37 -16.14
N HIS A 1239 60.37 -10.37 -16.68
CA HIS A 1239 60.58 -9.94 -18.05
C HIS A 1239 62.01 -9.44 -18.26
N GLY A 1240 62.58 -8.82 -17.23
CA GLY A 1240 63.93 -8.31 -17.30
C GLY A 1240 64.89 -9.29 -17.95
N LEU A 1241 64.96 -10.50 -17.39
CA LEU A 1241 65.85 -11.53 -17.91
C LEU A 1241 65.37 -12.01 -19.28
N ILE A 1242 64.09 -12.34 -19.37
CA ILE A 1242 63.50 -12.82 -20.63
C ILE A 1242 63.59 -11.75 -21.71
N PHE A 1243 63.11 -10.56 -21.39
CA PHE A 1243 63.13 -9.44 -22.34
C PHE A 1243 64.53 -9.27 -22.95
N LEU A 1244 65.53 -9.19 -22.09
CA LEU A 1244 66.91 -9.02 -22.54
C LEU A 1244 67.34 -10.18 -23.44
N PRO A 1245 67.10 -11.40 -22.98
CA PRO A 1245 67.45 -12.59 -23.76
C PRO A 1245 66.80 -12.60 -25.13
N VAL A 1246 65.50 -12.31 -25.16
CA VAL A 1246 64.75 -12.29 -26.42
C VAL A 1246 65.31 -11.24 -27.37
N LEU A 1247 65.61 -10.06 -26.83
CA LEU A 1247 66.15 -8.97 -27.63
C LEU A 1247 67.52 -9.34 -28.22
N LEU A 1248 68.36 -9.93 -27.39
CA LEU A 1248 69.71 -10.34 -27.81
C LEU A 1248 69.60 -11.29 -29.00
N SER A 1249 68.72 -12.26 -28.85
CA SER A 1249 68.47 -13.29 -29.86
C SER A 1249 68.04 -12.63 -31.18
N TYR A 1250 67.12 -11.69 -31.04
CA TYR A 1250 66.57 -10.93 -32.17
C TYR A 1250 67.70 -10.21 -32.91
N ILE A 1251 68.54 -9.57 -32.12
CA ILE A 1251 69.70 -8.81 -32.62
C ILE A 1251 70.61 -9.73 -33.44
N ARG B 1 -53.11 -40.08 19.46
CA ARG B 1 -52.64 -39.16 18.43
C ARG B 1 -52.97 -37.70 18.77
N SER B 2 -53.02 -37.38 20.06
CA SER B 2 -53.31 -36.01 20.48
C SER B 2 -52.51 -35.59 21.70
N ILE B 3 -51.87 -34.42 21.59
CA ILE B 3 -51.11 -33.81 22.66
C ILE B 3 -52.02 -33.32 23.80
N PRO B 4 -51.83 -33.89 25.01
CA PRO B 4 -52.59 -33.51 26.20
C PRO B 4 -52.42 -32.03 26.57
N LEU B 5 -53.50 -31.42 27.04
CA LEU B 5 -53.49 -30.03 27.45
C LEU B 5 -53.96 -29.94 28.91
N GLY B 6 -53.13 -29.35 29.77
CA GLY B 6 -53.43 -29.26 31.18
C GLY B 6 -54.26 -28.03 31.52
N VAL B 7 -55.33 -28.22 32.28
CA VAL B 7 -56.19 -27.11 32.68
C VAL B 7 -56.16 -26.89 34.18
N ILE B 8 -55.84 -25.67 34.59
CA ILE B 8 -55.74 -25.35 36.02
C ILE B 8 -56.67 -24.25 36.45
N HIS B 9 -57.37 -24.48 37.56
CA HIS B 9 -58.22 -23.47 38.16
C HIS B 9 -57.43 -22.73 39.23
N ASN B 10 -57.62 -23.13 40.48
CA ASN B 10 -56.80 -22.62 41.58
C ASN B 10 -55.66 -23.59 41.83
N SER B 11 -56.01 -24.86 41.93
CA SER B 11 -55.04 -25.96 42.00
C SER B 11 -55.57 -27.26 41.40
N VAL B 12 -56.60 -27.17 40.58
CA VAL B 12 -57.20 -28.39 40.02
C VAL B 12 -56.37 -28.67 38.73
N LEU B 13 -55.45 -29.64 38.75
CA LEU B 13 -54.83 -29.96 37.48
C LEU B 13 -55.54 -31.15 36.90
N GLN B 14 -56.45 -30.88 35.97
CA GLN B 14 -57.09 -31.94 35.23
C GLN B 14 -56.53 -32.02 33.82
N VAL B 15 -55.93 -33.18 33.53
CA VAL B 15 -55.45 -33.47 32.19
C VAL B 15 -56.64 -33.63 31.25
N SER B 16 -57.00 -32.53 30.61
CA SER B 16 -58.08 -32.53 29.64
C SER B 16 -57.54 -32.31 28.24
N ASP B 17 -58.40 -31.74 27.40
CA ASP B 17 -58.03 -31.27 26.07
C ASP B 17 -59.23 -30.46 25.61
N VAL B 18 -59.25 -30.04 24.34
CA VAL B 18 -60.44 -29.38 23.81
C VAL B 18 -61.47 -30.46 23.42
N ASP B 19 -61.03 -31.72 23.51
CA ASP B 19 -61.86 -32.92 23.42
C ASP B 19 -62.66 -33.14 24.72
N LYS B 20 -62.90 -32.07 25.46
CA LYS B 20 -63.58 -32.14 26.75
C LYS B 20 -63.89 -30.78 27.34
N LEU B 21 -63.01 -29.81 27.05
CA LEU B 21 -63.05 -28.48 27.67
C LEU B 21 -64.47 -27.95 27.76
N VAL B 22 -65.06 -28.14 28.93
CA VAL B 22 -66.47 -27.84 29.18
C VAL B 22 -66.87 -26.46 28.68
N CYS B 23 -68.14 -26.32 28.31
CA CYS B 23 -68.66 -25.08 27.75
C CYS B 23 -68.73 -23.98 28.82
N ARG B 24 -68.16 -24.26 29.99
CA ARG B 24 -68.03 -23.28 31.06
C ARG B 24 -66.56 -22.94 31.27
N ASP B 25 -65.67 -23.67 30.59
CA ASP B 25 -64.25 -23.40 30.69
C ASP B 25 -63.87 -22.21 29.82
N LYS B 26 -63.14 -21.26 30.41
CA LYS B 26 -62.92 -19.96 29.79
C LYS B 26 -61.51 -19.78 29.22
N LEU B 27 -61.45 -19.69 27.89
CA LEU B 27 -60.23 -19.32 27.19
C LEU B 27 -60.47 -18.01 26.45
N SER B 28 -60.09 -16.90 27.06
CA SER B 28 -60.45 -15.59 26.52
C SER B 28 -59.27 -14.93 25.84
N SER B 29 -58.08 -15.47 26.04
CA SER B 29 -56.90 -14.91 25.42
C SER B 29 -55.82 -15.95 25.17
N THR B 30 -55.06 -15.75 24.11
CA THR B 30 -54.01 -16.67 23.79
C THR B 30 -52.88 -16.56 24.82
N ASN B 31 -52.86 -15.46 25.58
CA ASN B 31 -51.91 -15.28 26.68
C ASN B 31 -52.09 -16.30 27.82
N GLN B 32 -53.22 -17.01 27.81
CA GLN B 32 -53.48 -18.04 28.81
C GLN B 32 -52.81 -19.37 28.49
N LEU B 33 -52.27 -19.49 27.29
CA LEU B 33 -51.62 -20.73 26.88
C LEU B 33 -50.13 -20.67 27.14
N ARG B 34 -49.62 -21.62 27.91
CA ARG B 34 -48.20 -21.66 28.20
C ARG B 34 -47.68 -23.08 28.05
N SER B 35 -46.45 -23.18 27.57
CA SER B 35 -45.72 -24.45 27.51
C SER B 35 -44.59 -24.40 28.53
N VAL B 36 -44.37 -25.51 29.21
CA VAL B 36 -43.41 -25.53 30.31
C VAL B 36 -42.46 -26.71 30.13
N GLY B 37 -41.19 -26.49 30.47
CA GLY B 37 -40.19 -27.54 30.42
C GLY B 37 -39.86 -27.99 31.83
N LEU B 38 -40.01 -29.28 32.08
CA LEU B 38 -39.62 -29.81 33.38
C LEU B 38 -38.48 -30.80 33.27
N ASN B 39 -37.60 -30.70 34.23
CA ASN B 39 -36.35 -31.43 34.35
C ASN B 39 -36.50 -32.84 34.88
N LEU B 40 -35.67 -33.72 34.35
CA LEU B 40 -35.59 -35.10 34.77
C LEU B 40 -34.28 -35.33 35.49
N GLU B 41 -34.30 -35.11 36.80
CA GLU B 41 -33.12 -35.35 37.61
C GLU B 41 -33.61 -35.75 39.00
N GLY B 42 -32.70 -36.18 39.85
CA GLY B 42 -33.06 -36.59 41.19
C GLY B 42 -32.71 -38.04 41.44
N ASN B 43 -33.36 -38.64 42.42
CA ASN B 43 -33.01 -39.99 42.89
C ASN B 43 -33.14 -41.04 41.82
N GLY B 44 -32.08 -41.81 41.61
CA GLY B 44 -32.08 -42.85 40.61
C GLY B 44 -31.59 -42.36 39.26
N VAL B 45 -31.35 -41.06 39.15
CA VAL B 45 -30.83 -40.51 37.91
C VAL B 45 -29.38 -40.10 38.14
N ALA B 46 -28.47 -40.90 37.59
CA ALA B 46 -27.06 -40.74 37.84
C ALA B 46 -26.55 -39.41 37.27
N THR B 47 -25.53 -38.84 37.90
CA THR B 47 -25.08 -37.51 37.51
C THR B 47 -23.72 -37.49 36.80
N ASP B 48 -22.85 -38.43 37.14
CA ASP B 48 -21.51 -38.42 36.53
C ASP B 48 -21.64 -38.76 35.03
N VAL B 49 -20.77 -38.19 34.21
CA VAL B 49 -20.88 -38.34 32.75
C VAL B 49 -20.84 -39.79 32.24
N PRO B 50 -19.91 -40.63 32.73
CA PRO B 50 -19.98 -42.04 32.31
C PRO B 50 -21.34 -42.70 32.58
N SER B 51 -21.99 -42.40 33.70
CA SER B 51 -23.30 -42.99 33.95
C SER B 51 -24.39 -42.27 33.17
N ALA B 52 -24.19 -40.98 32.91
CA ALA B 52 -25.21 -40.17 32.25
C ALA B 52 -25.37 -40.55 30.77
N THR B 53 -24.26 -40.85 30.10
CA THR B 53 -24.29 -41.17 28.66
C THR B 53 -25.13 -42.41 28.38
N LYS B 54 -25.24 -43.29 29.37
CA LYS B 54 -26.06 -44.50 29.23
C LYS B 54 -27.51 -44.17 28.86
N ARG B 55 -27.97 -42.96 29.20
CA ARG B 55 -29.31 -42.52 28.81
C ARG B 55 -29.40 -42.00 27.36
N TRP B 56 -28.27 -41.85 26.69
CA TRP B 56 -28.26 -41.29 25.33
C TRP B 56 -27.63 -42.28 24.34
N GLY B 57 -27.88 -42.08 23.05
CA GLY B 57 -27.28 -42.93 22.03
C GLY B 57 -27.27 -42.33 20.62
N PHE B 58 -26.31 -42.76 19.82
CA PHE B 58 -26.18 -42.27 18.44
C PHE B 58 -27.01 -43.05 17.44
N ARG B 59 -27.64 -42.33 16.52
CA ARG B 59 -28.58 -42.89 15.56
C ARG B 59 -28.51 -42.09 14.26
N SER B 60 -28.64 -42.80 13.13
CA SER B 60 -28.66 -42.16 11.82
C SER B 60 -30.00 -42.37 11.13
N GLY B 61 -30.33 -41.48 10.21
CA GLY B 61 -31.55 -41.58 9.45
C GLY B 61 -32.71 -40.83 10.05
N VAL B 62 -32.53 -40.32 11.27
CA VAL B 62 -33.61 -39.58 11.93
C VAL B 62 -33.26 -38.09 12.02
N PRO B 63 -34.03 -37.24 11.32
CA PRO B 63 -33.86 -35.78 11.35
C PRO B 63 -34.18 -35.17 12.73
N PRO B 64 -33.30 -34.30 13.23
CA PRO B 64 -33.54 -33.64 14.51
C PRO B 64 -34.78 -32.74 14.49
N LYS B 65 -35.43 -32.58 15.64
CA LYS B 65 -36.62 -31.75 15.72
C LYS B 65 -36.54 -30.85 16.96
N VAL B 66 -37.08 -29.64 16.84
CA VAL B 66 -37.05 -28.66 17.91
C VAL B 66 -38.46 -28.16 18.21
N VAL B 67 -38.76 -27.89 19.48
CA VAL B 67 -40.05 -27.32 19.86
C VAL B 67 -39.80 -26.29 20.97
N ASN B 68 -40.49 -25.15 20.94
CA ASN B 68 -40.22 -24.14 21.95
C ASN B 68 -40.97 -24.46 23.24
N TYR B 69 -40.51 -23.85 24.34
CA TYR B 69 -41.21 -23.94 25.62
C TYR B 69 -40.89 -22.62 26.29
N GLU B 70 -41.75 -22.16 27.20
CA GLU B 70 -41.70 -20.76 27.63
C GLU B 70 -41.16 -20.59 29.03
N ALA B 71 -41.19 -21.65 29.82
CA ALA B 71 -40.69 -21.57 31.18
C ALA B 71 -40.19 -22.93 31.63
N GLY B 72 -39.17 -22.93 32.47
CA GLY B 72 -38.69 -24.18 33.04
C GLY B 72 -38.22 -24.02 34.46
N GLU B 73 -37.39 -24.95 34.93
CA GLU B 73 -36.93 -24.89 36.32
C GLU B 73 -35.41 -24.90 36.43
N TRP B 74 -34.94 -24.42 37.57
CA TRP B 74 -33.55 -24.54 37.93
C TRP B 74 -33.13 -26.00 37.89
N ALA B 75 -31.99 -26.29 37.25
CA ALA B 75 -31.45 -27.63 37.17
C ALA B 75 -30.25 -27.75 38.10
N GLU B 76 -30.19 -28.83 38.87
CA GLU B 76 -29.00 -29.08 39.72
C GLU B 76 -27.83 -29.50 38.84
N ASN B 77 -28.10 -30.35 37.86
CA ASN B 77 -27.07 -30.80 36.93
C ASN B 77 -27.39 -30.52 35.46
N CYS B 78 -26.45 -29.88 34.78
CA CYS B 78 -26.53 -29.72 33.33
C CYS B 78 -25.32 -30.36 32.67
N TYR B 79 -25.37 -30.49 31.33
CA TYR B 79 -24.31 -31.11 30.57
C TYR B 79 -23.94 -30.25 29.37
N ASN B 80 -22.66 -30.30 29.01
CA ASN B 80 -22.13 -29.52 27.90
C ASN B 80 -21.00 -30.35 27.28
N LEU B 81 -21.29 -30.94 26.12
CA LEU B 81 -20.42 -31.95 25.51
C LEU B 81 -19.70 -31.45 24.26
N GLU B 82 -18.43 -31.81 24.12
CA GLU B 82 -17.68 -31.62 22.88
C GLU B 82 -16.91 -32.91 22.55
N ILE B 83 -17.09 -33.42 21.34
CA ILE B 83 -16.60 -34.74 20.97
C ILE B 83 -15.97 -34.74 19.58
N LYS B 84 -14.70 -35.13 19.50
CA LYS B 84 -14.04 -35.39 18.22
C LYS B 84 -14.22 -36.85 17.78
N LYS B 85 -14.52 -37.06 16.50
CA LYS B 85 -14.44 -38.40 15.91
C LYS B 85 -12.98 -38.90 15.93
N PRO B 86 -12.78 -40.22 15.70
CA PRO B 86 -11.39 -40.72 15.65
C PRO B 86 -10.52 -39.99 14.62
N ASP B 87 -11.11 -39.53 13.51
CA ASP B 87 -10.33 -38.83 12.48
C ASP B 87 -10.17 -37.33 12.79
N GLY B 88 -10.66 -36.90 13.96
CA GLY B 88 -10.45 -35.54 14.42
C GLY B 88 -11.52 -34.53 14.05
N SER B 89 -12.42 -34.88 13.14
CA SER B 89 -13.49 -33.96 12.79
C SER B 89 -14.53 -33.91 13.92
N GLU B 90 -15.57 -33.08 13.77
CA GLU B 90 -16.55 -32.88 14.85
C GLU B 90 -17.65 -33.95 14.86
N CYS B 91 -17.91 -34.51 16.03
CA CYS B 91 -18.95 -35.52 16.17
C CYS B 91 -20.36 -34.93 16.37
N LEU B 92 -20.49 -33.88 17.19
CA LEU B 92 -21.80 -33.25 17.40
C LEU B 92 -21.97 -32.02 16.50
N PRO B 93 -23.20 -31.80 16.02
CA PRO B 93 -23.46 -30.63 15.17
C PRO B 93 -23.34 -29.33 15.97
N ALA B 94 -22.96 -28.24 15.32
CA ALA B 94 -22.93 -26.94 15.98
C ALA B 94 -24.35 -26.50 16.36
N ALA B 95 -24.47 -25.76 17.45
CA ALA B 95 -25.79 -25.27 17.85
C ALA B 95 -26.34 -24.39 16.72
N PRO B 96 -27.53 -24.71 16.24
CA PRO B 96 -28.16 -23.84 15.25
C PRO B 96 -28.37 -22.44 15.81
N ASP B 97 -28.40 -21.48 14.91
CA ASP B 97 -28.67 -20.07 15.20
C ASP B 97 -29.87 -19.90 16.15
N GLY B 98 -29.67 -19.17 17.25
CA GLY B 98 -30.73 -18.94 18.22
C GLY B 98 -30.90 -20.01 19.29
N ILE B 99 -30.05 -21.04 19.28
CA ILE B 99 -30.11 -22.06 20.31
C ILE B 99 -28.95 -21.84 21.28
N ARG B 100 -29.28 -21.42 22.50
CA ARG B 100 -28.29 -21.13 23.55
C ARG B 100 -28.42 -22.12 24.70
N GLY B 101 -27.46 -22.11 25.61
CA GLY B 101 -27.48 -23.06 26.70
C GLY B 101 -28.67 -22.88 27.65
N PHE B 102 -29.10 -23.99 28.23
CA PHE B 102 -30.06 -23.95 29.32
C PHE B 102 -29.63 -22.86 30.33
N PRO B 103 -30.54 -21.95 30.66
CA PRO B 103 -30.19 -20.68 31.33
C PRO B 103 -30.00 -20.73 32.86
N ARG B 104 -30.45 -21.80 33.51
CA ARG B 104 -30.38 -21.86 34.97
C ARG B 104 -29.86 -23.22 35.48
N CYS B 105 -28.54 -23.34 35.59
CA CYS B 105 -27.88 -24.56 36.03
C CYS B 105 -27.09 -24.30 37.31
N ARG B 106 -27.32 -25.10 38.35
CA ARG B 106 -26.46 -25.03 39.53
C ARG B 106 -25.04 -25.45 39.18
N TYR B 107 -24.93 -26.49 38.35
CA TYR B 107 -23.64 -27.08 38.02
C TYR B 107 -23.64 -27.64 36.59
N VAL B 108 -22.58 -27.37 35.84
CA VAL B 108 -22.47 -27.86 34.48
C VAL B 108 -21.34 -28.87 34.35
N HIS B 109 -21.69 -30.09 33.93
CA HIS B 109 -20.68 -31.08 33.56
C HIS B 109 -20.19 -30.72 32.15
N LYS B 110 -19.12 -29.94 32.10
CA LYS B 110 -18.58 -29.45 30.84
C LYS B 110 -17.33 -30.23 30.45
N VAL B 111 -17.47 -31.10 29.46
CA VAL B 111 -16.41 -32.04 29.14
C VAL B 111 -16.18 -32.19 27.64
N SER B 112 -14.97 -32.62 27.32
CA SER B 112 -14.49 -32.63 25.96
C SER B 112 -13.51 -33.78 25.76
N GLY B 113 -13.57 -34.41 24.59
CA GLY B 113 -12.63 -35.45 24.27
C GLY B 113 -12.92 -36.07 22.93
N THR B 114 -12.66 -37.36 22.81
CA THR B 114 -12.91 -38.05 21.56
C THR B 114 -13.67 -39.35 21.83
N GLY B 115 -14.43 -39.80 20.84
CA GLY B 115 -15.22 -41.00 21.01
C GLY B 115 -15.60 -41.55 19.66
N PRO B 116 -16.21 -42.75 19.67
CA PRO B 116 -16.52 -43.52 18.47
C PRO B 116 -17.54 -42.84 17.54
N CYS B 117 -18.51 -42.11 18.10
CA CYS B 117 -19.50 -41.36 17.33
C CYS B 117 -20.15 -42.23 16.24
N ALA B 118 -20.87 -43.27 16.66
CA ALA B 118 -21.40 -44.26 15.71
C ALA B 118 -22.77 -43.86 15.17
N GLY B 119 -22.96 -42.61 14.84
CA GLY B 119 -24.22 -42.17 14.29
C GLY B 119 -24.19 -40.69 14.01
N ASP B 120 -25.18 -40.22 13.25
CA ASP B 120 -25.24 -38.81 12.86
C ASP B 120 -25.62 -37.91 14.03
N PHE B 121 -26.57 -38.35 14.87
CA PHE B 121 -27.05 -37.53 15.96
C PHE B 121 -27.21 -38.33 17.26
N ALA B 122 -26.99 -37.63 18.36
CA ALA B 122 -27.16 -38.22 19.69
C ALA B 122 -28.55 -37.89 20.22
N PHE B 123 -29.30 -38.95 20.56
CA PHE B 123 -30.69 -38.84 21.00
C PHE B 123 -30.85 -39.26 22.47
N HIS B 124 -32.04 -39.08 23.01
CA HIS B 124 -32.36 -39.58 24.35
C HIS B 124 -33.04 -40.94 24.27
N LYS B 125 -32.44 -41.95 24.91
CA LYS B 125 -32.96 -43.31 24.84
C LYS B 125 -34.32 -43.46 25.52
N GLU B 126 -34.61 -42.59 26.48
CA GLU B 126 -35.90 -42.68 27.17
C GLU B 126 -36.95 -41.81 26.47
N GLY B 127 -36.59 -41.17 25.37
CA GLY B 127 -37.55 -40.39 24.61
C GLY B 127 -37.77 -39.00 25.15
N ALA B 128 -36.97 -38.62 26.13
CA ALA B 128 -37.00 -37.26 26.65
C ALA B 128 -36.35 -36.27 25.68
N PHE B 129 -36.33 -35.01 26.08
CA PHE B 129 -35.76 -33.94 25.28
C PHE B 129 -34.51 -33.39 25.93
N PHE B 130 -33.61 -32.86 25.12
CA PHE B 130 -32.54 -32.03 25.63
C PHE B 130 -33.06 -30.58 25.65
N LEU B 131 -33.16 -30.02 26.86
CA LEU B 131 -33.68 -28.67 27.03
C LEU B 131 -32.55 -27.62 26.94
N TYR B 132 -32.68 -26.72 25.98
CA TYR B 132 -31.78 -25.60 25.86
C TYR B 132 -32.52 -24.35 26.33
N ASP B 133 -32.10 -23.17 25.87
CA ASP B 133 -32.76 -21.93 26.29
C ASP B 133 -34.15 -21.74 25.63
N ARG B 134 -35.17 -22.29 26.26
CA ARG B 134 -36.57 -22.18 25.81
C ARG B 134 -36.76 -22.82 24.43
N LEU B 135 -35.85 -23.72 24.07
CA LEU B 135 -36.06 -24.62 22.95
C LEU B 135 -35.68 -26.03 23.41
N ALA B 136 -36.52 -27.00 23.07
CA ALA B 136 -36.27 -28.38 23.38
C ALA B 136 -35.95 -29.12 22.10
N SER B 137 -34.83 -29.84 22.07
CA SER B 137 -34.46 -30.60 20.87
C SER B 137 -34.42 -32.10 21.13
N THR B 138 -34.68 -32.89 20.09
CA THR B 138 -34.48 -34.33 20.20
C THR B 138 -33.00 -34.73 20.20
N VAL B 139 -32.11 -33.75 20.11
CA VAL B 139 -30.72 -34.02 19.78
C VAL B 139 -29.69 -33.21 20.60
N ILE B 140 -28.48 -33.73 20.76
CA ILE B 140 -27.43 -32.98 21.45
C ILE B 140 -26.61 -32.12 20.52
N TYR B 141 -26.47 -30.84 20.87
CA TYR B 141 -25.64 -29.93 20.10
C TYR B 141 -24.30 -29.70 20.79
N ARG B 142 -23.28 -29.52 19.95
CA ARG B 142 -21.89 -29.33 20.36
C ARG B 142 -21.70 -28.14 21.32
N GLY B 143 -20.97 -28.35 22.41
CA GLY B 143 -20.59 -27.28 23.33
C GLY B 143 -21.71 -26.41 23.89
N THR B 144 -22.90 -26.98 23.99
CA THR B 144 -24.10 -26.23 24.37
C THR B 144 -24.78 -26.86 25.58
N THR B 145 -24.93 -26.06 26.63
CA THR B 145 -25.40 -26.58 27.90
C THR B 145 -26.87 -26.99 27.83
N PHE B 146 -27.15 -28.22 28.23
CA PHE B 146 -28.53 -28.68 28.27
C PHE B 146 -28.91 -29.30 29.61
N ALA B 147 -30.20 -29.31 29.88
CA ALA B 147 -30.77 -30.14 30.93
C ALA B 147 -31.66 -31.18 30.24
N GLU B 148 -31.81 -32.36 30.83
CA GLU B 148 -32.73 -33.35 30.29
C GLU B 148 -34.12 -33.03 30.81
N GLY B 149 -35.13 -33.19 29.96
CA GLY B 149 -36.47 -32.83 30.35
C GLY B 149 -37.62 -33.16 29.44
N VAL B 150 -38.80 -32.74 29.85
CA VAL B 150 -40.02 -32.99 29.09
C VAL B 150 -40.90 -31.73 29.11
N VAL B 151 -41.83 -31.66 28.17
CA VAL B 151 -42.63 -30.47 27.97
C VAL B 151 -44.11 -30.75 28.25
N ALA B 152 -44.79 -29.79 28.87
CA ALA B 152 -46.24 -29.84 29.01
C ALA B 152 -46.85 -28.54 28.48
N PHE B 153 -48.10 -28.62 28.07
CA PHE B 153 -48.85 -27.46 27.59
C PHE B 153 -50.06 -27.17 28.51
N LEU B 154 -50.18 -25.92 28.93
CA LEU B 154 -51.20 -25.56 29.93
C LEU B 154 -52.14 -24.44 29.49
N ILE B 155 -53.34 -24.45 30.06
CA ILE B 155 -54.22 -23.29 30.05
C ILE B 155 -54.25 -22.64 31.44
N LEU B 156 -53.74 -21.42 31.54
CA LEU B 156 -53.70 -20.67 32.80
C LEU B 156 -54.97 -19.84 32.99
N PRO B 157 -55.36 -19.60 34.26
CA PRO B 157 -56.50 -18.73 34.60
C PRO B 157 -56.37 -17.31 34.03
N GLN B 158 -57.51 -16.62 33.88
CA GLN B 158 -57.51 -15.25 33.36
C GLN B 158 -56.80 -14.27 34.30
N PRO C 1 -44.32 -41.92 41.23
CA PRO C 1 -42.86 -42.11 41.17
C PRO C 1 -42.05 -40.80 41.24
N LYS C 2 -40.77 -40.89 41.58
CA LYS C 2 -39.80 -39.83 41.27
C LYS C 2 -40.26 -38.38 41.34
N CYS C 3 -40.74 -37.83 42.46
CA CYS C 3 -41.32 -36.48 42.34
C CYS C 3 -40.74 -35.40 43.26
N ASN C 4 -40.28 -34.30 42.65
CA ASN C 4 -39.84 -33.12 43.36
C ASN C 4 -40.96 -32.09 43.50
N PRO C 5 -41.49 -31.93 44.73
CA PRO C 5 -42.64 -31.08 45.02
C PRO C 5 -42.30 -29.60 44.86
N ASN C 6 -41.04 -29.24 45.02
CA ASN C 6 -40.63 -27.86 44.83
C ASN C 6 -40.45 -27.52 43.36
N LEU C 7 -40.90 -26.34 42.98
CA LEU C 7 -40.73 -25.85 41.63
C LEU C 7 -40.05 -24.49 41.64
N HIS C 8 -38.73 -24.50 41.57
CA HIS C 8 -37.98 -23.26 41.53
C HIS C 8 -37.86 -22.80 40.06
N TYR C 9 -38.91 -22.16 39.56
CA TYR C 9 -39.06 -21.90 38.13
C TYR C 9 -38.36 -20.65 37.65
N TRP C 10 -38.11 -20.59 36.34
CA TRP C 10 -37.66 -19.36 35.70
C TRP C 10 -38.58 -19.10 34.51
N THR C 11 -38.72 -17.83 34.13
CA THR C 11 -39.49 -17.48 32.95
C THR C 11 -39.11 -16.08 32.48
N THR C 12 -39.64 -15.66 31.34
CA THR C 12 -39.46 -14.29 30.89
C THR C 12 -40.65 -13.41 31.28
N GLN C 13 -40.39 -12.28 31.91
CA GLN C 13 -41.41 -11.24 32.15
C GLN C 13 -40.80 -9.91 32.57
N ALA C 17 -38.43 -5.35 31.00
CA ALA C 17 -38.02 -4.13 31.71
C ALA C 17 -38.64 -2.88 31.08
N ALA C 18 -39.82 -2.51 31.53
CA ALA C 18 -40.58 -1.41 30.91
C ALA C 18 -40.42 -0.08 31.66
N ILE C 19 -39.20 0.25 32.06
CA ILE C 19 -38.93 1.50 32.77
C ILE C 19 -37.61 2.13 32.35
N GLY C 20 -37.66 3.35 31.84
CA GLY C 20 -36.48 4.00 31.30
C GLY C 20 -36.17 3.51 29.89
N LEU C 21 -34.88 3.45 29.55
CA LEU C 21 -34.46 2.99 28.23
C LEU C 21 -34.26 1.48 28.17
N ALA C 22 -34.73 0.76 29.19
CA ALA C 22 -34.42 -0.65 29.35
C ALA C 22 -35.11 -1.52 28.29
N TRP C 23 -36.18 -1.01 27.68
CA TRP C 23 -36.89 -1.74 26.63
C TRP C 23 -36.12 -1.70 25.30
N ILE C 24 -35.20 -0.76 25.16
CA ILE C 24 -34.35 -0.66 23.99
C ILE C 24 -33.27 -1.74 24.02
N PRO C 25 -33.24 -2.61 22.99
CA PRO C 25 -32.29 -3.72 22.95
C PRO C 25 -30.87 -3.28 23.26
N TYR C 26 -30.42 -2.18 22.66
CA TYR C 26 -29.07 -1.67 22.90
C TYR C 26 -28.78 -1.45 24.40
N PHE C 27 -29.79 -0.99 25.14
CA PHE C 27 -29.61 -0.63 26.54
C PHE C 27 -30.09 -1.70 27.52
N GLY C 28 -30.88 -2.64 27.01
CA GLY C 28 -31.50 -3.65 27.85
C GLY C 28 -30.61 -4.76 28.36
N PRO C 29 -31.21 -5.74 29.05
CA PRO C 29 -30.50 -6.89 29.62
C PRO C 29 -29.93 -7.78 28.54
N ALA C 30 -28.88 -8.54 28.86
CA ALA C 30 -28.35 -9.57 27.99
C ALA C 30 -29.28 -10.77 28.01
N ALA C 31 -29.01 -11.74 27.15
CA ALA C 31 -29.79 -12.99 27.08
C ALA C 31 -29.95 -13.67 28.45
N GLU C 32 -28.92 -13.61 29.28
CA GLU C 32 -28.97 -14.24 30.60
C GLU C 32 -29.81 -13.47 31.61
N GLY C 33 -30.18 -12.23 31.28
CA GLY C 33 -30.78 -11.35 32.26
C GLY C 33 -32.23 -10.95 32.00
N ILE C 34 -32.93 -11.73 31.18
CA ILE C 34 -34.31 -11.42 30.81
C ILE C 34 -35.28 -12.28 31.60
N TYR C 35 -34.74 -13.06 32.53
CA TYR C 35 -35.58 -14.02 33.26
C TYR C 35 -36.01 -13.50 34.62
N THR C 36 -37.22 -13.88 35.02
CA THR C 36 -37.61 -13.72 36.41
C THR C 36 -37.76 -15.09 37.07
N GLU C 37 -37.51 -15.12 38.38
CA GLU C 37 -37.50 -16.37 39.13
C GLU C 37 -38.53 -16.37 40.25
N GLY C 38 -38.93 -17.56 40.66
CA GLY C 38 -39.87 -17.70 41.76
C GLY C 38 -39.90 -19.12 42.31
N LEU C 39 -40.44 -19.26 43.51
CA LEU C 39 -40.54 -20.57 44.15
C LEU C 39 -42.00 -20.92 44.47
N MET C 40 -42.51 -21.91 43.75
CA MET C 40 -43.83 -22.51 43.96
C MET C 40 -43.76 -23.51 45.09
N HIS C 41 -44.74 -23.58 46.00
CA HIS C 41 -44.43 -24.36 47.19
C HIS C 41 -45.70 -24.65 48.01
N ASN C 42 -45.65 -25.73 48.80
CA ASN C 42 -46.82 -26.54 49.26
C ASN C 42 -48.04 -26.56 48.33
N GLN C 43 -47.76 -26.84 47.05
CA GLN C 43 -48.79 -27.25 46.11
C GLN C 43 -48.34 -28.56 45.49
N ASP C 44 -48.19 -29.58 46.33
CA ASP C 44 -47.65 -30.86 45.89
C ASP C 44 -48.50 -31.49 44.81
N GLY C 45 -49.81 -31.52 45.03
CA GLY C 45 -50.74 -32.14 44.10
C GLY C 45 -50.73 -31.51 42.73
N LEU C 46 -50.54 -30.19 42.69
CA LEU C 46 -50.44 -29.47 41.42
C LEU C 46 -49.08 -29.76 40.76
N ILE C 47 -48.01 -29.39 41.45
CA ILE C 47 -46.65 -29.54 40.93
C ILE C 47 -46.33 -30.97 40.49
N CYS C 48 -46.60 -31.96 41.35
CA CYS C 48 -46.39 -33.35 40.96
C CYS C 48 -47.33 -33.77 39.84
N GLY C 49 -48.46 -33.09 39.74
CA GLY C 49 -49.39 -33.38 38.66
C GLY C 49 -48.84 -32.85 37.35
N LEU C 50 -48.15 -31.71 37.43
CA LEU C 50 -47.47 -31.11 36.29
C LEU C 50 -46.38 -32.02 35.75
N ARG C 51 -45.53 -32.54 36.64
CA ARG C 51 -44.48 -33.46 36.24
C ARG C 51 -45.09 -34.66 35.53
N GLN C 52 -46.23 -35.14 36.04
CA GLN C 52 -46.90 -36.30 35.45
C GLN C 52 -47.45 -35.99 34.06
N LEU C 53 -48.04 -34.80 33.91
CA LEU C 53 -48.58 -34.35 32.63
C LEU C 53 -47.50 -34.25 31.54
N ALA C 54 -46.40 -33.54 31.85
CA ALA C 54 -45.26 -33.42 30.93
C ALA C 54 -44.78 -34.79 30.53
N ASN C 55 -44.71 -35.71 31.49
CA ASN C 55 -44.35 -37.10 31.22
C ASN C 55 -45.30 -37.79 30.27
N GLU C 56 -46.59 -37.63 30.48
CA GLU C 56 -47.59 -38.30 29.64
C GLU C 56 -47.71 -37.63 28.26
N THR C 57 -47.35 -36.36 28.18
CA THR C 57 -47.39 -35.63 26.91
C THR C 57 -46.34 -36.15 25.90
N THR C 58 -45.22 -36.64 26.41
CA THR C 58 -44.04 -36.89 25.59
C THR C 58 -44.28 -37.76 24.35
N GLN C 59 -44.95 -38.89 24.51
CA GLN C 59 -45.18 -39.76 23.38
C GLN C 59 -45.91 -39.05 22.23
N ALA C 60 -46.98 -38.33 22.57
CA ALA C 60 -47.77 -37.65 21.55
C ALA C 60 -46.97 -36.52 20.89
N LEU C 61 -46.21 -35.78 21.68
CA LEU C 61 -45.41 -34.67 21.17
C LEU C 61 -44.32 -35.18 20.22
N GLN C 62 -43.66 -36.23 20.67
CA GLN C 62 -42.63 -36.90 19.90
C GLN C 62 -43.17 -37.39 18.55
N LEU C 63 -44.38 -37.97 18.55
CA LEU C 63 -45.02 -38.42 17.31
C LEU C 63 -45.47 -37.24 16.42
N PHE C 64 -45.91 -36.15 17.05
CA PHE C 64 -46.19 -34.93 16.29
C PHE C 64 -44.92 -34.45 15.57
N LEU C 65 -43.81 -34.36 16.31
CA LEU C 65 -42.55 -33.86 15.78
C LEU C 65 -42.01 -34.77 14.67
N ARG C 66 -42.16 -36.08 14.81
CA ARG C 66 -41.73 -37.01 13.76
C ARG C 66 -42.43 -36.71 12.44
N ALA C 67 -43.71 -36.37 12.52
CA ALA C 67 -44.52 -36.18 11.32
C ALA C 67 -44.44 -34.77 10.73
N THR C 68 -43.98 -33.79 11.50
CA THR C 68 -43.89 -32.45 10.95
C THR C 68 -42.59 -32.31 10.21
N THR C 69 -42.57 -31.39 9.25
CA THR C 69 -41.40 -31.20 8.45
C THR C 69 -40.74 -29.85 8.77
N GLU C 70 -41.35 -29.04 9.63
CA GLU C 70 -40.63 -27.82 10.00
C GLU C 70 -39.66 -28.10 11.14
N LEU C 71 -38.57 -27.34 11.13
CA LEU C 71 -37.40 -27.62 11.95
C LEU C 71 -37.66 -27.26 13.40
N ARG C 72 -38.36 -26.14 13.58
CA ARG C 72 -38.66 -25.64 14.90
C ARG C 72 -40.17 -25.40 14.97
N THR C 73 -40.85 -26.11 15.86
CA THR C 73 -42.30 -25.96 15.98
C THR C 73 -42.66 -24.92 17.05
N PHE C 74 -43.31 -23.83 16.61
CA PHE C 74 -43.75 -22.74 17.50
C PHE C 74 -45.27 -22.61 17.61
N SER C 75 -46.00 -23.38 16.80
CA SER C 75 -47.40 -23.09 16.55
C SER C 75 -48.39 -24.04 17.23
N ILE C 76 -47.91 -24.86 18.17
CA ILE C 76 -48.77 -25.87 18.79
C ILE C 76 -49.89 -25.22 19.64
N LEU C 77 -49.54 -24.20 20.41
CA LEU C 77 -50.49 -23.52 21.28
C LEU C 77 -51.50 -22.72 20.47
N ASN C 78 -51.06 -22.05 19.40
CA ASN C 78 -51.98 -21.34 18.52
C ASN C 78 -52.94 -22.33 17.85
N ARG C 79 -52.43 -23.49 17.45
CA ARG C 79 -53.26 -24.51 16.85
C ARG C 79 -54.31 -25.01 17.83
N LYS C 80 -53.92 -25.15 19.10
CA LYS C 80 -54.86 -25.58 20.13
C LYS C 80 -56.00 -24.56 20.24
N ALA C 81 -55.63 -23.28 20.28
CA ALA C 81 -56.60 -22.19 20.36
C ALA C 81 -57.60 -22.21 19.22
N ILE C 82 -57.12 -22.47 18.01
CA ILE C 82 -57.99 -22.57 16.85
C ILE C 82 -58.96 -23.73 16.99
N ASP C 83 -58.44 -24.89 17.38
CA ASP C 83 -59.24 -26.11 17.52
C ASP C 83 -60.34 -25.91 18.55
N PHE C 84 -60.01 -25.21 19.63
CA PHE C 84 -60.96 -24.82 20.66
C PHE C 84 -62.12 -24.04 20.05
N LEU C 85 -61.80 -23.05 19.21
CA LEU C 85 -62.81 -22.25 18.54
C LEU C 85 -63.59 -23.04 17.47
N LEU C 86 -62.90 -23.93 16.74
CA LEU C 86 -63.55 -24.76 15.72
C LEU C 86 -64.51 -25.74 16.38
N GLN C 87 -64.12 -26.30 17.52
CA GLN C 87 -65.05 -27.07 18.34
C GLN C 87 -66.38 -26.43 18.62
N ARG C 88 -66.36 -25.24 19.19
CA ARG C 88 -67.58 -24.64 19.68
C ARG C 88 -68.04 -23.46 18.84
N TRP C 89 -67.84 -23.51 17.53
CA TRP C 89 -68.24 -22.41 16.64
C TRP C 89 -68.06 -22.78 15.18
N GLY C 90 -67.47 -23.94 14.94
CA GLY C 90 -67.25 -24.42 13.59
C GLY C 90 -68.54 -24.83 12.91
N ARG D 1 -47.77 -4.28 28.26
CA ARG D 1 -47.37 -5.58 27.75
C ARG D 1 -48.25 -6.03 26.58
N SER D 2 -48.74 -5.07 25.79
CA SER D 2 -49.56 -5.40 24.63
C SER D 2 -49.31 -4.48 23.44
N ILE D 3 -49.09 -5.10 22.30
CA ILE D 3 -48.88 -4.41 21.03
C ILE D 3 -50.17 -3.73 20.54
N PRO D 4 -50.13 -2.39 20.41
CA PRO D 4 -51.27 -1.60 19.92
C PRO D 4 -51.70 -1.99 18.51
N LEU D 5 -53.00 -1.96 18.27
CA LEU D 5 -53.56 -2.27 16.97
C LEU D 5 -54.40 -1.09 16.48
N GLY D 6 -54.08 -0.58 15.31
CA GLY D 6 -54.77 0.59 14.77
C GLY D 6 -56.01 0.22 13.98
N VAL D 7 -57.11 0.89 14.26
CA VAL D 7 -58.37 0.62 13.56
C VAL D 7 -58.81 1.82 12.75
N ILE D 8 -59.04 1.62 11.44
CA ILE D 8 -59.43 2.70 10.55
C ILE D 8 -60.76 2.46 9.88
N HIS D 9 -61.62 3.49 9.90
CA HIS D 9 -62.87 3.43 9.18
C HIS D 9 -62.68 4.08 7.81
N ASN D 10 -63.05 5.35 7.68
CA ASN D 10 -62.78 6.12 6.47
C ASN D 10 -61.49 6.90 6.69
N SER D 11 -61.42 7.57 7.82
CA SER D 11 -60.20 8.25 8.27
C SER D 11 -60.09 8.33 9.78
N VAL D 12 -60.83 7.49 10.49
CA VAL D 12 -60.83 7.54 11.95
C VAL D 12 -59.64 6.64 12.37
N LEU D 13 -58.49 7.19 12.76
CA LEU D 13 -57.48 6.30 13.30
C LEU D 13 -57.57 6.32 14.80
N GLN D 14 -58.25 5.31 15.34
CA GLN D 14 -58.27 5.14 16.78
C GLN D 14 -57.36 3.99 17.20
N VAL D 15 -56.37 4.35 18.00
CA VAL D 15 -55.47 3.37 18.60
C VAL D 15 -56.24 2.53 19.60
N SER D 16 -56.76 1.40 19.14
CA SER D 16 -57.48 0.49 20.00
C SER D 16 -56.70 -0.80 20.17
N ASP D 17 -57.43 -1.87 20.42
CA ASP D 17 -56.90 -3.23 20.44
C ASP D 17 -58.13 -4.13 20.49
N VAL D 18 -57.95 -5.43 20.67
CA VAL D 18 -59.10 -6.31 20.87
C VAL D 18 -59.57 -6.19 22.32
N ASP D 19 -58.78 -5.46 23.11
CA ASP D 19 -59.11 -5.04 24.48
C ASP D 19 -60.11 -3.86 24.45
N LYS D 20 -60.88 -3.76 23.37
CA LYS D 20 -61.81 -2.66 23.18
C LYS D 20 -62.71 -2.83 21.95
N LEU D 21 -62.15 -3.48 20.92
CA LEU D 21 -62.79 -3.60 19.61
C LEU D 21 -64.28 -3.90 19.73
N VAL D 22 -65.07 -2.83 19.66
CA VAL D 22 -66.50 -2.87 19.90
C VAL D 22 -67.18 -4.01 19.16
N CYS D 23 -68.28 -4.50 19.74
CA CYS D 23 -69.01 -5.63 19.18
C CYS D 23 -69.73 -5.25 17.87
N ARG D 24 -69.43 -4.05 17.38
CA ARG D 24 -69.92 -3.58 16.08
C ARG D 24 -68.76 -3.45 15.10
N ASP D 25 -67.54 -3.62 15.60
CA ASP D 25 -66.36 -3.55 14.76
C ASP D 25 -66.17 -4.86 13.99
N LYS D 26 -65.99 -4.75 12.68
CA LYS D 26 -66.05 -5.91 11.80
C LYS D 26 -64.69 -6.39 11.31
N LEU D 27 -64.29 -7.57 11.76
CA LEU D 27 -63.13 -8.27 11.24
C LEU D 27 -63.57 -9.57 10.60
N SER D 28 -63.77 -9.55 9.28
CA SER D 28 -64.38 -10.70 8.59
C SER D 28 -63.35 -11.51 7.85
N SER D 29 -62.14 -10.97 7.71
CA SER D 29 -61.09 -11.70 7.02
C SER D 29 -59.71 -11.33 7.53
N THR D 30 -58.81 -12.29 7.48
CA THR D 30 -57.45 -12.04 7.93
C THR D 30 -56.74 -11.10 6.93
N ASN D 31 -57.29 -10.98 5.72
CA ASN D 31 -56.78 -10.03 4.72
C ASN D 31 -56.92 -8.56 5.14
N GLN D 32 -57.70 -8.31 6.19
CA GLN D 32 -57.87 -6.96 6.70
C GLN D 32 -56.75 -6.53 7.64
N LEU D 33 -55.89 -7.47 8.01
CA LEU D 33 -54.79 -7.18 8.92
C LEU D 33 -53.52 -6.86 8.14
N ARG D 34 -52.96 -5.68 8.37
CA ARG D 34 -51.74 -5.31 7.69
C ARG D 34 -50.75 -4.70 8.69
N SER D 35 -49.47 -4.97 8.46
CA SER D 35 -48.39 -4.35 9.19
C SER D 35 -47.66 -3.39 8.26
N VAL D 36 -47.26 -2.25 8.78
CA VAL D 36 -46.68 -1.21 7.94
C VAL D 36 -45.38 -0.70 8.56
N GLY D 37 -44.40 -0.43 7.72
CA GLY D 37 -43.14 0.13 8.17
C GLY D 37 -43.06 1.60 7.81
N LEU D 38 -42.84 2.44 8.81
CA LEU D 38 -42.67 3.85 8.54
C LEU D 38 -41.27 4.34 8.91
N ASN D 39 -40.77 5.20 8.06
CA ASN D 39 -39.43 5.75 8.08
C ASN D 39 -39.24 6.89 9.06
N LEU D 40 -38.06 6.91 9.64
CA LEU D 40 -37.65 7.97 10.55
C LEU D 40 -36.58 8.81 9.88
N GLU D 41 -37.01 9.83 9.17
CA GLU D 41 -36.09 10.75 8.54
C GLU D 41 -36.77 12.11 8.48
N GLY D 42 -36.03 13.14 8.10
CA GLY D 42 -36.58 14.47 8.02
C GLY D 42 -35.85 15.42 8.94
N ASN D 43 -36.50 16.52 9.30
CA ASN D 43 -35.87 17.61 10.03
C ASN D 43 -35.35 17.19 11.39
N GLY D 44 -34.08 17.48 11.66
CA GLY D 44 -33.47 17.13 12.93
C GLY D 44 -32.65 15.86 12.84
N VAL D 45 -33.14 14.90 12.06
CA VAL D 45 -32.45 13.62 11.89
C VAL D 45 -31.23 13.77 10.99
N ALA D 46 -30.05 13.47 11.54
CA ALA D 46 -28.81 13.57 10.78
C ALA D 46 -28.89 12.79 9.47
N THR D 47 -29.05 13.51 8.36
CA THR D 47 -29.15 12.89 7.05
C THR D 47 -27.78 12.45 6.54
N ASP D 48 -26.73 12.94 7.19
CA ASP D 48 -25.36 12.60 6.80
C ASP D 48 -24.85 11.45 7.69
N VAL D 49 -24.01 10.59 7.12
CA VAL D 49 -23.56 9.39 7.84
C VAL D 49 -22.85 9.66 9.18
N PRO D 50 -21.89 10.62 9.22
CA PRO D 50 -21.32 10.92 10.54
C PRO D 50 -22.37 11.29 11.62
N SER D 51 -23.42 12.02 11.26
CA SER D 51 -24.44 12.34 12.25
C SER D 51 -25.38 11.16 12.48
N ALA D 52 -25.56 10.33 11.45
CA ALA D 52 -26.52 9.23 11.53
C ALA D 52 -26.03 8.11 12.45
N THR D 53 -24.73 7.83 12.42
CA THR D 53 -24.16 6.75 13.23
C THR D 53 -24.34 6.98 14.72
N LYS D 54 -24.46 8.25 15.12
CA LYS D 54 -24.72 8.59 16.52
C LYS D 54 -25.98 7.91 17.07
N ARG D 55 -26.91 7.55 16.18
CA ARG D 55 -28.11 6.82 16.60
C ARG D 55 -27.88 5.30 16.77
N TRP D 56 -26.71 4.80 16.37
CA TRP D 56 -26.44 3.37 16.44
C TRP D 56 -25.21 3.08 17.29
N GLY D 57 -25.23 1.79 17.85
CA GLY D 57 -24.13 1.36 18.72
C GLY D 57 -23.94 -0.14 18.80
N PHE D 58 -22.72 -0.55 19.10
CA PHE D 58 -22.39 -1.97 19.22
C PHE D 58 -22.61 -2.53 20.61
N ARG D 59 -23.17 -3.74 20.66
CA ARG D 59 -23.59 -4.36 21.91
C ARG D 59 -23.44 -5.88 21.80
N SER D 60 -23.03 -6.52 22.88
CA SER D 60 -22.90 -7.98 22.92
C SER D 60 -23.86 -8.58 23.94
N GLY D 61 -24.20 -9.84 23.74
CA GLY D 61 -25.07 -10.56 24.64
C GLY D 61 -26.54 -10.48 24.28
N VAL D 62 -26.88 -9.66 23.28
CA VAL D 62 -28.27 -9.53 22.85
C VAL D 62 -28.46 -10.16 21.47
N PRO D 63 -29.25 -11.24 21.40
CA PRO D 63 -29.58 -11.92 20.14
C PRO D 63 -30.44 -11.04 19.21
N PRO D 64 -30.07 -10.96 17.92
CA PRO D 64 -30.85 -10.18 16.96
C PRO D 64 -32.27 -10.74 16.76
N LYS D 65 -33.21 -9.88 16.42
CA LYS D 65 -34.59 -10.30 16.20
C LYS D 65 -35.14 -9.65 14.93
N VAL D 66 -36.00 -10.40 14.23
CA VAL D 66 -36.58 -9.95 12.98
C VAL D 66 -38.10 -10.04 13.04
N VAL D 67 -38.80 -9.10 12.42
CA VAL D 67 -40.26 -9.14 12.33
C VAL D 67 -40.68 -8.66 10.94
N ASN D 68 -41.66 -9.30 10.31
CA ASN D 68 -42.01 -8.88 8.96
C ASN D 68 -42.93 -7.67 9.00
N TYR D 69 -43.01 -6.98 7.87
CA TYR D 69 -43.96 -5.88 7.69
C TYR D 69 -44.30 -5.91 6.21
N GLU D 70 -45.46 -5.42 5.82
CA GLU D 70 -45.99 -5.73 4.49
C GLU D 70 -45.94 -4.55 3.53
N ALA D 71 -45.82 -3.35 4.09
CA ALA D 71 -45.77 -2.17 3.24
C ALA D 71 -44.98 -1.08 3.94
N GLY D 72 -44.28 -0.25 3.17
CA GLY D 72 -43.59 0.88 3.75
C GLY D 72 -43.59 2.08 2.82
N GLU D 73 -42.67 3.01 3.04
CA GLU D 73 -42.63 4.20 2.22
C GLU D 73 -41.30 4.44 1.55
N TRP D 74 -41.33 5.24 0.48
CA TRP D 74 -40.11 5.71 -0.15
C TRP D 74 -39.25 6.42 0.88
N ALA D 75 -37.96 6.09 0.89
CA ALA D 75 -37.01 6.72 1.79
C ALA D 75 -36.12 7.69 1.00
N GLU D 76 -35.91 8.89 1.52
CA GLU D 76 -34.99 9.84 0.88
C GLU D 76 -33.56 9.37 1.09
N ASN D 77 -33.26 8.92 2.30
CA ASN D 77 -31.92 8.40 2.62
C ASN D 77 -31.91 6.97 3.14
N CYS D 78 -31.09 6.14 2.52
CA CYS D 78 -30.83 4.80 3.03
C CYS D 78 -29.34 4.63 3.32
N TYR D 79 -29.00 3.53 3.99
CA TYR D 79 -27.62 3.26 4.38
C TYR D 79 -27.25 1.82 4.03
N ASN D 80 -25.98 1.62 3.68
CA ASN D 80 -25.46 0.33 3.29
C ASN D 80 -24.00 0.28 3.75
N LEU D 81 -23.75 -0.47 4.82
CA LEU D 81 -22.46 -0.42 5.53
C LEU D 81 -21.64 -1.69 5.36
N GLU D 82 -20.34 -1.54 5.16
CA GLU D 82 -19.39 -2.66 5.21
C GLU D 82 -18.19 -2.25 6.08
N ILE D 83 -17.86 -3.08 7.07
CA ILE D 83 -16.88 -2.71 8.09
C ILE D 83 -15.93 -3.86 8.41
N LYS D 84 -14.64 -3.65 8.22
CA LYS D 84 -13.61 -4.58 8.70
C LYS D 84 -13.17 -4.25 10.12
N LYS D 85 -13.03 -5.29 10.95
CA LYS D 85 -12.36 -5.14 12.25
C LYS D 85 -10.89 -4.76 12.04
N PRO D 86 -10.20 -4.30 13.11
CA PRO D 86 -8.76 -4.00 12.96
C PRO D 86 -7.94 -5.19 12.43
N ASP D 87 -8.33 -6.41 12.78
CA ASP D 87 -7.59 -7.59 12.31
C ASP D 87 -8.01 -8.03 10.91
N GLY D 88 -8.91 -7.28 10.28
CA GLY D 88 -9.29 -7.51 8.90
C GLY D 88 -10.49 -8.43 8.67
N SER D 89 -10.96 -9.11 9.71
CA SER D 89 -12.13 -9.95 9.56
C SER D 89 -13.39 -9.07 9.49
N GLU D 90 -14.57 -9.69 9.31
CA GLU D 90 -15.80 -8.93 9.11
C GLU D 90 -16.46 -8.48 10.43
N CYS D 91 -16.82 -7.21 10.51
CA CYS D 91 -17.46 -6.68 11.70
C CYS D 91 -18.99 -6.91 11.73
N LEU D 92 -19.67 -6.72 10.59
CA LEU D 92 -21.12 -6.94 10.54
C LEU D 92 -21.45 -8.35 9.99
N PRO D 93 -22.50 -8.96 10.53
CA PRO D 93 -22.90 -10.30 10.04
C PRO D 93 -23.42 -10.22 8.61
N ALA D 94 -23.27 -11.30 7.84
CA ALA D 94 -23.84 -11.37 6.50
C ALA D 94 -25.38 -11.34 6.58
N ALA D 95 -26.03 -10.77 5.58
CA ALA D 95 -27.48 -10.77 5.57
C ALA D 95 -27.96 -12.21 5.55
N PRO D 96 -28.83 -12.57 6.52
CA PRO D 96 -29.41 -13.91 6.49
C PRO D 96 -30.20 -14.12 5.20
N ASP D 97 -30.32 -15.38 4.82
CA ASP D 97 -31.10 -15.84 3.68
C ASP D 97 -32.50 -15.19 3.65
N GLY D 98 -32.85 -14.58 2.51
CA GLY D 98 -34.14 -13.93 2.36
C GLY D 98 -34.22 -12.50 2.86
N ILE D 99 -33.11 -11.94 3.34
CA ILE D 99 -33.11 -10.54 3.75
C ILE D 99 -32.40 -9.71 2.69
N ARG D 100 -33.16 -8.90 1.98
CA ARG D 100 -32.65 -8.05 0.89
C ARG D 100 -32.74 -6.57 1.27
N GLY D 101 -32.12 -5.71 0.49
CA GLY D 101 -32.11 -4.30 0.80
C GLY D 101 -33.49 -3.65 0.76
N PHE D 102 -33.67 -2.64 1.59
CA PHE D 102 -34.85 -1.78 1.50
C PHE D 102 -35.10 -1.41 0.03
N PRO D 103 -36.31 -1.64 -0.47
CA PRO D 103 -36.59 -1.65 -1.92
C PRO D 103 -36.81 -0.28 -2.58
N ARG D 104 -37.03 0.77 -1.81
CA ARG D 104 -37.35 2.08 -2.40
C ARG D 104 -36.56 3.22 -1.72
N CYS D 105 -35.37 3.48 -2.24
CA CYS D 105 -34.47 4.51 -1.71
C CYS D 105 -34.18 5.56 -2.78
N ARG D 106 -34.41 6.83 -2.48
CA ARG D 106 -33.97 7.89 -3.37
C ARG D 106 -32.45 7.91 -3.48
N TYR D 107 -31.79 7.71 -2.35
CA TYR D 107 -30.33 7.81 -2.27
C TYR D 107 -29.77 6.85 -1.22
N VAL D 108 -28.70 6.14 -1.57
CA VAL D 108 -28.08 5.20 -0.64
C VAL D 108 -26.69 5.67 -0.24
N HIS D 109 -26.48 5.88 1.06
CA HIS D 109 -25.15 6.12 1.58
C HIS D 109 -24.44 4.76 1.68
N LYS D 110 -23.71 4.42 0.62
CA LYS D 110 -23.05 3.13 0.52
C LYS D 110 -21.56 3.27 0.80
N VAL D 111 -21.13 2.83 1.98
CA VAL D 111 -19.78 3.09 2.42
C VAL D 111 -19.12 1.88 3.08
N SER D 112 -17.80 1.91 3.05
CA SER D 112 -17.00 0.76 3.42
C SER D 112 -15.68 1.23 4.03
N GLY D 113 -15.22 0.52 5.05
CA GLY D 113 -13.93 0.82 5.63
C GLY D 113 -13.63 -0.07 6.81
N THR D 114 -12.93 0.49 7.79
CA THR D 114 -12.59 -0.28 8.98
C THR D 114 -12.93 0.52 10.24
N GLY D 115 -13.22 -0.18 11.32
CA GLY D 115 -13.58 0.49 12.54
C GLY D 115 -13.38 -0.43 13.72
N PRO D 116 -13.54 0.11 14.93
CA PRO D 116 -13.24 -0.59 16.19
C PRO D 116 -14.14 -1.81 16.45
N CYS D 117 -15.40 -1.74 16.03
CA CYS D 117 -16.34 -2.86 16.17
C CYS D 117 -16.36 -3.42 17.58
N ALA D 118 -16.79 -2.62 18.55
CA ALA D 118 -16.68 -3.01 19.97
C ALA D 118 -17.91 -3.76 20.45
N GLY D 119 -18.40 -4.69 19.64
CA GLY D 119 -19.54 -5.49 20.05
C GLY D 119 -19.92 -6.45 18.96
N ASP D 120 -20.78 -7.41 19.31
CA ASP D 120 -21.19 -8.43 18.36
C ASP D 120 -22.15 -7.89 17.29
N PHE D 121 -23.08 -7.03 17.70
CA PHE D 121 -24.08 -6.52 16.79
C PHE D 121 -24.31 -5.01 16.95
N ALA D 122 -24.63 -4.37 15.83
CA ALA D 122 -24.96 -2.95 15.83
C ALA D 122 -26.47 -2.75 15.93
N PHE D 123 -26.89 -2.01 16.95
CA PHE D 123 -28.29 -1.77 17.26
C PHE D 123 -28.68 -0.32 17.05
N HIS D 124 -29.97 -0.03 17.19
CA HIS D 124 -30.45 1.35 17.16
C HIS D 124 -30.60 1.90 18.58
N LYS D 125 -29.89 2.99 18.88
CA LYS D 125 -29.90 3.56 20.23
C LYS D 125 -31.26 4.12 20.63
N GLU D 126 -32.07 4.51 19.64
CA GLU D 126 -33.39 5.04 19.96
C GLU D 126 -34.44 3.93 20.00
N GLY D 127 -34.04 2.69 19.78
CA GLY D 127 -34.95 1.56 19.88
C GLY D 127 -35.77 1.35 18.61
N ALA D 128 -35.42 2.07 17.57
CA ALA D 128 -36.03 1.86 16.27
C ALA D 128 -35.51 0.58 15.60
N PHE D 129 -36.02 0.32 14.40
CA PHE D 129 -35.64 -0.86 13.64
C PHE D 129 -34.86 -0.46 12.40
N PHE D 130 -34.01 -1.36 11.93
CA PHE D 130 -33.46 -1.24 10.60
C PHE D 130 -34.40 -1.97 9.64
N LEU D 131 -35.00 -1.21 8.73
CA LEU D 131 -35.96 -1.75 7.77
C LEU D 131 -35.26 -2.26 6.50
N TYR D 132 -35.42 -3.55 6.22
CA TYR D 132 -34.94 -4.12 4.99
C TYR D 132 -36.15 -4.38 4.09
N ASP D 133 -36.04 -5.33 3.17
CA ASP D 133 -37.15 -5.62 2.26
C ASP D 133 -38.30 -6.40 2.97
N ARG D 134 -39.21 -5.66 3.58
CA ARG D 134 -40.39 -6.22 4.25
C ARG D 134 -39.99 -7.11 5.42
N LEU D 135 -38.77 -6.91 5.93
CA LEU D 135 -38.36 -7.47 7.20
C LEU D 135 -37.68 -6.35 7.99
N ALA D 136 -38.03 -6.24 9.27
CA ALA D 136 -37.44 -5.26 10.14
C ALA D 136 -36.55 -5.99 11.15
N SER D 137 -35.30 -5.58 11.27
CA SER D 137 -34.39 -6.22 12.23
C SER D 137 -33.93 -5.26 13.32
N THR D 138 -33.62 -5.79 14.50
CA THR D 138 -33.00 -4.98 15.54
C THR D 138 -31.52 -4.67 15.24
N VAL D 139 -31.02 -5.16 14.12
CA VAL D 139 -29.58 -5.20 13.90
C VAL D 139 -29.14 -4.81 12.46
N ILE D 140 -27.91 -4.32 12.31
CA ILE D 140 -27.40 -3.99 10.99
C ILE D 140 -26.67 -5.16 10.32
N TYR D 141 -27.07 -5.47 9.09
CA TYR D 141 -26.41 -6.52 8.33
C TYR D 141 -25.46 -5.94 7.30
N ARG D 142 -24.37 -6.67 7.08
CA ARG D 142 -23.28 -6.30 6.18
C ARG D 142 -23.77 -6.02 4.74
N GLY D 143 -23.32 -4.92 4.16
CA GLY D 143 -23.57 -4.62 2.75
C GLY D 143 -25.02 -4.64 2.28
N THR D 144 -25.95 -4.37 3.20
CA THR D 144 -27.38 -4.50 2.93
C THR D 144 -28.12 -3.20 3.21
N THR D 145 -28.78 -2.69 2.19
CA THR D 145 -29.39 -1.37 2.27
C THR D 145 -30.56 -1.34 3.25
N PHE D 146 -30.52 -0.41 4.19
CA PHE D 146 -31.63 -0.27 5.13
C PHE D 146 -32.13 1.17 5.22
N ALA D 147 -33.36 1.30 5.66
CA ALA D 147 -33.88 2.58 6.14
C ALA D 147 -34.17 2.42 7.63
N GLU D 148 -34.07 3.50 8.39
CA GLU D 148 -34.43 3.44 9.80
C GLU D 148 -35.93 3.63 9.91
N GLY D 149 -36.56 2.89 10.82
CA GLY D 149 -38.01 2.95 10.92
C GLY D 149 -38.68 2.23 12.05
N VAL D 150 -40.01 2.29 12.03
CA VAL D 150 -40.84 1.66 13.05
C VAL D 150 -42.04 0.98 12.41
N VAL D 151 -42.65 0.06 13.13
CA VAL D 151 -43.73 -0.76 12.57
C VAL D 151 -45.05 -0.49 13.31
N ALA D 152 -46.15 -0.48 12.55
CA ALA D 152 -47.48 -0.44 13.14
C ALA D 152 -48.32 -1.59 12.57
N PHE D 153 -49.32 -2.01 13.33
CA PHE D 153 -50.25 -3.05 12.91
C PHE D 153 -51.67 -2.49 12.79
N LEU D 154 -52.32 -2.74 11.66
CA LEU D 154 -53.62 -2.14 11.38
C LEU D 154 -54.73 -3.13 11.04
N ILE D 155 -55.96 -2.72 11.31
CA ILE D 155 -57.14 -3.38 10.74
C ILE D 155 -57.75 -2.48 9.65
N LEU D 156 -57.72 -2.96 8.42
CA LEU D 156 -58.27 -2.23 7.27
C LEU D 156 -59.75 -2.56 7.05
N PRO D 157 -60.52 -1.61 6.48
CA PRO D 157 -61.93 -1.83 6.13
C PRO D 157 -62.13 -3.01 5.16
N GLN D 158 -63.34 -3.56 5.14
CA GLN D 158 -63.66 -4.69 4.25
C GLN D 158 -63.59 -4.29 2.78
N PRO E 1 -45.02 16.22 17.01
CA PRO E 1 -43.63 16.39 16.58
C PRO E 1 -43.35 15.86 15.17
N LYS E 2 -42.24 16.31 14.54
CA LYS E 2 -41.64 15.60 13.41
C LYS E 2 -42.55 14.91 12.40
N CYS E 3 -43.46 15.57 11.70
CA CYS E 3 -44.40 14.76 10.91
C CYS E 3 -44.47 15.08 9.40
N ASN E 4 -44.26 14.04 8.58
CA ASN E 4 -44.43 14.13 7.14
C ASN E 4 -45.84 13.67 6.72
N PRO E 5 -46.69 14.62 6.30
CA PRO E 5 -48.10 14.35 5.97
C PRO E 5 -48.24 13.52 4.70
N ASN E 6 -47.25 13.58 3.82
CA ASN E 6 -47.27 12.78 2.61
C ASN E 6 -46.83 11.34 2.87
N LEU E 7 -47.54 10.40 2.26
CA LEU E 7 -47.19 9.00 2.36
C LEU E 7 -47.01 8.40 0.99
N HIS E 8 -45.79 8.45 0.47
CA HIS E 8 -45.51 7.86 -0.82
C HIS E 8 -45.16 6.37 -0.65
N TYR E 9 -46.19 5.54 -0.51
CA TYR E 9 -46.04 4.16 -0.06
C TYR E 9 -45.68 3.18 -1.17
N TRP E 10 -45.13 2.04 -0.78
CA TRP E 10 -44.95 0.91 -1.69
C TRP E 10 -45.56 -0.32 -1.02
N THR E 11 -46.01 -1.28 -1.82
CA THR E 11 -46.50 -2.54 -1.30
C THR E 11 -46.49 -3.60 -2.39
N THR E 12 -46.80 -4.83 -2.03
CA THR E 12 -46.97 -5.88 -3.03
C THR E 12 -48.44 -6.07 -3.40
N GLN E 13 -48.74 -6.05 -4.70
CA GLN E 13 -50.07 -6.43 -5.20
C GLN E 13 -50.07 -6.67 -6.71
N ALA E 17 -49.02 -10.07 -10.74
CA ALA E 17 -49.24 -10.02 -12.18
C ALA E 17 -50.04 -11.23 -12.67
N ALA E 18 -51.36 -11.11 -12.66
CA ALA E 18 -52.23 -12.24 -12.98
C ALA E 18 -52.74 -12.23 -14.42
N ILE E 19 -51.84 -11.95 -15.37
CA ILE E 19 -52.21 -11.93 -16.79
C ILE E 19 -51.09 -12.50 -17.67
N GLY E 20 -51.41 -13.55 -18.41
CA GLY E 20 -50.40 -14.23 -19.22
C GLY E 20 -49.59 -15.19 -18.37
N LEU E 21 -48.31 -15.35 -18.71
CA LEU E 21 -47.42 -16.25 -17.96
C LEU E 21 -46.74 -15.54 -16.80
N ALA E 22 -47.19 -14.34 -16.45
CA ALA E 22 -46.49 -13.49 -15.50
C ALA E 22 -46.55 -14.04 -14.07
N TRP E 23 -47.52 -14.91 -13.79
CA TRP E 23 -47.63 -15.52 -12.46
C TRP E 23 -46.60 -16.64 -12.25
N ILE E 24 -46.04 -17.13 -13.35
CA ILE E 24 -44.99 -18.14 -13.30
C ILE E 24 -43.66 -17.50 -12.89
N PRO E 25 -43.08 -17.97 -11.77
CA PRO E 25 -41.83 -17.39 -11.25
C PRO E 25 -40.77 -17.22 -12.33
N TYR E 26 -40.57 -18.24 -13.15
CA TYR E 26 -39.58 -18.18 -14.23
C TYR E 26 -39.79 -16.96 -15.14
N PHE E 27 -41.06 -16.62 -15.42
CA PHE E 27 -41.39 -15.56 -16.37
C PHE E 27 -41.73 -14.23 -15.70
N GLY E 28 -42.01 -14.27 -14.40
CA GLY E 28 -42.46 -13.10 -13.67
C GLY E 28 -41.41 -12.04 -13.37
N PRO E 29 -41.83 -11.01 -12.61
CA PRO E 29 -40.96 -9.89 -12.22
C PRO E 29 -39.86 -10.36 -11.27
N ALA E 30 -38.75 -9.62 -11.25
CA ALA E 30 -37.70 -9.84 -10.27
C ALA E 30 -38.14 -9.30 -8.92
N ALA E 31 -37.34 -9.56 -7.88
CA ALA E 31 -37.62 -9.07 -6.53
C ALA E 31 -37.91 -7.56 -6.47
N GLU E 32 -37.22 -6.78 -7.31
CA GLU E 32 -37.40 -5.34 -7.33
C GLU E 32 -38.69 -4.89 -8.02
N GLY E 33 -39.35 -5.82 -8.73
CA GLY E 33 -40.45 -5.45 -9.60
C GLY E 33 -41.81 -5.98 -9.20
N ILE E 34 -41.97 -6.37 -7.94
CA ILE E 34 -43.23 -6.95 -7.46
C ILE E 34 -44.03 -5.92 -6.70
N TYR E 35 -43.54 -4.68 -6.68
CA TYR E 35 -44.17 -3.66 -5.85
C TYR E 35 -45.10 -2.75 -6.65
N THR E 36 -46.17 -2.32 -6.02
CA THR E 36 -46.96 -1.22 -6.56
C THR E 36 -46.83 0.02 -5.67
N GLU E 37 -46.94 1.19 -6.29
CA GLU E 37 -46.71 2.45 -5.59
C GLU E 37 -47.94 3.34 -5.64
N GLY E 38 -48.02 4.25 -4.68
CA GLY E 38 -49.12 5.19 -4.63
C GLY E 38 -48.83 6.36 -3.71
N LEU E 39 -49.59 7.44 -3.86
CA LEU E 39 -49.42 8.62 -3.03
C LEU E 39 -50.71 8.96 -2.27
N MET E 40 -50.66 8.77 -0.96
CA MET E 40 -51.71 9.15 -0.01
C MET E 40 -51.62 10.62 0.30
N HIS E 41 -52.72 11.37 0.37
CA HIS E 41 -52.50 12.81 0.39
C HIS E 41 -53.78 13.58 0.82
N ASN E 42 -53.60 14.79 1.34
CA ASN E 42 -54.51 15.49 2.27
C ASN E 42 -55.35 14.60 3.20
N GLN E 43 -54.67 13.65 3.83
CA GLN E 43 -55.21 12.95 4.98
C GLN E 43 -54.21 13.08 6.13
N ASP E 44 -53.97 14.32 6.53
CA ASP E 44 -52.94 14.61 7.52
C ASP E 44 -53.20 13.91 8.84
N GLY E 45 -54.45 14.02 9.31
CA GLY E 45 -54.83 13.44 10.60
C GLY E 45 -54.66 11.93 10.65
N LEU E 46 -54.91 11.27 9.53
CA LEU E 46 -54.72 9.83 9.43
C LEU E 46 -53.22 9.50 9.38
N ILE E 47 -52.56 10.00 8.34
CA ILE E 47 -51.13 9.72 8.11
C ILE E 47 -50.26 10.07 9.31
N CYS E 48 -50.41 11.27 9.86
CA CYS E 48 -49.66 11.64 11.05
C CYS E 48 -50.06 10.80 12.26
N GLY E 49 -51.29 10.29 12.22
CA GLY E 49 -51.75 9.41 13.30
C GLY E 49 -51.07 8.06 13.18
N LEU E 50 -50.85 7.63 11.94
CA LEU E 50 -50.12 6.40 11.65
C LEU E 50 -48.69 6.46 12.16
N ARG E 51 -48.00 7.55 11.85
CA ARG E 51 -46.63 7.75 12.32
C ARG E 51 -46.60 7.67 13.83
N GLN E 52 -47.59 8.26 14.49
CA GLN E 52 -47.67 8.26 15.95
C GLN E 52 -47.89 6.85 16.51
N LEU E 53 -48.77 6.10 15.85
CA LEU E 53 -49.07 4.72 16.26
C LEU E 53 -47.84 3.80 16.17
N ALA E 54 -47.17 3.81 15.02
CA ALA E 54 -45.93 3.05 14.82
C ALA E 54 -44.93 3.41 15.91
N ASN E 55 -44.82 4.70 16.21
CA ASN E 55 -43.96 5.16 17.29
C ASN E 55 -44.35 4.60 18.64
N GLU E 56 -45.62 4.62 18.97
CA GLU E 56 -46.08 4.12 20.27
C GLU E 56 -46.04 2.59 20.35
N THR E 57 -46.11 1.92 19.21
CA THR E 57 -46.05 0.47 19.18
C THR E 57 -44.66 -0.08 19.57
N THR E 58 -43.61 0.69 19.29
CA THR E 58 -42.24 0.20 19.35
C THR E 58 -41.84 -0.47 20.65
N GLN E 59 -42.13 0.16 21.79
CA GLN E 59 -41.74 -0.40 23.06
C GLN E 59 -42.34 -1.80 23.27
N ALA E 60 -43.63 -1.96 23.00
CA ALA E 60 -44.30 -3.24 23.19
C ALA E 60 -43.77 -4.30 22.23
N LEU E 61 -43.54 -3.91 20.98
CA LEU E 61 -43.04 -4.83 19.96
C LEU E 61 -41.64 -5.31 20.31
N GLN E 62 -40.80 -4.37 20.70
CA GLN E 62 -39.44 -4.62 21.12
C GLN E 62 -39.42 -5.61 22.32
N LEU E 63 -40.32 -5.41 23.28
CA LEU E 63 -40.42 -6.32 24.43
C LEU E 63 -40.98 -7.70 24.04
N PHE E 64 -41.90 -7.73 23.09
CA PHE E 64 -42.35 -9.01 22.53
C PHE E 64 -41.17 -9.77 21.91
N LEU E 65 -40.39 -9.08 21.07
CA LEU E 65 -39.28 -9.69 20.36
C LEU E 65 -38.18 -10.17 21.33
N ARG E 66 -37.94 -9.42 22.40
CA ARG E 66 -36.95 -9.83 23.40
C ARG E 66 -37.33 -11.19 24.01
N ALA E 67 -38.62 -11.38 24.23
CA ALA E 67 -39.10 -12.59 24.92
C ALA E 67 -39.33 -13.77 23.99
N THR E 68 -39.46 -13.54 22.69
CA THR E 68 -39.66 -14.67 21.80
C THR E 68 -38.33 -15.29 21.44
N THR E 69 -38.37 -16.56 21.11
CA THR E 69 -37.15 -17.26 20.78
C THR E 69 -37.08 -17.59 19.28
N GLU E 70 -38.13 -17.29 18.53
CA GLU E 70 -37.98 -17.51 17.10
C GLU E 70 -37.31 -16.30 16.44
N LEU E 71 -36.58 -16.60 15.38
CA LEU E 71 -35.64 -15.66 14.77
C LEU E 71 -36.39 -14.61 13.99
N ARG E 72 -37.43 -15.04 13.30
CA ARG E 72 -38.23 -14.17 12.47
C ARG E 72 -39.69 -14.34 12.87
N THR E 73 -40.31 -13.27 13.36
CA THR E 73 -41.70 -13.35 13.78
C THR E 73 -42.66 -12.96 12.65
N PHE E 74 -43.49 -13.92 12.24
CA PHE E 74 -44.49 -13.73 11.17
C PHE E 74 -45.94 -13.81 11.65
N SER E 75 -46.12 -14.20 12.91
CA SER E 75 -47.42 -14.67 13.38
C SER E 75 -48.19 -13.69 14.26
N ILE E 76 -47.74 -12.43 14.33
CA ILE E 76 -48.35 -11.46 15.24
C ILE E 76 -49.80 -11.14 14.84
N LEU E 77 -50.02 -10.93 13.55
CA LEU E 77 -51.35 -10.59 13.03
C LEU E 77 -52.31 -11.77 13.15
N ASN E 78 -51.84 -12.99 12.87
CA ASN E 78 -52.68 -14.16 13.05
C ASN E 78 -53.04 -14.35 14.52
N ARG E 79 -52.09 -14.09 15.40
CA ARG E 79 -52.34 -14.17 16.83
C ARG E 79 -53.39 -13.15 17.27
N LYS E 80 -53.33 -11.96 16.68
CA LYS E 80 -54.31 -10.93 16.99
C LYS E 80 -55.71 -11.42 16.61
N ALA E 81 -55.81 -11.98 15.40
CA ALA E 81 -57.07 -12.52 14.88
C ALA E 81 -57.66 -13.58 15.79
N ILE E 82 -56.82 -14.46 16.31
CA ILE E 82 -57.26 -15.49 17.24
C ILE E 82 -57.79 -14.88 18.53
N ASP E 83 -57.04 -13.93 19.09
CA ASP E 83 -57.41 -13.28 20.34
C ASP E 83 -58.74 -12.56 20.21
N PHE E 84 -58.96 -11.95 19.05
CA PHE E 84 -60.22 -11.32 18.71
C PHE E 84 -61.37 -12.32 18.83
N LEU E 85 -61.18 -13.50 18.23
CA LEU E 85 -62.18 -14.55 18.29
C LEU E 85 -62.34 -15.16 19.69
N LEU E 86 -61.24 -15.31 20.43
CA LEU E 86 -61.27 -15.84 21.80
C LEU E 86 -61.99 -14.86 22.72
N GLN E 87 -61.76 -13.56 22.54
CA GLN E 87 -62.56 -12.55 23.20
C GLN E 87 -64.06 -12.72 23.12
N ARG E 88 -64.58 -12.81 21.90
CA ARG E 88 -66.02 -12.78 21.73
C ARG E 88 -66.60 -14.12 21.32
N TRP E 89 -66.06 -15.22 21.83
CA TRP E 89 -66.54 -16.56 21.47
C TRP E 89 -65.85 -17.63 22.30
N GLY E 90 -64.88 -17.22 23.09
CA GLY E 90 -64.16 -18.14 23.95
C GLY E 90 -65.02 -18.65 25.10
N ARG F 1 -57.09 -13.72 -6.56
CA ARG F 1 -56.16 -13.49 -5.46
C ARG F 1 -56.49 -14.36 -4.24
N SER F 2 -57.05 -15.55 -4.48
CA SER F 2 -57.38 -16.45 -3.38
C SER F 2 -57.13 -17.91 -3.74
N ILE F 3 -56.41 -18.60 -2.85
CA ILE F 3 -56.12 -20.03 -2.97
C ILE F 3 -57.38 -20.88 -2.78
N PRO F 4 -57.75 -21.64 -3.82
CA PRO F 4 -58.92 -22.55 -3.78
C PRO F 4 -58.79 -23.62 -2.70
N LEU F 5 -59.92 -23.94 -2.09
CA LEU F 5 -59.98 -24.96 -1.05
C LEU F 5 -61.00 -26.02 -1.45
N GLY F 6 -60.56 -27.27 -1.52
CA GLY F 6 -61.42 -28.36 -1.94
C GLY F 6 -62.21 -28.97 -0.80
N VAL F 7 -63.51 -29.13 -0.99
CA VAL F 7 -64.37 -29.71 0.03
C VAL F 7 -64.95 -31.05 -0.41
N ILE F 8 -64.74 -32.09 0.39
CA ILE F 8 -65.22 -33.42 0.05
C ILE F 8 -66.16 -34.01 1.07
N HIS F 9 -67.27 -34.55 0.60
CA HIS F 9 -68.22 -35.25 1.46
C HIS F 9 -67.88 -36.74 1.44
N ASN F 10 -68.60 -37.50 0.62
CA ASN F 10 -68.28 -38.90 0.39
C ASN F 10 -67.43 -39.01 -0.86
N SER F 11 -67.89 -38.34 -1.91
CA SER F 11 -67.13 -38.18 -3.17
C SER F 11 -67.47 -36.89 -3.90
N VAL F 12 -68.05 -35.93 -3.20
CA VAL F 12 -68.45 -34.69 -3.86
C VAL F 12 -67.19 -33.78 -3.80
N LEU F 13 -66.43 -33.63 -4.88
CA LEU F 13 -65.36 -32.64 -4.81
C LEU F 13 -65.86 -31.37 -5.41
N GLN F 14 -66.28 -30.45 -4.54
CA GLN F 14 -66.62 -29.12 -4.99
C GLN F 14 -65.54 -28.12 -4.62
N VAL F 15 -64.97 -27.52 -5.65
CA VAL F 15 -64.00 -26.46 -5.50
C VAL F 15 -64.69 -25.23 -4.92
N SER F 16 -64.67 -25.13 -3.59
CA SER F 16 -65.25 -23.99 -2.91
C SER F 16 -64.16 -23.14 -2.27
N ASP F 17 -64.54 -22.45 -1.20
CA ASP F 17 -63.61 -21.74 -0.33
C ASP F 17 -64.44 -21.36 0.88
N VAL F 18 -63.89 -20.54 1.78
CA VAL F 18 -64.70 -20.04 2.89
C VAL F 18 -65.55 -18.86 2.39
N ASP F 19 -65.29 -18.47 1.14
CA ASP F 19 -66.10 -17.52 0.37
C ASP F 19 -67.38 -18.20 -0.16
N LYS F 20 -67.83 -19.25 0.53
CA LYS F 20 -68.99 -20.03 0.11
C LYS F 20 -69.41 -21.07 1.14
N LEU F 21 -68.42 -21.61 1.86
CA LEU F 21 -68.60 -22.74 2.77
C LEU F 21 -69.88 -22.61 3.57
N VAL F 22 -70.93 -23.26 3.07
CA VAL F 22 -72.27 -23.14 3.61
C VAL F 22 -72.32 -23.28 5.12
N CYS F 23 -73.30 -22.62 5.73
CA CYS F 23 -73.44 -22.62 7.18
C CYS F 23 -73.88 -23.99 7.71
N ARG F 24 -73.87 -24.99 6.83
CA ARG F 24 -74.11 -26.37 7.20
C ARG F 24 -72.85 -27.20 7.01
N ASP F 25 -71.82 -26.58 6.44
CA ASP F 25 -70.55 -27.27 6.24
C ASP F 25 -69.75 -27.27 7.54
N LYS F 26 -69.26 -28.45 7.92
CA LYS F 26 -68.70 -28.66 9.25
C LYS F 26 -67.17 -28.75 9.27
N LEU F 27 -66.55 -27.74 9.87
CA LEU F 27 -65.12 -27.76 10.17
C LEU F 27 -64.93 -27.71 11.68
N SER F 28 -64.76 -28.89 12.29
CA SER F 28 -64.75 -28.97 13.75
C SER F 28 -63.35 -29.14 14.29
N SER F 29 -62.40 -29.43 13.41
CA SER F 29 -61.02 -29.59 13.84
C SER F 29 -60.03 -29.22 12.75
N THR F 30 -58.88 -28.72 13.18
CA THR F 30 -57.87 -28.35 12.23
C THR F 30 -57.26 -29.62 11.59
N ASN F 31 -57.48 -30.77 12.22
CA ASN F 31 -57.06 -32.07 11.66
C ASN F 31 -57.78 -32.43 10.35
N GLN F 32 -58.85 -31.69 10.04
CA GLN F 32 -59.59 -31.93 8.80
C GLN F 32 -58.97 -31.23 7.60
N LEU F 33 -57.97 -30.38 7.86
CA LEU F 33 -57.32 -29.65 6.78
C LEU F 33 -56.07 -30.39 6.31
N ARG F 34 -56.01 -30.71 5.03
CA ARG F 34 -54.84 -31.40 4.50
C ARG F 34 -54.42 -30.75 3.19
N SER F 35 -53.11 -30.72 2.97
CA SER F 35 -52.53 -30.30 1.70
C SER F 35 -51.93 -31.51 1.02
N VAL F 36 -52.09 -31.59 -0.29
CA VAL F 36 -51.68 -32.78 -1.02
C VAL F 36 -50.84 -32.39 -2.23
N GLY F 37 -49.82 -33.18 -2.52
CA GLY F 37 -48.99 -32.95 -3.67
C GLY F 37 -49.30 -33.98 -4.74
N LEU F 38 -49.64 -33.51 -5.93
CA LEU F 38 -49.87 -34.42 -7.03
C LEU F 38 -48.87 -34.23 -8.16
N ASN F 39 -48.47 -35.35 -8.71
CA ASN F 39 -47.45 -35.49 -9.73
C ASN F 39 -47.91 -35.18 -11.12
N LEU F 40 -47.01 -34.59 -11.89
CA LEU F 40 -47.22 -34.29 -13.29
C LEU F 40 -46.35 -35.20 -14.14
N GLU F 41 -46.90 -36.35 -14.49
CA GLU F 41 -46.20 -37.27 -15.35
C GLU F 41 -47.24 -38.04 -16.13
N GLY F 42 -46.81 -38.82 -17.13
CA GLY F 42 -47.73 -39.58 -17.93
C GLY F 42 -47.63 -39.19 -19.39
N ASN F 43 -48.68 -39.47 -20.15
CA ASN F 43 -48.66 -39.32 -21.61
C ASN F 43 -48.41 -37.88 -22.05
N GLY F 44 -47.42 -37.70 -22.91
CA GLY F 44 -47.08 -36.38 -23.40
C GLY F 44 -46.05 -35.68 -22.53
N VAL F 45 -45.68 -36.31 -21.42
CA VAL F 45 -44.65 -35.75 -20.57
C VAL F 45 -43.40 -36.61 -20.70
N ALA F 46 -42.41 -36.08 -21.41
CA ALA F 46 -41.22 -36.83 -21.74
C ALA F 46 -40.42 -37.18 -20.49
N THR F 47 -39.71 -38.30 -20.53
CA THR F 47 -39.04 -38.79 -19.33
C THR F 47 -37.51 -38.68 -19.39
N ASP F 48 -36.92 -38.78 -20.57
CA ASP F 48 -35.46 -38.73 -20.67
C ASP F 48 -34.99 -37.31 -20.31
N VAL F 49 -33.81 -37.21 -19.70
CA VAL F 49 -33.32 -35.93 -19.19
C VAL F 49 -33.18 -34.82 -20.26
N PRO F 50 -32.60 -35.11 -21.43
CA PRO F 50 -32.61 -34.07 -22.46
C PRO F 50 -34.00 -33.50 -22.79
N SER F 51 -35.03 -34.34 -22.82
CA SER F 51 -36.37 -33.83 -23.09
C SER F 51 -36.98 -33.18 -21.85
N ALA F 52 -36.58 -33.67 -20.67
CA ALA F 52 -37.17 -33.19 -19.42
C ALA F 52 -36.73 -31.76 -19.08
N THR F 53 -35.47 -31.44 -19.36
CA THR F 53 -34.92 -30.12 -19.04
C THR F 53 -35.66 -29.01 -19.78
N LYS F 54 -36.23 -29.33 -20.93
CA LYS F 54 -37.02 -28.36 -21.69
C LYS F 54 -38.16 -27.76 -20.87
N ARG F 55 -38.62 -28.46 -19.83
CA ARG F 55 -39.63 -27.92 -18.93
C ARG F 55 -39.08 -26.97 -17.85
N TRP F 56 -37.75 -26.88 -17.75
CA TRP F 56 -37.14 -26.05 -16.69
C TRP F 56 -36.23 -24.98 -17.30
N GLY F 57 -35.90 -23.96 -16.52
CA GLY F 57 -35.00 -22.91 -17.00
C GLY F 57 -34.36 -22.08 -15.90
N PHE F 58 -33.18 -21.52 -16.19
CA PHE F 58 -32.45 -20.70 -15.23
C PHE F 58 -32.85 -19.24 -15.27
N ARG F 59 -32.97 -18.64 -14.08
CA ARG F 59 -33.48 -17.28 -13.92
C ARG F 59 -32.80 -16.64 -12.70
N SER F 60 -32.51 -15.34 -12.82
CA SER F 60 -31.92 -14.59 -11.72
C SER F 60 -32.87 -13.48 -11.26
N GLY F 61 -32.72 -13.07 -10.00
CA GLY F 61 -33.51 -12.01 -9.45
C GLY F 61 -34.76 -12.48 -8.73
N VAL F 62 -35.06 -13.76 -8.85
CA VAL F 62 -36.25 -14.32 -8.19
C VAL F 62 -35.85 -15.22 -7.02
N PRO F 63 -36.19 -14.81 -5.80
CA PRO F 63 -35.94 -15.61 -4.58
C PRO F 63 -36.76 -16.91 -4.54
N PRO F 64 -36.10 -18.03 -4.24
CA PRO F 64 -36.81 -19.32 -4.13
C PRO F 64 -37.85 -19.32 -3.01
N LYS F 65 -38.90 -20.13 -3.17
CA LYS F 65 -39.94 -20.21 -2.16
C LYS F 65 -40.32 -21.68 -1.92
N VAL F 66 -40.66 -21.99 -0.68
CA VAL F 66 -41.00 -23.34 -0.27
C VAL F 66 -42.36 -23.36 0.41
N VAL F 67 -43.15 -24.42 0.19
CA VAL F 67 -44.43 -24.59 0.88
C VAL F 67 -44.59 -26.06 1.24
N ASN F 68 -45.11 -26.37 2.43
CA ASN F 68 -45.20 -27.78 2.81
C ASN F 68 -46.44 -28.41 2.20
N TYR F 69 -46.45 -29.73 2.15
CA TYR F 69 -47.61 -30.50 1.72
C TYR F 69 -47.51 -31.80 2.51
N GLU F 70 -48.62 -32.47 2.75
CA GLU F 70 -48.64 -33.52 3.78
C GLU F 70 -48.73 -34.91 3.20
N ALA F 71 -49.17 -35.01 1.96
CA ALA F 71 -49.29 -36.32 1.33
C ALA F 71 -49.11 -36.18 -0.17
N GLY F 72 -48.55 -37.20 -0.80
CA GLY F 72 -48.45 -37.21 -2.24
C GLY F 72 -48.59 -38.60 -2.83
N GLU F 73 -48.13 -38.79 -4.06
CA GLU F 73 -48.27 -40.09 -4.70
C GLU F 73 -46.95 -40.67 -5.17
N TRP F 74 -46.96 -41.99 -5.35
CA TRP F 74 -45.86 -42.68 -5.98
C TRP F 74 -45.58 -42.06 -7.34
N ALA F 75 -44.31 -41.79 -7.62
CA ALA F 75 -43.90 -41.24 -8.90
C ALA F 75 -43.20 -42.33 -9.72
N GLU F 76 -43.54 -42.45 -10.99
CA GLU F 76 -42.85 -43.40 -11.87
C GLU F 76 -41.45 -42.88 -12.19
N ASN F 77 -41.35 -41.58 -12.45
CA ASN F 77 -40.06 -40.94 -12.73
C ASN F 77 -39.73 -39.80 -11.78
N CYS F 78 -38.53 -39.86 -11.20
CA CYS F 78 -37.99 -38.74 -10.44
C CYS F 78 -36.67 -38.29 -11.04
N TYR F 79 -36.18 -37.14 -10.58
CA TYR F 79 -34.93 -36.56 -11.09
C TYR F 79 -34.03 -36.14 -9.94
N ASN F 80 -32.73 -36.24 -10.17
CA ASN F 80 -31.72 -35.90 -9.17
C ASN F 80 -30.51 -35.37 -9.94
N LEU F 81 -30.33 -34.06 -9.89
CA LEU F 81 -29.37 -33.35 -10.76
C LEU F 81 -28.16 -32.82 -10.00
N GLU F 82 -26.98 -32.96 -10.58
CA GLU F 82 -25.77 -32.30 -10.10
C GLU F 82 -25.04 -31.65 -11.29
N ILE F 83 -24.74 -30.36 -11.17
CA ILE F 83 -24.25 -29.58 -12.31
C ILE F 83 -23.09 -28.66 -11.89
N LYS F 84 -21.94 -28.84 -12.54
CA LYS F 84 -20.82 -27.88 -12.41
C LYS F 84 -20.92 -26.77 -13.44
N LYS F 85 -20.68 -25.53 -13.02
CA LYS F 85 -20.47 -24.42 -13.95
C LYS F 85 -19.20 -24.67 -14.79
N PRO F 86 -19.01 -23.91 -15.88
CA PRO F 86 -17.78 -24.07 -16.67
C PRO F 86 -16.50 -23.89 -15.84
N ASP F 87 -16.54 -23.02 -14.83
CA ASP F 87 -15.35 -22.80 -14.00
C ASP F 87 -15.21 -23.83 -12.87
N GLY F 88 -16.11 -24.82 -12.86
CA GLY F 88 -16.00 -25.92 -11.92
C GLY F 88 -16.74 -25.77 -10.59
N SER F 89 -17.21 -24.57 -10.28
CA SER F 89 -17.95 -24.38 -9.04
C SER F 89 -19.36 -24.98 -9.20
N GLU F 90 -20.18 -24.92 -8.14
CA GLU F 90 -21.49 -25.56 -8.15
C GLU F 90 -22.58 -24.68 -8.80
N CYS F 91 -23.35 -25.27 -9.70
CA CYS F 91 -24.43 -24.55 -10.36
C CYS F 91 -25.74 -24.54 -9.54
N LEU F 92 -26.12 -25.66 -8.95
CA LEU F 92 -27.35 -25.71 -8.13
C LEU F 92 -27.03 -25.53 -6.63
N PRO F 93 -27.93 -24.84 -5.92
CA PRO F 93 -27.72 -24.64 -4.48
C PRO F 93 -27.84 -25.97 -3.72
N ALA F 94 -27.13 -26.09 -2.59
CA ALA F 94 -27.28 -27.27 -1.75
C ALA F 94 -28.68 -27.33 -1.16
N ALA F 95 -29.20 -28.53 -0.93
CA ALA F 95 -30.52 -28.66 -0.32
C ALA F 95 -30.48 -28.00 1.05
N PRO F 96 -31.39 -27.06 1.30
CA PRO F 96 -31.47 -26.48 2.64
C PRO F 96 -31.78 -27.55 3.68
N ASP F 97 -31.36 -27.28 4.90
CA ASP F 97 -31.61 -28.11 6.07
C ASP F 97 -33.08 -28.57 6.15
N GLY F 98 -33.29 -29.87 6.26
CA GLY F 98 -34.64 -30.42 6.35
C GLY F 98 -35.32 -30.71 5.01
N ILE F 99 -34.63 -30.47 3.90
CA ILE F 99 -35.20 -30.80 2.59
C ILE F 99 -34.54 -32.06 2.07
N ARG F 100 -35.31 -33.15 2.03
CA ARG F 100 -34.84 -34.46 1.58
C ARG F 100 -35.51 -34.87 0.27
N GLY F 101 -35.02 -35.92 -0.36
CA GLY F 101 -35.57 -36.34 -1.63
C GLY F 101 -37.01 -36.79 -1.55
N PHE F 102 -37.74 -36.58 -2.65
CA PHE F 102 -39.06 -37.16 -2.81
C PHE F 102 -39.01 -38.64 -2.40
N PRO F 103 -39.90 -39.06 -1.49
CA PRO F 103 -39.76 -40.33 -0.77
C PRO F 103 -40.23 -41.61 -1.50
N ARG F 104 -41.00 -41.47 -2.58
CA ARG F 104 -41.56 -42.65 -3.27
C ARG F 104 -41.39 -42.55 -4.79
N CYS F 105 -40.25 -43.03 -5.29
CA CYS F 105 -39.93 -43.00 -6.71
C CYS F 105 -39.73 -44.42 -7.23
N ARG F 106 -40.44 -44.80 -8.29
CA ARG F 106 -40.15 -46.06 -8.96
C ARG F 106 -38.75 -46.05 -9.56
N TYR F 107 -38.39 -44.91 -10.15
CA TYR F 107 -37.12 -44.78 -10.87
C TYR F 107 -36.58 -43.35 -10.77
N VAL F 108 -35.29 -43.22 -10.49
CA VAL F 108 -34.66 -41.91 -10.38
C VAL F 108 -33.66 -41.69 -11.51
N HIS F 109 -33.90 -40.65 -12.30
CA HIS F 109 -32.90 -40.19 -13.27
C HIS F 109 -31.84 -39.39 -12.51
N LYS F 110 -30.78 -40.09 -12.10
CA LYS F 110 -29.73 -39.49 -11.29
C LYS F 110 -28.51 -39.21 -12.15
N VAL F 111 -28.28 -37.93 -12.45
CA VAL F 111 -27.26 -37.56 -13.42
C VAL F 111 -26.44 -36.36 -12.98
N SER F 112 -25.26 -36.28 -13.54
CA SER F 112 -24.25 -35.34 -13.11
C SER F 112 -23.37 -34.93 -14.29
N GLY F 113 -22.99 -33.67 -14.33
CA GLY F 113 -22.08 -33.21 -15.36
C GLY F 113 -21.83 -31.73 -15.25
N THR F 114 -21.65 -31.08 -16.40
CA THR F 114 -21.40 -29.65 -16.42
C THR F 114 -22.31 -28.98 -17.46
N GLY F 115 -22.62 -27.72 -17.22
CA GLY F 115 -23.50 -27.01 -18.12
C GLY F 115 -23.34 -25.52 -17.94
N PRO F 116 -23.99 -24.74 -18.82
CA PRO F 116 -23.82 -23.29 -18.91
C PRO F 116 -24.31 -22.54 -17.66
N CYS F 117 -25.35 -23.04 -17.01
CA CYS F 117 -25.87 -22.44 -15.77
C CYS F 117 -26.07 -20.93 -15.89
N ALA F 118 -26.98 -20.53 -16.77
CA ALA F 118 -27.14 -19.10 -17.09
C ALA F 118 -28.13 -18.40 -16.17
N GLY F 119 -28.07 -18.69 -14.88
CA GLY F 119 -28.94 -18.04 -13.94
C GLY F 119 -28.68 -18.54 -12.55
N ASP F 120 -29.22 -17.84 -11.56
CA ASP F 120 -29.00 -18.19 -10.16
C ASP F 120 -29.77 -19.47 -9.76
N PHE F 121 -31.01 -19.60 -10.23
CA PHE F 121 -31.84 -20.73 -9.84
C PHE F 121 -32.57 -21.34 -11.03
N ALA F 122 -32.79 -22.64 -10.96
CA ALA F 122 -33.55 -23.37 -11.96
C ALA F 122 -35.00 -23.49 -11.53
N PHE F 123 -35.90 -23.00 -12.39
CA PHE F 123 -37.34 -22.96 -12.12
C PHE F 123 -38.12 -23.87 -13.05
N HIS F 124 -39.42 -24.01 -12.79
CA HIS F 124 -40.29 -24.75 -13.70
C HIS F 124 -40.99 -23.79 -14.67
N LYS F 125 -40.79 -24.02 -15.97
CA LYS F 125 -41.35 -23.13 -17.00
C LYS F 125 -42.87 -23.16 -17.04
N GLU F 126 -43.47 -24.26 -16.61
CA GLU F 126 -44.93 -24.35 -16.62
C GLU F 126 -45.52 -23.85 -15.31
N GLY F 127 -44.68 -23.40 -14.38
CA GLY F 127 -45.17 -22.85 -13.13
C GLY F 127 -45.50 -23.89 -12.09
N ALA F 128 -45.14 -25.13 -12.38
CA ALA F 128 -45.28 -26.21 -11.41
C ALA F 128 -44.21 -26.12 -10.32
N PHE F 129 -44.26 -27.08 -9.39
CA PHE F 129 -43.32 -27.13 -8.28
C PHE F 129 -42.42 -28.34 -8.42
N PHE F 130 -41.23 -28.24 -7.85
CA PHE F 130 -40.41 -29.42 -7.62
C PHE F 130 -40.77 -29.97 -6.24
N LEU F 131 -41.32 -31.18 -6.22
CA LEU F 131 -41.75 -31.82 -4.98
C LEU F 131 -40.62 -32.62 -4.35
N TYR F 132 -40.27 -32.24 -3.12
CA TYR F 132 -39.31 -33.00 -2.33
C TYR F 132 -40.06 -33.74 -1.25
N ASP F 133 -39.41 -34.08 -0.15
CA ASP F 133 -40.09 -34.81 0.93
C ASP F 133 -41.05 -33.91 1.75
N ARG F 134 -42.28 -33.82 1.27
CA ARG F 134 -43.35 -33.04 1.93
C ARG F 134 -43.01 -31.55 2.00
N LEU F 135 -42.11 -31.12 1.12
CA LEU F 135 -41.89 -29.71 0.86
C LEU F 135 -41.85 -29.52 -0.65
N ALA F 136 -42.54 -28.50 -1.12
CA ALA F 136 -42.56 -28.15 -2.53
C ALA F 136 -41.80 -26.86 -2.72
N SER F 137 -40.82 -26.85 -3.63
CA SER F 137 -40.05 -25.64 -3.89
C SER F 137 -40.23 -25.13 -5.31
N THR F 138 -40.10 -23.82 -5.50
CA THR F 138 -40.08 -23.25 -6.85
C THR F 138 -38.76 -23.56 -7.60
N VAL F 139 -37.85 -24.25 -6.94
CA VAL F 139 -36.47 -24.32 -7.41
C VAL F 139 -35.82 -25.72 -7.32
N ILE F 140 -34.83 -25.99 -8.16
CA ILE F 140 -34.11 -27.26 -8.09
C ILE F 140 -32.90 -27.20 -7.16
N TYR F 141 -32.83 -28.16 -6.23
CA TYR F 141 -31.69 -28.25 -5.35
C TYR F 141 -30.74 -29.36 -5.79
N ARG F 142 -29.45 -29.11 -5.56
CA ARG F 142 -28.35 -29.99 -5.94
C ARG F 142 -28.49 -31.40 -5.35
N GLY F 143 -28.30 -32.42 -6.18
CA GLY F 143 -28.25 -33.81 -5.73
C GLY F 143 -29.43 -34.32 -4.93
N THR F 144 -30.60 -33.73 -5.14
CA THR F 144 -31.78 -34.00 -4.32
C THR F 144 -32.95 -34.46 -5.18
N THR F 145 -33.46 -35.65 -4.89
CA THR F 145 -34.45 -36.27 -5.74
C THR F 145 -35.79 -35.52 -5.69
N PHE F 146 -36.31 -35.16 -6.84
CA PHE F 146 -37.61 -34.50 -6.88
C PHE F 146 -38.57 -35.16 -7.88
N ALA F 147 -39.85 -34.95 -7.66
CA ALA F 147 -40.87 -35.19 -8.66
C ALA F 147 -41.47 -33.84 -9.04
N GLU F 148 -41.93 -33.70 -10.28
CA GLU F 148 -42.62 -32.47 -10.66
C GLU F 148 -44.07 -32.58 -10.24
N GLY F 149 -44.65 -31.49 -9.75
CA GLY F 149 -45.99 -31.55 -9.24
C GLY F 149 -46.68 -30.26 -8.84
N VAL F 150 -47.89 -30.42 -8.33
CA VAL F 150 -48.70 -29.28 -7.90
C VAL F 150 -49.40 -29.61 -6.58
N VAL F 151 -49.85 -28.58 -5.88
CA VAL F 151 -50.40 -28.74 -4.55
C VAL F 151 -51.87 -28.34 -4.51
N ALA F 152 -52.67 -29.09 -3.75
CA ALA F 152 -54.04 -28.71 -3.47
C ALA F 152 -54.27 -28.71 -1.96
N PHE F 153 -55.25 -27.92 -1.52
CA PHE F 153 -55.63 -27.85 -0.12
C PHE F 153 -57.08 -28.34 0.08
N LEU F 154 -57.28 -29.25 1.02
CA LEU F 154 -58.58 -29.89 1.19
C LEU F 154 -59.16 -29.78 2.59
N ILE F 155 -60.49 -29.85 2.67
CA ILE F 155 -61.19 -30.11 3.93
C ILE F 155 -61.75 -31.54 3.92
N LEU F 156 -61.23 -32.38 4.80
CA LEU F 156 -61.66 -33.78 4.92
C LEU F 156 -62.83 -33.92 5.89
N PRO F 157 -63.69 -34.94 5.68
CA PRO F 157 -64.79 -35.26 6.60
C PRO F 157 -64.33 -35.54 8.03
N GLN F 158 -65.24 -35.38 9.00
CA GLN F 158 -64.92 -35.62 10.40
C GLN F 158 -64.60 -37.10 10.67
N PRO G 1 -58.35 -33.30 -19.57
CA PRO G 1 -57.03 -33.64 -20.10
C PRO G 1 -56.21 -34.59 -19.20
N LYS G 2 -55.20 -35.26 -19.77
CA LYS G 2 -54.12 -35.84 -18.99
C LYS G 2 -54.44 -36.45 -17.62
N CYS G 3 -55.31 -37.46 -17.49
CA CYS G 3 -55.67 -37.84 -16.11
C CYS G 3 -55.44 -39.31 -15.71
N ASN G 4 -54.69 -39.49 -14.62
CA ASN G 4 -54.50 -40.79 -14.01
C ASN G 4 -55.50 -41.05 -12.87
N PRO G 5 -56.47 -41.94 -13.11
CA PRO G 5 -57.57 -42.21 -12.18
C PRO G 5 -57.08 -42.92 -10.92
N ASN G 6 -55.97 -43.64 -11.01
CA ASN G 6 -55.41 -44.30 -9.85
C ASN G 6 -54.61 -43.33 -8.98
N LEU G 7 -54.77 -43.46 -7.67
CA LEU G 7 -54.01 -42.65 -6.73
C LEU G 7 -53.29 -43.55 -5.74
N HIS G 8 -52.06 -43.93 -6.08
CA HIS G 8 -51.27 -44.74 -5.18
C HIS G 8 -50.52 -43.84 -4.19
N TYR G 9 -51.21 -43.39 -3.16
CA TYR G 9 -50.73 -42.32 -2.29
C TYR G 9 -49.79 -42.77 -1.18
N TRP G 10 -49.01 -41.82 -0.66
CA TRP G 10 -48.24 -42.05 0.56
C TRP G 10 -48.57 -40.92 1.52
N THR G 11 -48.44 -41.18 2.82
CA THR G 11 -48.60 -40.14 3.83
C THR G 11 -47.95 -40.58 5.13
N THR G 12 -47.93 -39.68 6.11
CA THR G 12 -47.47 -40.06 7.44
C THR G 12 -48.64 -40.40 8.36
N GLN G 13 -48.58 -41.56 9.02
CA GLN G 13 -49.52 -41.92 10.09
C GLN G 13 -49.04 -43.11 10.91
N ALA G 17 -45.89 -44.86 14.90
CA ALA G 17 -45.71 -46.16 15.54
C ALA G 17 -45.91 -46.06 17.06
N ALA G 18 -47.15 -46.22 17.51
CA ALA G 18 -47.48 -46.00 18.92
C ALA G 18 -47.55 -47.30 19.73
N ILE G 19 -46.58 -48.20 19.52
CA ILE G 19 -46.55 -49.47 20.24
C ILE G 19 -45.11 -49.86 20.60
N GLY G 20 -44.85 -50.03 21.90
CA GLY G 20 -43.50 -50.30 22.37
C GLY G 20 -42.67 -49.03 22.44
N LEU G 21 -41.37 -49.15 22.19
CA LEU G 21 -40.47 -48.00 22.23
C LEU G 21 -40.39 -47.27 20.89
N ALA G 22 -41.29 -47.60 19.97
CA ALA G 22 -41.19 -47.14 18.59
C ALA G 22 -41.44 -45.63 18.45
N TRP G 23 -42.11 -45.03 19.44
CA TRP G 23 -42.37 -43.59 19.43
C TRP G 23 -41.12 -42.79 19.82
N ILE G 24 -40.16 -43.45 20.44
CA ILE G 24 -38.89 -42.83 20.80
C ILE G 24 -38.01 -42.68 19.56
N PRO G 25 -37.62 -41.43 19.23
CA PRO G 25 -36.82 -41.17 18.02
C PRO G 25 -35.64 -42.10 17.88
N TYR G 26 -34.90 -42.30 18.98
CA TYR G 26 -33.73 -43.19 18.96
C TYR G 26 -34.08 -44.60 18.45
N PHE G 27 -35.27 -45.10 18.81
CA PHE G 27 -35.67 -46.47 18.49
C PHE G 27 -36.58 -46.57 17.28
N GLY G 28 -37.17 -45.44 16.89
CA GLY G 28 -38.16 -45.42 15.82
C GLY G 28 -37.64 -45.59 14.41
N PRO G 29 -38.56 -45.46 13.44
CA PRO G 29 -38.25 -45.60 12.01
C PRO G 29 -37.35 -44.47 11.53
N ALA G 30 -36.60 -44.72 10.46
CA ALA G 30 -35.83 -43.68 9.79
C ALA G 30 -36.77 -42.81 8.98
N ALA G 31 -36.24 -41.72 8.42
CA ALA G 31 -37.02 -40.80 7.57
C ALA G 31 -37.79 -41.51 6.45
N GLU G 32 -37.21 -42.56 5.89
CA GLU G 32 -37.84 -43.30 4.81
C GLU G 32 -38.97 -44.22 5.27
N GLY G 33 -39.06 -44.44 6.59
CA GLY G 33 -39.95 -45.46 7.11
C GLY G 33 -41.12 -44.96 7.94
N ILE G 34 -41.47 -43.69 7.80
CA ILE G 34 -42.55 -43.08 8.59
C ILE G 34 -43.82 -42.99 7.77
N TYR G 35 -43.79 -43.54 6.57
CA TYR G 35 -44.92 -43.38 5.66
C TYR G 35 -45.84 -44.59 5.66
N THR G 36 -47.13 -44.33 5.47
CA THR G 36 -48.05 -45.40 5.14
C THR G 36 -48.58 -45.22 3.72
N GLU G 37 -48.90 -46.33 3.08
CA GLU G 37 -49.30 -46.33 1.68
C GLU G 37 -50.69 -46.90 1.49
N GLY G 38 -51.32 -46.53 0.38
CA GLY G 38 -52.65 -47.02 0.06
C GLY G 38 -53.01 -46.77 -1.39
N LEU G 39 -54.01 -47.49 -1.87
CA LEU G 39 -54.47 -47.34 -3.24
C LEU G 39 -55.95 -46.94 -3.31
N MET G 40 -56.20 -45.71 -3.72
CA MET G 40 -57.53 -45.15 -3.97
C MET G 40 -58.01 -45.60 -5.34
N HIS G 41 -59.27 -45.98 -5.51
CA HIS G 41 -59.56 -46.65 -6.77
C HIS G 41 -61.08 -46.77 -7.03
N ASN G 42 -61.45 -46.89 -8.31
CA ASN G 42 -62.76 -46.49 -8.89
C ASN G 42 -63.47 -45.32 -8.19
N GLN G 43 -62.71 -44.24 -7.97
CA GLN G 43 -63.29 -42.94 -7.66
C GLN G 43 -62.73 -41.94 -8.66
N ASP G 44 -63.01 -42.17 -9.94
CA ASP G 44 -62.45 -41.37 -11.02
C ASP G 44 -62.82 -39.91 -10.88
N GLY G 45 -64.10 -39.64 -10.66
CA GLY G 45 -64.60 -38.28 -10.56
C GLY G 45 -63.96 -37.48 -9.43
N LEU G 46 -63.68 -38.15 -8.32
CA LEU G 46 -63.00 -37.52 -7.20
C LEU G 46 -61.52 -37.28 -7.54
N ILE G 47 -60.80 -38.38 -7.79
CA ILE G 47 -59.36 -38.33 -8.06
C ILE G 47 -59.00 -37.40 -9.21
N CYS G 48 -59.68 -37.52 -10.35
CA CYS G 48 -59.44 -36.60 -11.46
C CYS G 48 -59.86 -35.17 -11.10
N GLY G 49 -60.78 -35.04 -10.17
CA GLY G 49 -61.20 -33.72 -9.72
C GLY G 49 -60.12 -33.10 -8.86
N LEU G 50 -59.44 -33.96 -8.09
CA LEU G 50 -58.30 -33.55 -7.28
C LEU G 50 -57.16 -33.02 -8.14
N ARG G 51 -56.80 -33.77 -9.18
CA ARG G 51 -55.76 -33.35 -10.10
C ARG G 51 -56.11 -32.00 -10.68
N GLN G 52 -57.39 -31.80 -11.01
CA GLN G 52 -57.85 -30.53 -11.60
C GLN G 52 -57.73 -29.38 -10.59
N LEU G 53 -58.11 -29.64 -9.34
CA LEU G 53 -58.03 -28.64 -8.28
C LEU G 53 -56.59 -28.17 -8.01
N ALA G 54 -55.67 -29.13 -7.82
CA ALA G 54 -54.25 -28.83 -7.64
C ALA G 54 -53.75 -27.99 -8.80
N ASN G 55 -54.15 -28.34 -10.01
CA ASN G 55 -53.82 -27.55 -11.20
C ASN G 55 -54.35 -26.14 -11.15
N GLU G 56 -55.59 -25.96 -10.76
CA GLU G 56 -56.19 -24.63 -10.72
C GLU G 56 -55.68 -23.80 -9.54
N THR G 57 -55.21 -24.48 -8.49
CA THR G 57 -54.66 -23.79 -7.33
C THR G 57 -53.33 -23.06 -7.63
N THR G 58 -52.57 -23.60 -8.57
CA THR G 58 -51.18 -23.22 -8.76
C THR G 58 -50.94 -21.72 -8.93
N GLN G 59 -51.72 -21.07 -9.79
CA GLN G 59 -51.52 -19.65 -10.03
C GLN G 59 -51.66 -18.84 -8.74
N ALA G 60 -52.71 -19.10 -7.96
CA ALA G 60 -52.94 -18.35 -6.73
C ALA G 60 -51.84 -18.62 -5.69
N LEU G 61 -51.44 -19.89 -5.59
CA LEU G 61 -50.41 -20.28 -4.62
C LEU G 61 -49.07 -19.63 -4.96
N GLN G 62 -48.73 -19.69 -6.24
CA GLN G 62 -47.53 -19.09 -6.77
C GLN G 62 -47.50 -17.57 -6.49
N LEU G 63 -48.64 -16.89 -6.67
CA LEU G 63 -48.74 -15.46 -6.37
C LEU G 63 -48.68 -15.17 -4.87
N PHE G 64 -49.25 -16.06 -4.05
CA PHE G 64 -49.10 -15.95 -2.60
C PHE G 64 -47.61 -16.02 -2.23
N LEU G 65 -46.91 -17.03 -2.76
CA LEU G 65 -45.50 -17.26 -2.43
C LEU G 65 -44.61 -16.11 -2.90
N ARG G 66 -44.92 -15.52 -4.06
CA ARG G 66 -44.17 -14.37 -4.56
C ARG G 66 -44.23 -13.21 -3.56
N ALA G 67 -45.38 -13.02 -2.95
CA ALA G 67 -45.60 -11.88 -2.06
C ALA G 67 -45.18 -12.12 -0.62
N THR G 68 -45.01 -13.37 -0.22
CA THR G 68 -44.59 -13.61 1.16
C THR G 68 -43.09 -13.51 1.23
N THR G 69 -42.61 -13.18 2.43
CA THR G 69 -41.19 -13.03 2.62
C THR G 69 -40.62 -14.16 3.48
N GLU G 70 -41.47 -15.04 4.00
CA GLU G 70 -40.88 -16.17 4.71
C GLU G 70 -40.49 -17.28 3.72
N LEU G 71 -39.45 -18.01 4.10
CA LEU G 71 -38.75 -18.92 3.21
C LEU G 71 -39.56 -20.18 2.98
N ARG G 72 -40.18 -20.64 4.06
CA ARG G 72 -40.97 -21.85 4.03
C ARG G 72 -42.34 -21.53 4.62
N THR G 73 -43.38 -21.68 3.81
CA THR G 73 -44.74 -21.38 4.28
C THR G 73 -45.43 -22.63 4.83
N PHE G 74 -45.76 -22.59 6.12
CA PHE G 74 -46.44 -23.69 6.83
C PHE G 74 -47.85 -23.34 7.30
N SER G 75 -48.22 -22.08 7.16
CA SER G 75 -49.37 -21.54 7.89
C SER G 75 -50.63 -21.31 7.06
N ILE G 76 -50.65 -21.82 5.83
CA ILE G 76 -51.77 -21.56 4.92
C ILE G 76 -53.09 -22.18 5.42
N LEU G 77 -53.00 -23.43 5.89
CA LEU G 77 -54.17 -24.14 6.38
C LEU G 77 -54.69 -23.54 7.69
N ASN G 78 -53.78 -23.15 8.59
CA ASN G 78 -54.21 -22.48 9.82
C ASN G 78 -54.87 -21.15 9.50
N ARG G 79 -54.33 -20.43 8.52
CA ARG G 79 -54.91 -19.17 8.10
C ARG G 79 -56.32 -19.38 7.54
N LYS G 80 -56.50 -20.46 6.80
CA LYS G 80 -57.81 -20.77 6.24
C LYS G 80 -58.81 -20.97 7.38
N ALA G 81 -58.40 -21.75 8.38
CA ALA G 81 -59.21 -22.03 9.55
C ALA G 81 -59.65 -20.77 10.27
N ILE G 82 -58.73 -19.83 10.42
CA ILE G 82 -59.04 -18.55 11.06
C ILE G 82 -60.07 -17.78 10.24
N ASP G 83 -59.84 -17.70 8.93
CA ASP G 83 -60.73 -16.95 8.04
C ASP G 83 -62.14 -17.53 8.07
N PHE G 84 -62.22 -18.85 8.15
CA PHE G 84 -63.49 -19.56 8.30
C PHE G 84 -64.23 -19.05 9.55
N LEU G 85 -63.51 -18.97 10.67
CA LEU G 85 -64.09 -18.48 11.91
C LEU G 85 -64.40 -16.98 11.88
N LEU G 86 -63.56 -16.19 11.22
CA LEU G 86 -63.77 -14.74 11.12
C LEU G 86 -65.00 -14.47 10.25
N GLN G 87 -65.16 -15.25 9.17
CA GLN G 87 -66.41 -15.24 8.40
C GLN G 87 -67.68 -15.33 9.21
N ARG G 88 -67.80 -16.38 10.00
CA ARG G 88 -69.07 -16.67 10.65
C ARG G 88 -69.04 -16.41 12.14
N TRP G 89 -68.32 -15.39 12.60
CA TRP G 89 -68.23 -15.09 14.02
C TRP G 89 -67.47 -13.79 14.26
N GLY G 90 -66.94 -13.22 13.18
CA GLY G 90 -66.21 -11.97 13.28
C GLY G 90 -67.12 -10.79 13.55
C1 NAG H . -20.62 33.74 -24.25
C2 NAG H . -19.63 34.56 -23.41
C3 NAG H . -19.70 36.04 -23.78
C4 NAG H . -19.67 36.28 -25.30
C5 NAG H . -20.61 35.31 -26.02
C6 NAG H . -20.49 35.34 -27.56
C7 NAG H . -19.00 34.37 -21.04
C8 NAG H . -19.56 34.28 -19.65
N2 NAG H . -19.92 34.45 -21.99
O3 NAG H . -18.59 36.69 -23.18
O4 NAG H . -20.04 37.61 -25.62
O5 NAG H . -20.33 34.00 -25.62
O6 NAG H . -19.16 35.05 -27.95
O7 NAG H . -17.79 34.36 -21.23
C1 NAG H . -18.95 38.29 -26.30
C2 NAG H . -19.46 39.58 -26.92
C3 NAG H . -18.33 40.36 -27.58
C4 NAG H . -17.14 40.51 -26.63
C5 NAG H . -16.76 39.16 -26.00
C6 NAG H . -15.68 39.28 -24.91
C7 NAG H . -21.79 39.34 -27.67
C8 NAG H . -22.68 38.90 -28.80
N2 NAG H . -20.48 39.30 -27.92
O3 NAG H . -18.77 41.63 -27.97
O4 NAG H . -16.04 41.06 -27.35
O5 NAG H . -17.90 38.54 -25.41
O6 NAG H . -15.96 40.36 -24.05
O7 NAG H . -22.28 39.70 -26.59
C1 NAG I . -9.20 25.56 6.18
C2 NAG I . -9.63 26.52 7.30
C3 NAG I . -11.09 26.23 7.69
C4 NAG I . -12.07 26.08 6.51
C5 NAG I . -11.44 25.36 5.32
C6 NAG I . -12.16 25.55 3.98
C7 NAG I . -7.46 26.78 8.44
C8 NAG I . -6.71 26.58 9.73
N2 NAG I . -8.75 26.40 8.45
O3 NAG I . -11.55 27.29 8.55
O4 NAG I . -13.20 25.31 6.95
O5 NAG I . -10.11 25.83 5.11
O6 NAG I . -13.26 24.65 3.89
O7 NAG I . -6.92 27.26 7.46
C1 NAG I . -14.38 26.13 6.88
C2 NAG I . -14.69 26.71 8.26
C3 NAG I . -15.92 27.61 8.22
C4 NAG I . -15.83 28.61 7.07
C5 NAG I . -15.46 27.92 5.76
C6 NAG I . -15.29 28.92 4.64
C7 NAG I . -15.06 25.89 10.50
C8 NAG I . -14.97 24.70 11.42
N2 NAG I . -14.88 25.64 9.22
O3 NAG I . -16.04 28.31 9.45
O4 NAG I . -17.09 29.27 6.92
O5 NAG I . -14.24 27.19 5.94
O6 NAG I . -16.14 28.57 3.54
O7 NAG I . -15.27 27.02 10.93
C1 NAG J . 1.17 -1.30 -3.45
C2 NAG J . 0.41 -2.56 -3.05
C3 NAG J . -0.64 -2.94 -4.07
C4 NAG J . -1.44 -1.74 -4.53
C5 NAG J . -0.51 -0.60 -4.94
C6 NAG J . -1.29 0.61 -5.43
C7 NAG J . 2.53 -3.51 -2.29
C8 NAG J . 3.57 -2.81 -3.11
N2 NAG J . 1.35 -3.66 -2.87
O3 NAG J . -1.53 -3.91 -3.50
O4 NAG J . -2.31 -2.07 -5.61
O5 NAG J . 0.28 -0.25 -3.81
O6 NAG J . -0.55 1.27 -6.45
O7 NAG J . 2.77 -3.93 -1.16
C1 NAG J . -3.66 -2.16 -5.13
C2 NAG J . -4.61 -1.52 -6.13
C3 NAG J . -6.06 -1.61 -5.67
C4 NAG J . -6.40 -3.04 -5.24
C5 NAG J . -5.35 -3.58 -4.28
C6 NAG J . -5.65 -5.02 -3.90
C7 NAG J . -3.97 0.34 -7.56
C8 NAG J . -2.62 0.95 -7.73
N2 NAG J . -4.25 -0.14 -6.34
O3 NAG J . -6.93 -1.21 -6.73
O4 NAG J . -7.68 -3.04 -4.61
O5 NAG J . -4.06 -3.51 -4.88
O6 NAG J . -4.95 -5.35 -2.69
O7 NAG J . -4.78 0.28 -8.48
C1 BMA J . -8.44 -4.17 -5.12
C2 BMA J . -8.38 -5.32 -4.12
C3 BMA J . -9.19 -6.51 -4.61
C4 BMA J . -10.57 -6.09 -5.08
C5 BMA J . -10.50 -4.89 -6.02
C6 BMA J . -11.89 -4.41 -6.42
O2 BMA J . -8.92 -4.88 -2.86
O3 BMA J . -9.31 -7.48 -3.56
O4 BMA J . -11.21 -7.17 -5.75
O5 BMA J . -9.79 -3.83 -5.38
O6 BMA J . -12.33 -3.41 -5.50
C1 NAG K . 8.66 -1.65 20.84
C2 NAG K . 8.72 -0.59 21.94
C3 NAG K . 7.88 -1.00 23.13
C4 NAG K . 6.45 -1.37 22.77
C5 NAG K . 6.43 -2.31 21.56
C6 NAG K . 5.06 -2.50 20.91
C7 NAG K . 10.65 0.81 22.59
C8 NAG K . 12.08 0.78 23.06
N2 NAG K . 10.09 -0.39 22.39
O3 NAG K . 7.86 0.08 24.07
O4 NAG K . 5.98 -1.99 23.98
O5 NAG K . 7.28 -1.84 20.51
O6 NAG K . 4.50 -1.23 20.52
O7 NAG K . 10.08 1.87 22.40
C1 NAG K . 4.72 -1.75 24.54
C2 NAG K . 4.01 -0.51 25.15
C3 NAG K . 2.76 -0.91 25.97
C4 NAG K . 1.98 -2.10 25.43
C5 NAG K . 2.92 -3.23 25.01
C6 NAG K . 2.19 -4.46 24.46
C7 NAG K . 4.69 1.44 26.52
C8 NAG K . 5.76 2.02 27.39
N2 NAG K . 4.93 0.22 26.01
O3 NAG K . 1.85 0.20 26.01
O4 NAG K . 1.08 -2.57 26.44
O5 NAG K . 3.79 -2.70 24.02
O6 NAG K . 1.31 -4.09 23.40
O7 NAG K . 3.67 2.07 26.30
C1 NAG L . 8.68 26.72 15.89
C2 NAG L . 7.56 27.74 15.68
C3 NAG L . 6.59 27.73 16.84
C4 NAG L . 6.14 26.30 17.17
C5 NAG L . 7.34 25.38 17.29
C6 NAG L . 6.89 23.94 17.54
C7 NAG L . 7.80 29.83 14.49
C8 NAG L . 8.50 31.15 14.41
N2 NAG L . 8.13 29.06 15.51
O3 NAG L . 5.44 28.52 16.51
O4 NAG L . 5.40 26.30 18.40
O5 NAG L . 8.11 25.43 16.09
O6 NAG L . 7.87 23.03 17.00
O7 NAG L . 7.00 29.48 13.64
C1 NAG L . 4.64 25.09 18.54
C2 NAG L . 4.72 24.70 20.00
C3 NAG L . 3.80 23.55 20.33
C4 NAG L . 2.39 23.90 19.89
C5 NAG L . 2.42 24.20 18.39
C6 NAG L . 1.02 24.53 17.89
C7 NAG L . 6.73 25.01 21.31
C8 NAG L . 8.19 24.65 21.48
N2 NAG L . 6.09 24.36 20.35
O3 NAG L . 3.81 23.32 21.74
O4 NAG L . 1.52 22.80 20.16
O5 NAG L . 3.27 25.32 18.15
O6 NAG L . 0.34 25.34 18.86
O7 NAG L . 6.20 25.86 22.00
C1 BMA L . 0.62 23.06 21.27
C2 BMA L . 1.24 23.73 22.48
C3 BMA L . 0.26 23.72 23.66
C4 BMA L . -1.11 24.24 23.21
C5 BMA L . -1.57 23.53 21.95
C6 BMA L . -2.92 24.05 21.48
O2 BMA L . 1.58 25.08 22.18
O3 BMA L . 0.76 24.54 24.71
O4 BMA L . -2.06 24.03 24.26
O5 BMA L . -0.61 23.72 20.91
O6 BMA L . -3.24 23.46 20.21
C1 MAN L . -3.78 24.48 19.36
C2 MAN L . -5.24 24.74 19.75
C3 MAN L . -6.17 25.00 18.56
C4 MAN L . -5.46 25.77 17.45
C5 MAN L . -4.04 25.26 17.15
C6 MAN L . -3.02 26.39 17.34
O2 MAN L . -5.30 25.87 20.63
O3 MAN L . -7.32 25.72 18.99
O4 MAN L . -6.24 25.71 16.25
O5 MAN L . -3.66 24.16 17.97
O6 MAN L . -1.88 25.88 18.04
C1 NAG M . -26.67 8.22 -17.75
C2 NAG M . -27.44 7.26 -16.84
C3 NAG M . -28.75 6.86 -17.53
C4 NAG M . -29.55 8.13 -17.87
C5 NAG M . -28.69 9.05 -18.74
C6 NAG M . -29.46 10.34 -19.02
C7 NAG M . -25.73 6.08 -15.58
C8 NAG M . -24.90 4.85 -15.32
N2 NAG M . -26.63 6.07 -16.58
O3 NAG M . -29.52 6.03 -16.67
O4 NAG M . -30.73 7.76 -18.59
O5 NAG M . -27.48 9.36 -18.04
O6 NAG M . -28.71 11.16 -19.92
O7 NAG M . -25.58 7.07 -14.90
C1 NAG M . -31.98 6.73 -18.60
C2 NAG M . -33.37 6.46 -19.21
C3 NAG M . -34.23 5.73 -18.18
C4 NAG M . -33.52 4.43 -17.77
C5 NAG M . -32.13 4.77 -17.22
C6 NAG M . -31.40 3.48 -16.86
C7 NAG M . -33.74 8.32 -20.74
C8 NAG M . -34.39 9.64 -21.09
N2 NAG M . -33.99 7.74 -19.55
O3 NAG M . -35.50 5.41 -18.75
O4 NAG M . -34.28 3.78 -16.75
O5 NAG M . -31.39 5.49 -18.21
O6 NAG M . -30.14 3.80 -16.25
O7 NAG M . -32.98 7.79 -21.52
C1 NAG N . -42.44 -41.25 32.13
C2 NAG N . -41.01 -41.34 31.67
C3 NAG N . -40.62 -42.79 31.41
C4 NAG N . -40.90 -43.60 32.68
C5 NAG N . -42.26 -43.31 33.30
C6 NAG N . -42.40 -43.85 34.71
C7 NAG N . -40.10 -39.44 30.35
C8 NAG N . -40.07 -38.76 29.03
N2 NAG N . -40.86 -40.55 30.41
O3 NAG N . -39.26 -42.85 31.05
O4 NAG N . -40.85 -44.99 32.36
O5 NAG N . -42.49 -41.91 33.39
O6 NAG N . -41.28 -43.51 35.51
O7 NAG N . -39.46 -39.04 31.32
C1 NAG N . -39.58 -45.68 32.54
C2 NAG N . -39.72 -46.92 33.40
C3 NAG N . -38.41 -47.70 33.39
C4 NAG N . -38.02 -48.02 31.95
C5 NAG N . -38.03 -46.77 31.07
C6 NAG N . -37.86 -47.06 29.60
C7 NAG N . -41.12 -47.15 35.40
C8 NAG N . -41.88 -48.19 34.64
N2 NAG N . -40.10 -46.57 34.77
O3 NAG N . -38.56 -48.90 34.13
O4 NAG N . -36.72 -48.59 31.92
O5 NAG N . -39.28 -46.07 31.21
O6 NAG N . -39.10 -47.27 28.94
O7 NAG N . -41.42 -46.84 36.56
C1 NAG O . -41.11 8.14 19.48
C2 NAG O . -39.66 7.89 19.14
C3 NAG O . -38.78 8.41 20.25
C4 NAG O . -39.09 9.89 20.49
C5 NAG O . -40.58 10.17 20.58
C6 NAG O . -40.92 11.65 20.49
C7 NAG O . -39.11 5.91 17.78
C8 NAG O . -38.96 4.41 17.76
N2 NAG O . -39.45 6.42 18.96
O3 NAG O . -37.41 8.24 19.89
O4 NAG O . -38.50 10.29 21.74
O5 NAG O . -41.28 9.54 19.51
O6 NAG O . -40.22 12.27 19.41
O7 NAG O . -38.93 6.59 16.78
C1 NAG O . -37.17 10.89 21.69
C2 NAG O . -37.11 12.22 22.39
C3 NAG O . -35.68 12.70 22.48
C4 NAG O . -34.82 11.64 23.18
C5 NAG O . -35.02 10.26 22.53
C6 NAG O . -34.37 9.14 23.31
C7 NAG O . -38.85 13.97 22.33
C8 NAG O . -38.98 13.76 23.80
N2 NAG O . -37.94 13.22 21.70
O3 NAG O . -35.61 13.92 23.20
O4 NAG O . -33.45 12.00 23.11
O5 NAG O . -36.41 9.93 22.44
O6 NAG O . -35.25 8.58 24.27
O7 NAG O . -39.53 14.79 21.72
C1 NAG P . -52.81 -26.90 -15.71
C2 NAG P . -51.33 -26.94 -15.97
C3 NAG P . -50.98 -26.16 -17.21
C4 NAG P . -51.82 -26.70 -18.38
C5 NAG P . -53.30 -26.89 -18.03
C6 NAG P . -54.05 -27.72 -19.04
C7 NAG P . -49.80 -27.12 -14.02
C8 NAG P . -49.16 -26.39 -12.87
N2 NAG P . -50.60 -26.37 -14.80
O3 NAG P . -49.60 -26.28 -17.50
O4 NAG P . -51.75 -25.78 -19.47
O5 NAG P . -53.43 -27.57 -16.78
O6 NAG P . -53.35 -28.90 -19.38
O7 NAG P . -49.60 -28.30 -14.23
C1 NAG P . -50.73 -26.00 -20.48
C2 NAG P . -51.32 -26.04 -21.89
C3 NAG P . -50.18 -26.09 -22.90
C4 NAG P . -49.26 -24.89 -22.69
C5 NAG P . -48.81 -24.80 -21.23
C6 NAG P . -48.05 -23.52 -20.93
C7 NAG P . -53.44 -27.08 -22.54
C8 NAG P . -53.89 -25.71 -22.93
N2 NAG P . -52.21 -27.20 -22.05
O3 NAG P . -50.72 -26.05 -24.22
O4 NAG P . -48.11 -25.03 -23.53
O5 NAG P . -49.94 -24.83 -20.35
O6 NAG P . -48.92 -22.48 -20.49
O7 NAG P . -54.17 -28.07 -22.67
C1 NAG Q . -14.79 13.35 -25.64
C2 NAG Q . -13.65 12.34 -25.71
C3 NAG Q . -13.37 11.90 -27.13
C4 NAG Q . -14.67 11.50 -27.84
C5 NAG Q . -15.75 12.55 -27.66
C6 NAG Q . -17.05 12.12 -28.29
C7 NAG Q . -11.40 12.16 -24.80
C8 NAG Q . -11.72 10.85 -24.15
N2 NAG Q . -12.44 12.92 -25.13
O3 NAG Q . -12.47 10.80 -27.13
O4 NAG Q . -14.41 11.31 -29.24
O5 NAG Q . -15.95 12.80 -26.26
O6 NAG Q . -18.15 12.70 -27.58
O7 NAG Q . -10.25 12.51 -25.03
C1 NAG R . 34.96 34.51 3.85
C2 NAG R . 34.19 35.35 2.86
C3 NAG R . 34.73 36.76 2.78
C4 NAG R . 34.69 37.37 4.18
C5 NAG R . 35.37 36.45 5.20
C6 NAG R . 35.21 37.02 6.61
C7 NAG R . 33.27 34.56 0.75
C8 NAG R . 33.63 33.84 -0.50
N2 NAG R . 34.29 34.71 1.57
O3 NAG R . 33.95 37.55 1.86
O4 NAG R . 35.33 38.65 4.15
O5 NAG R . 34.85 35.11 5.15
O6 NAG R . 35.64 36.06 7.59
O7 NAG R . 32.14 34.94 0.97
C1 NAG S . -41.87 29.22 -21.15
C2 NAG S . -43.09 29.94 -21.72
C3 NAG S . -44.36 29.36 -21.09
C4 NAG S . -44.40 27.85 -21.36
C5 NAG S . -43.12 27.21 -20.80
C6 NAG S . -43.12 25.71 -21.11
C7 NAG S . -42.31 32.20 -22.21
C8 NAG S . -42.22 33.67 -21.88
N2 NAG S . -43.01 31.37 -21.40
O3 NAG S . -45.51 29.97 -21.68
O4 NAG S . -45.54 27.27 -20.72
O5 NAG S . -41.98 27.82 -21.40
O6 NAG S . -42.00 25.09 -20.50
O7 NAG S . -41.74 31.76 -23.19
C1 NAG T . -24.66 51.48 -24.20
C2 NAG T . -25.66 52.47 -24.78
C3 NAG T . -25.84 52.26 -26.28
C4 NAG T . -24.50 52.18 -26.98
C5 NAG T . -23.57 51.21 -26.27
C6 NAG T . -22.19 51.18 -26.94
C7 NAG T . -27.20 52.99 -22.97
C8 NAG T . -28.59 52.84 -22.44
N2 NAG T . -26.94 52.34 -24.10
O3 NAG T . -26.61 53.35 -26.82
O4 NAG T . -24.69 51.77 -28.33
O5 NAG T . -23.43 51.58 -24.91
O6 NAG T . -21.29 50.40 -26.15
O7 NAG T . -26.36 53.66 -22.40
C1 NAG U . 21.11 18.20 -26.76
C2 NAG U . 20.56 16.78 -26.93
C3 NAG U . 20.47 16.40 -28.41
C4 NAG U . 19.77 17.50 -29.21
C5 NAG U . 20.35 18.86 -28.90
C6 NAG U . 19.59 19.96 -29.64
C7 NAG U . 21.30 15.64 -24.92
C8 NAG U . 22.26 14.64 -24.32
N2 NAG U . 21.42 15.83 -26.23
O3 NAG U . 19.76 15.17 -28.54
O4 NAG U . 19.91 17.22 -30.61
O5 NAG U . 20.29 19.11 -27.49
O6 NAG U . 20.14 21.23 -29.30
O7 NAG U . 20.45 16.21 -24.25
C1 NAG V . 26.35 41.10 -29.87
C2 NAG V . 25.80 41.68 -31.15
C3 NAG V . 25.58 43.19 -31.01
C4 NAG V . 24.81 43.52 -29.74
C5 NAG V . 25.44 42.81 -28.53
C6 NAG V . 24.62 43.07 -27.27
C7 NAG V . 26.52 40.35 -33.05
C8 NAG V . 27.36 40.32 -34.29
N2 NAG V . 26.69 41.41 -32.26
O3 NAG V . 24.84 43.67 -32.15
O4 NAG V . 24.83 44.93 -29.52
O5 NAG V . 25.49 41.41 -28.78
O6 NAG V . 25.34 42.58 -26.13
O7 NAG V . 25.74 39.46 -32.77
C1 NAG W . -47.31 46.39 7.54
C2 NAG W . -48.66 45.82 7.97
C3 NAG W . -48.94 46.13 9.44
C4 NAG W . -47.74 45.77 10.31
C5 NAG W . -46.45 46.33 9.74
C6 NAG W . -45.24 45.90 10.56
C7 NAG W . -49.97 45.87 5.94
C8 NAG W . -50.02 46.87 4.82
N2 NAG W . -49.72 46.36 7.14
O3 NAG W . -50.08 45.40 9.88
O4 NAG W . -47.93 46.27 11.63
O5 NAG W . -46.29 45.88 8.39
O6 NAG W . -44.15 46.79 10.33
O7 NAG W . -50.16 44.68 5.75
C1 NAG X . 16.71 17.52 27.15
C2 NAG X . 16.07 16.42 27.98
C3 NAG X . 15.55 16.95 29.31
C4 NAG X . 16.63 17.78 30.01
C5 NAG X . 17.24 18.80 29.06
C6 NAG X . 18.36 19.58 29.74
C7 NAG X . 15.18 14.76 26.44
C8 NAG X . 16.06 13.68 26.99
N2 NAG X . 14.98 15.81 27.24
O3 NAG X . 15.17 15.86 30.16
O4 NAG X . 16.05 18.46 31.13
O5 NAG X . 17.75 18.13 27.91
O6 NAG X . 17.83 20.78 30.32
O7 NAG X . 14.68 14.70 25.33
C1 NAG Y . 33.92 28.96 32.20
C2 NAG Y . 34.53 28.83 33.60
C3 NAG Y . 34.11 30.04 34.44
C4 NAG Y . 34.58 31.32 33.73
C5 NAG Y . 33.97 31.35 32.32
C6 NAG Y . 34.48 32.60 31.60
C7 NAG Y . 34.63 26.42 33.99
C8 NAG Y . 34.12 25.17 34.65
N2 NAG Y . 34.02 27.60 34.24
O3 NAG Y . 34.73 29.96 35.73
O4 NAG Y . 34.13 32.45 34.47
O5 NAG Y . 34.37 30.18 31.61
O6 NAG Y . 33.84 32.70 30.32
O7 NAG Y . 35.60 26.37 33.27
#